data_4OFF
# 
_entry.id   4OFF 
# 
_audit_conform.dict_name       mmcif_pdbx.dic 
_audit_conform.dict_version    5.387 
_audit_conform.dict_location   http://mmcif.pdb.org/dictionaries/ascii/mmcif_pdbx.dic 
# 
loop_
_database_2.database_id 
_database_2.database_code 
_database_2.pdbx_database_accession 
_database_2.pdbx_DOI 
PDB   4OFF         pdb_00004off 10.2210/pdb4off/pdb 
RCSB  RCSB084424   ?            ?                   
WWPDB D_1000084424 ?            ?                   
# 
loop_
_pdbx_audit_revision_history.ordinal 
_pdbx_audit_revision_history.data_content_type 
_pdbx_audit_revision_history.major_revision 
_pdbx_audit_revision_history.minor_revision 
_pdbx_audit_revision_history.revision_date 
1 'Structure model' 1 0 2015-01-21 
2 'Structure model' 1 1 2015-02-11 
3 'Structure model' 1 2 2024-02-28 
# 
_pdbx_audit_revision_details.ordinal             1 
_pdbx_audit_revision_details.revision_ordinal    1 
_pdbx_audit_revision_details.data_content_type   'Structure model' 
_pdbx_audit_revision_details.provider            repository 
_pdbx_audit_revision_details.type                'Initial release' 
_pdbx_audit_revision_details.description         ? 
_pdbx_audit_revision_details.details             ? 
# 
loop_
_pdbx_audit_revision_group.ordinal 
_pdbx_audit_revision_group.revision_ordinal 
_pdbx_audit_revision_group.data_content_type 
_pdbx_audit_revision_group.group 
1 2 'Structure model' 'Database references'  
2 3 'Structure model' 'Data collection'      
3 3 'Structure model' 'Database references'  
4 3 'Structure model' 'Derived calculations' 
# 
loop_
_pdbx_audit_revision_category.ordinal 
_pdbx_audit_revision_category.revision_ordinal 
_pdbx_audit_revision_category.data_content_type 
_pdbx_audit_revision_category.category 
1 3 'Structure model' chem_comp_atom     
2 3 'Structure model' chem_comp_bond     
3 3 'Structure model' database_2         
4 3 'Structure model' struct_ref_seq_dif 
5 3 'Structure model' struct_site        
# 
loop_
_pdbx_audit_revision_item.ordinal 
_pdbx_audit_revision_item.revision_ordinal 
_pdbx_audit_revision_item.data_content_type 
_pdbx_audit_revision_item.item 
1 3 'Structure model' '_database_2.pdbx_DOI'                
2 3 'Structure model' '_database_2.pdbx_database_accession' 
3 3 'Structure model' '_struct_ref_seq_dif.details'         
4 3 'Structure model' '_struct_site.pdbx_auth_asym_id'      
5 3 'Structure model' '_struct_site.pdbx_auth_comp_id'      
6 3 'Structure model' '_struct_site.pdbx_auth_seq_id'       
# 
_pdbx_database_status.status_code                     REL 
_pdbx_database_status.entry_id                        4OFF 
_pdbx_database_status.recvd_initial_deposition_date   2014-01-14 
_pdbx_database_status.deposit_site                    RCSB 
_pdbx_database_status.process_site                    RCSB 
_pdbx_database_status.status_code_sf                  REL 
_pdbx_database_status.status_code_mr                  ? 
_pdbx_database_status.SG_entry                        ? 
_pdbx_database_status.status_code_cs                  ? 
_pdbx_database_status.methods_development_category    ? 
_pdbx_database_status.pdb_format_compatible           Y 
_pdbx_database_status.status_code_nmr_data            ? 
# 
_pdbx_database_related.db_name        PDB 
_pdbx_database_related.db_id          4OFG 
_pdbx_database_related.details        . 
_pdbx_database_related.content_type   unspecified 
# 
loop_
_audit_author.name 
_audit_author.pdbx_ordinal 
'Kim, J.J.'             1 
'Sanabria figueroa, E.' 2 
'Kim, C.'               3 
# 
_citation.id                        primary 
_citation.title                     
;Crystal Structures of the Carboxyl cGMP Binding Domain of the Plasmodium falciparum cGMP-dependent Protein Kinase Reveal a Novel Capping Triad Crucial for Merozoite Egress.
;
_citation.journal_abbrev            'Plos Pathog.' 
_citation.journal_volume            11 
_citation.page_first                e1004639 
_citation.page_last                 e1004639 
_citation.year                      2015 
_citation.journal_id_ASTM           ? 
_citation.country                   US 
_citation.journal_id_ISSN           1553-7366 
_citation.journal_id_CSD            ? 
_citation.book_publisher            ? 
_citation.pdbx_database_id_PubMed   25646845 
_citation.pdbx_database_id_DOI      10.1371/journal.ppat.1004639 
# 
loop_
_citation_author.citation_id 
_citation_author.name 
_citation_author.ordinal 
_citation_author.identifier_ORCID 
primary 'Kim, J.J.'             1  ? 
primary 'Flueck, C.'            2  ? 
primary 'Franz, E.'             3  ? 
primary 'Sanabria-Figueroa, E.' 4  ? 
primary 'Thompson, E.'          5  ? 
primary 'Lorenz, R.'            6  ? 
primary 'Bertinetti, D.'        7  ? 
primary 'Baker, D.A.'           8  ? 
primary 'Herberg, F.W.'         9  ? 
primary 'Kim, C.'               10 ? 
# 
loop_
_entity.id 
_entity.type 
_entity.src_method 
_entity.pdbx_description 
_entity.formula_weight 
_entity.pdbx_number_of_molecules 
_entity.pdbx_ec 
_entity.pdbx_mutation 
_entity.pdbx_fragment 
_entity.details 
1 polymer     man 'CGMP-dependent protein kinase' 16954.432 1  2.7.11.12 ? 'C-terminal cGMP binding domain, UNP residues 401-542' 
? 
2 non-polymer syn 'SULFATE ION'                   96.063    4  ?         ? ?                                                      
? 
3 water       nat water                           18.015    51 ?         ? ?                                                      
? 
# 
_entity_poly.entity_id                      1 
_entity_poly.type                           'polypeptide(L)' 
_entity_poly.nstd_linkage                   no 
_entity_poly.nstd_monomer                   no 
_entity_poly.pdbx_seq_one_letter_code       
;GSDASIDYNNKKSIIKKMYIFRYLTDKQCNLLIEAFRTTRYEEGDYIIQEGEVGSRFYIIKNGEVEIVKNKKRLRTLGKN
DYFGERALLYDEPRTASVISKVNNVECWFVDKSVFLQIIQGPMLAHLEERIKMQDTKVEMDELE
;
_entity_poly.pdbx_seq_one_letter_code_can   
;GSDASIDYNNKKSIIKKMYIFRYLTDKQCNLLIEAFRTTRYEEGDYIIQEGEVGSRFYIIKNGEVEIVKNKKRLRTLGKN
DYFGERALLYDEPRTASVISKVNNVECWFVDKSVFLQIIQGPMLAHLEERIKMQDTKVEMDELE
;
_entity_poly.pdbx_strand_id                 A 
_entity_poly.pdbx_target_identifier         ? 
# 
loop_
_pdbx_entity_nonpoly.entity_id 
_pdbx_entity_nonpoly.name 
_pdbx_entity_nonpoly.comp_id 
2 'SULFATE ION' SO4 
3 water         HOH 
# 
loop_
_entity_poly_seq.entity_id 
_entity_poly_seq.num 
_entity_poly_seq.mon_id 
_entity_poly_seq.hetero 
1 1   GLY n 
1 2   SER n 
1 3   ASP n 
1 4   ALA n 
1 5   SER n 
1 6   ILE n 
1 7   ASP n 
1 8   TYR n 
1 9   ASN n 
1 10  ASN n 
1 11  LYS n 
1 12  LYS n 
1 13  SER n 
1 14  ILE n 
1 15  ILE n 
1 16  LYS n 
1 17  LYS n 
1 18  MET n 
1 19  TYR n 
1 20  ILE n 
1 21  PHE n 
1 22  ARG n 
1 23  TYR n 
1 24  LEU n 
1 25  THR n 
1 26  ASP n 
1 27  LYS n 
1 28  GLN n 
1 29  CYS n 
1 30  ASN n 
1 31  LEU n 
1 32  LEU n 
1 33  ILE n 
1 34  GLU n 
1 35  ALA n 
1 36  PHE n 
1 37  ARG n 
1 38  THR n 
1 39  THR n 
1 40  ARG n 
1 41  TYR n 
1 42  GLU n 
1 43  GLU n 
1 44  GLY n 
1 45  ASP n 
1 46  TYR n 
1 47  ILE n 
1 48  ILE n 
1 49  GLN n 
1 50  GLU n 
1 51  GLY n 
1 52  GLU n 
1 53  VAL n 
1 54  GLY n 
1 55  SER n 
1 56  ARG n 
1 57  PHE n 
1 58  TYR n 
1 59  ILE n 
1 60  ILE n 
1 61  LYS n 
1 62  ASN n 
1 63  GLY n 
1 64  GLU n 
1 65  VAL n 
1 66  GLU n 
1 67  ILE n 
1 68  VAL n 
1 69  LYS n 
1 70  ASN n 
1 71  LYS n 
1 72  LYS n 
1 73  ARG n 
1 74  LEU n 
1 75  ARG n 
1 76  THR n 
1 77  LEU n 
1 78  GLY n 
1 79  LYS n 
1 80  ASN n 
1 81  ASP n 
1 82  TYR n 
1 83  PHE n 
1 84  GLY n 
1 85  GLU n 
1 86  ARG n 
1 87  ALA n 
1 88  LEU n 
1 89  LEU n 
1 90  TYR n 
1 91  ASP n 
1 92  GLU n 
1 93  PRO n 
1 94  ARG n 
1 95  THR n 
1 96  ALA n 
1 97  SER n 
1 98  VAL n 
1 99  ILE n 
1 100 SER n 
1 101 LYS n 
1 102 VAL n 
1 103 ASN n 
1 104 ASN n 
1 105 VAL n 
1 106 GLU n 
1 107 CYS n 
1 108 TRP n 
1 109 PHE n 
1 110 VAL n 
1 111 ASP n 
1 112 LYS n 
1 113 SER n 
1 114 VAL n 
1 115 PHE n 
1 116 LEU n 
1 117 GLN n 
1 118 ILE n 
1 119 ILE n 
1 120 GLN n 
1 121 GLY n 
1 122 PRO n 
1 123 MET n 
1 124 LEU n 
1 125 ALA n 
1 126 HIS n 
1 127 LEU n 
1 128 GLU n 
1 129 GLU n 
1 130 ARG n 
1 131 ILE n 
1 132 LYS n 
1 133 MET n 
1 134 GLN n 
1 135 ASP n 
1 136 THR n 
1 137 LYS n 
1 138 VAL n 
1 139 GLU n 
1 140 MET n 
1 141 ASP n 
1 142 GLU n 
1 143 LEU n 
1 144 GLU n 
# 
_entity_src_gen.entity_id                          1 
_entity_src_gen.pdbx_src_id                        1 
_entity_src_gen.pdbx_alt_source_flag               sample 
_entity_src_gen.pdbx_seq_type                      ? 
_entity_src_gen.pdbx_beg_seq_num                   ? 
_entity_src_gen.pdbx_end_seq_num                   ? 
_entity_src_gen.gene_src_common_name               ? 
_entity_src_gen.gene_src_genus                     ? 
_entity_src_gen.pdbx_gene_src_gene                 ? 
_entity_src_gen.gene_src_species                   ? 
_entity_src_gen.gene_src_strain                    ? 
_entity_src_gen.gene_src_tissue                    ? 
_entity_src_gen.gene_src_tissue_fraction           ? 
_entity_src_gen.gene_src_details                   ? 
_entity_src_gen.pdbx_gene_src_fragment             ? 
_entity_src_gen.pdbx_gene_src_scientific_name      'Plasmodium falciparum' 
_entity_src_gen.pdbx_gene_src_ncbi_taxonomy_id     5833 
_entity_src_gen.pdbx_gene_src_variant              ? 
_entity_src_gen.pdbx_gene_src_cell_line            ? 
_entity_src_gen.pdbx_gene_src_atcc                 ? 
_entity_src_gen.pdbx_gene_src_organ                ? 
_entity_src_gen.pdbx_gene_src_organelle            ? 
_entity_src_gen.pdbx_gene_src_cell                 ? 
_entity_src_gen.pdbx_gene_src_cellular_location    ? 
_entity_src_gen.host_org_common_name               ? 
_entity_src_gen.pdbx_host_org_scientific_name      'Escherichia coli' 
_entity_src_gen.pdbx_host_org_ncbi_taxonomy_id     562 
_entity_src_gen.host_org_genus                     ? 
_entity_src_gen.pdbx_host_org_gene                 ? 
_entity_src_gen.pdbx_host_org_organ                ? 
_entity_src_gen.host_org_species                   ? 
_entity_src_gen.pdbx_host_org_tissue               ? 
_entity_src_gen.pdbx_host_org_tissue_fraction      ? 
_entity_src_gen.pdbx_host_org_strain               'delta cya TP2000' 
_entity_src_gen.pdbx_host_org_variant              ? 
_entity_src_gen.pdbx_host_org_cell_line            ? 
_entity_src_gen.pdbx_host_org_atcc                 ? 
_entity_src_gen.pdbx_host_org_culture_collection   ? 
_entity_src_gen.pdbx_host_org_cell                 ? 
_entity_src_gen.pdbx_host_org_organelle            ? 
_entity_src_gen.pdbx_host_org_cellular_location    ? 
_entity_src_gen.pdbx_host_org_vector_type          plasmid 
_entity_src_gen.pdbx_host_org_vector               ? 
_entity_src_gen.host_org_details                   ? 
_entity_src_gen.expression_system_id               ? 
_entity_src_gen.plasmid_name                       pQTEV 
_entity_src_gen.plasmid_details                    ? 
_entity_src_gen.pdbx_description                   ? 
# 
loop_
_chem_comp.id 
_chem_comp.type 
_chem_comp.mon_nstd_flag 
_chem_comp.name 
_chem_comp.pdbx_synonyms 
_chem_comp.formula 
_chem_comp.formula_weight 
ALA 'L-peptide linking' y ALANINE         ? 'C3 H7 N O2'     89.093  
ARG 'L-peptide linking' y ARGININE        ? 'C6 H15 N4 O2 1' 175.209 
ASN 'L-peptide linking' y ASPARAGINE      ? 'C4 H8 N2 O3'    132.118 
ASP 'L-peptide linking' y 'ASPARTIC ACID' ? 'C4 H7 N O4'     133.103 
CYS 'L-peptide linking' y CYSTEINE        ? 'C3 H7 N O2 S'   121.158 
GLN 'L-peptide linking' y GLUTAMINE       ? 'C5 H10 N2 O3'   146.144 
GLU 'L-peptide linking' y 'GLUTAMIC ACID' ? 'C5 H9 N O4'     147.129 
GLY 'peptide linking'   y GLYCINE         ? 'C2 H5 N O2'     75.067  
HIS 'L-peptide linking' y HISTIDINE       ? 'C6 H10 N3 O2 1' 156.162 
HOH non-polymer         . WATER           ? 'H2 O'           18.015  
ILE 'L-peptide linking' y ISOLEUCINE      ? 'C6 H13 N O2'    131.173 
LEU 'L-peptide linking' y LEUCINE         ? 'C6 H13 N O2'    131.173 
LYS 'L-peptide linking' y LYSINE          ? 'C6 H15 N2 O2 1' 147.195 
MET 'L-peptide linking' y METHIONINE      ? 'C5 H11 N O2 S'  149.211 
PHE 'L-peptide linking' y PHENYLALANINE   ? 'C9 H11 N O2'    165.189 
PRO 'L-peptide linking' y PROLINE         ? 'C5 H9 N O2'     115.130 
SER 'L-peptide linking' y SERINE          ? 'C3 H7 N O3'     105.093 
SO4 non-polymer         . 'SULFATE ION'   ? 'O4 S -2'        96.063  
THR 'L-peptide linking' y THREONINE       ? 'C4 H9 N O3'     119.119 
TRP 'L-peptide linking' y TRYPTOPHAN      ? 'C11 H12 N2 O2'  204.225 
TYR 'L-peptide linking' y TYROSINE        ? 'C9 H11 N O3'    181.189 
VAL 'L-peptide linking' y VALINE          ? 'C5 H11 N O2'    117.146 
# 
loop_
_pdbx_poly_seq_scheme.asym_id 
_pdbx_poly_seq_scheme.entity_id 
_pdbx_poly_seq_scheme.seq_id 
_pdbx_poly_seq_scheme.mon_id 
_pdbx_poly_seq_scheme.ndb_seq_num 
_pdbx_poly_seq_scheme.pdb_seq_num 
_pdbx_poly_seq_scheme.auth_seq_num 
_pdbx_poly_seq_scheme.pdb_mon_id 
_pdbx_poly_seq_scheme.auth_mon_id 
_pdbx_poly_seq_scheme.pdb_strand_id 
_pdbx_poly_seq_scheme.pdb_ins_code 
_pdbx_poly_seq_scheme.hetero 
A 1 1   GLY 1   399 ?   ?   ?   A . n 
A 1 2   SER 2   400 ?   ?   ?   A . n 
A 1 3   ASP 3   401 ?   ?   ?   A . n 
A 1 4   ALA 4   402 ?   ?   ?   A . n 
A 1 5   SER 5   403 403 SER SER A . n 
A 1 6   ILE 6   404 404 ILE ILE A . n 
A 1 7   ASP 7   405 405 ASP ASP A . n 
A 1 8   TYR 8   406 406 TYR TYR A . n 
A 1 9   ASN 9   407 407 ASN ASN A . n 
A 1 10  ASN 10  408 408 ASN ASN A . n 
A 1 11  LYS 11  409 409 LYS LYS A . n 
A 1 12  LYS 12  410 410 LYS LYS A . n 
A 1 13  SER 13  411 411 SER SER A . n 
A 1 14  ILE 14  412 412 ILE ILE A . n 
A 1 15  ILE 15  413 413 ILE ILE A . n 
A 1 16  LYS 16  414 414 LYS LYS A . n 
A 1 17  LYS 17  415 415 LYS LYS A . n 
A 1 18  MET 18  416 416 MET MET A . n 
A 1 19  TYR 19  417 417 TYR TYR A . n 
A 1 20  ILE 20  418 418 ILE ILE A . n 
A 1 21  PHE 21  419 419 PHE PHE A . n 
A 1 22  ARG 22  420 420 ARG ARG A . n 
A 1 23  TYR 23  421 421 TYR TYR A . n 
A 1 24  LEU 24  422 422 LEU LEU A . n 
A 1 25  THR 25  423 423 THR THR A . n 
A 1 26  ASP 26  424 424 ASP ASP A . n 
A 1 27  LYS 27  425 425 LYS LYS A . n 
A 1 28  GLN 28  426 426 GLN GLN A . n 
A 1 29  CYS 29  427 427 CYS CYS A . n 
A 1 30  ASN 30  428 428 ASN ASN A . n 
A 1 31  LEU 31  429 429 LEU LEU A . n 
A 1 32  LEU 32  430 430 LEU LEU A . n 
A 1 33  ILE 33  431 431 ILE ILE A . n 
A 1 34  GLU 34  432 432 GLU GLU A . n 
A 1 35  ALA 35  433 433 ALA ALA A . n 
A 1 36  PHE 36  434 434 PHE PHE A . n 
A 1 37  ARG 37  435 435 ARG ARG A . n 
A 1 38  THR 38  436 436 THR THR A . n 
A 1 39  THR 39  437 437 THR THR A . n 
A 1 40  ARG 40  438 438 ARG ARG A . n 
A 1 41  TYR 41  439 439 TYR TYR A . n 
A 1 42  GLU 42  440 440 GLU GLU A . n 
A 1 43  GLU 43  441 441 GLU GLU A . n 
A 1 44  GLY 44  442 442 GLY GLY A . n 
A 1 45  ASP 45  443 443 ASP ASP A . n 
A 1 46  TYR 46  444 444 TYR TYR A . n 
A 1 47  ILE 47  445 445 ILE ILE A . n 
A 1 48  ILE 48  446 446 ILE ILE A . n 
A 1 49  GLN 49  447 447 GLN GLN A . n 
A 1 50  GLU 50  448 448 GLU GLU A . n 
A 1 51  GLY 51  449 449 GLY GLY A . n 
A 1 52  GLU 52  450 450 GLU GLU A . n 
A 1 53  VAL 53  451 451 VAL VAL A . n 
A 1 54  GLY 54  452 452 GLY GLY A . n 
A 1 55  SER 55  453 453 SER SER A . n 
A 1 56  ARG 56  454 454 ARG ARG A . n 
A 1 57  PHE 57  455 455 PHE PHE A . n 
A 1 58  TYR 58  456 456 TYR TYR A . n 
A 1 59  ILE 59  457 457 ILE ILE A . n 
A 1 60  ILE 60  458 458 ILE ILE A . n 
A 1 61  LYS 61  459 459 LYS LYS A . n 
A 1 62  ASN 62  460 460 ASN ASN A . n 
A 1 63  GLY 63  461 461 GLY GLY A . n 
A 1 64  GLU 64  462 462 GLU GLU A . n 
A 1 65  VAL 65  463 463 VAL VAL A . n 
A 1 66  GLU 66  464 464 GLU GLU A . n 
A 1 67  ILE 67  465 465 ILE ILE A . n 
A 1 68  VAL 68  466 466 VAL VAL A . n 
A 1 69  LYS 69  467 467 LYS LYS A . n 
A 1 70  ASN 70  468 468 ASN ASN A . n 
A 1 71  LYS 71  469 469 LYS LYS A . n 
A 1 72  LYS 72  470 470 LYS LYS A . n 
A 1 73  ARG 73  471 471 ARG ARG A . n 
A 1 74  LEU 74  472 472 LEU LEU A . n 
A 1 75  ARG 75  473 473 ARG ARG A . n 
A 1 76  THR 76  474 474 THR THR A . n 
A 1 77  LEU 77  475 475 LEU LEU A . n 
A 1 78  GLY 78  476 476 GLY GLY A . n 
A 1 79  LYS 79  477 477 LYS LYS A . n 
A 1 80  ASN 80  478 478 ASN ASN A . n 
A 1 81  ASP 81  479 479 ASP ASP A . n 
A 1 82  TYR 82  480 480 TYR TYR A . n 
A 1 83  PHE 83  481 481 PHE PHE A . n 
A 1 84  GLY 84  482 482 GLY GLY A . n 
A 1 85  GLU 85  483 483 GLU GLU A . n 
A 1 86  ARG 86  484 484 ARG ARG A . n 
A 1 87  ALA 87  485 485 ALA ALA A . n 
A 1 88  LEU 88  486 486 LEU LEU A . n 
A 1 89  LEU 89  487 487 LEU LEU A . n 
A 1 90  TYR 90  488 488 TYR TYR A . n 
A 1 91  ASP 91  489 489 ASP ASP A . n 
A 1 92  GLU 92  490 490 GLU GLU A . n 
A 1 93  PRO 93  491 491 PRO PRO A . n 
A 1 94  ARG 94  492 492 ARG ARG A . n 
A 1 95  THR 95  493 493 THR THR A . n 
A 1 96  ALA 96  494 494 ALA ALA A . n 
A 1 97  SER 97  495 495 SER SER A . n 
A 1 98  VAL 98  496 496 VAL VAL A . n 
A 1 99  ILE 99  497 497 ILE ILE A . n 
A 1 100 SER 100 498 498 SER SER A . n 
A 1 101 LYS 101 499 499 LYS LYS A . n 
A 1 102 VAL 102 500 500 VAL VAL A . n 
A 1 103 ASN 103 501 501 ASN ASN A . n 
A 1 104 ASN 104 502 502 ASN ASN A . n 
A 1 105 VAL 105 503 503 VAL VAL A . n 
A 1 106 GLU 106 504 504 GLU GLU A . n 
A 1 107 CYS 107 505 505 CYS CYS A . n 
A 1 108 TRP 108 506 506 TRP TRP A . n 
A 1 109 PHE 109 507 507 PHE PHE A . n 
A 1 110 VAL 110 508 508 VAL VAL A . n 
A 1 111 ASP 111 509 509 ASP ASP A . n 
A 1 112 LYS 112 510 510 LYS LYS A . n 
A 1 113 SER 113 511 511 SER SER A . n 
A 1 114 VAL 114 512 512 VAL VAL A . n 
A 1 115 PHE 115 513 513 PHE PHE A . n 
A 1 116 LEU 116 514 514 LEU LEU A . n 
A 1 117 GLN 117 515 515 GLN GLN A . n 
A 1 118 ILE 118 516 516 ILE ILE A . n 
A 1 119 ILE 119 517 517 ILE ILE A . n 
A 1 120 GLN 120 518 518 GLN GLN A . n 
A 1 121 GLY 121 519 519 GLY GLY A . n 
A 1 122 PRO 122 520 520 PRO PRO A . n 
A 1 123 MET 123 521 521 MET MET A . n 
A 1 124 LEU 124 522 522 LEU LEU A . n 
A 1 125 ALA 125 523 523 ALA ALA A . n 
A 1 126 HIS 126 524 524 HIS HIS A . n 
A 1 127 LEU 127 525 525 LEU LEU A . n 
A 1 128 GLU 128 526 526 GLU ALA A . n 
A 1 129 GLU 129 527 ?   ?   ?   A . n 
A 1 130 ARG 130 528 ?   ?   ?   A . n 
A 1 131 ILE 131 529 ?   ?   ?   A . n 
A 1 132 LYS 132 530 ?   ?   ?   A . n 
A 1 133 MET 133 531 ?   ?   ?   A . n 
A 1 134 GLN 134 532 ?   ?   ?   A . n 
A 1 135 ASP 135 533 ?   ?   ?   A . n 
A 1 136 THR 136 534 ?   ?   ?   A . n 
A 1 137 LYS 137 535 ?   ?   ?   A . n 
A 1 138 VAL 138 536 ?   ?   ?   A . n 
A 1 139 GLU 139 537 ?   ?   ?   A . n 
A 1 140 MET 140 538 ?   ?   ?   A . n 
A 1 141 ASP 141 539 ?   ?   ?   A . n 
A 1 142 GLU 142 540 ?   ?   ?   A . n 
A 1 143 LEU 143 541 ?   ?   ?   A . n 
A 1 144 GLU 144 542 ?   ?   ?   A . n 
# 
loop_
_pdbx_nonpoly_scheme.asym_id 
_pdbx_nonpoly_scheme.entity_id 
_pdbx_nonpoly_scheme.mon_id 
_pdbx_nonpoly_scheme.ndb_seq_num 
_pdbx_nonpoly_scheme.pdb_seq_num 
_pdbx_nonpoly_scheme.auth_seq_num 
_pdbx_nonpoly_scheme.pdb_mon_id 
_pdbx_nonpoly_scheme.auth_mon_id 
_pdbx_nonpoly_scheme.pdb_strand_id 
_pdbx_nonpoly_scheme.pdb_ins_code 
B 2 SO4 1  601 1  SO4 SO4 A . 
C 2 SO4 1  602 2  SO4 SO4 A . 
D 2 SO4 1  603 3  SO4 SO4 A . 
E 2 SO4 1  604 4  SO4 SO4 A . 
F 3 HOH 1  701 1  HOH HOH A . 
F 3 HOH 2  702 4  HOH HOH A . 
F 3 HOH 3  703 5  HOH HOH A . 
F 3 HOH 4  704 6  HOH HOH A . 
F 3 HOH 5  705 7  HOH HOH A . 
F 3 HOH 6  706 9  HOH HOH A . 
F 3 HOH 7  707 10 HOH HOH A . 
F 3 HOH 8  708 11 HOH HOH A . 
F 3 HOH 9  709 12 HOH HOH A . 
F 3 HOH 10 710 13 HOH HOH A . 
F 3 HOH 11 711 15 HOH HOH A . 
F 3 HOH 12 712 16 HOH HOH A . 
F 3 HOH 13 713 19 HOH HOH A . 
F 3 HOH 14 714 20 HOH HOH A . 
F 3 HOH 15 715 21 HOH HOH A . 
F 3 HOH 16 716 22 HOH HOH A . 
F 3 HOH 17 717 23 HOH HOH A . 
F 3 HOH 18 718 24 HOH HOH A . 
F 3 HOH 19 719 25 HOH HOH A . 
F 3 HOH 20 720 26 HOH HOH A . 
F 3 HOH 21 721 27 HOH HOH A . 
F 3 HOH 22 722 28 HOH HOH A . 
F 3 HOH 23 723 29 HOH HOH A . 
F 3 HOH 24 724 31 HOH HOH A . 
F 3 HOH 25 725 32 HOH HOH A . 
F 3 HOH 26 726 33 HOH HOH A . 
F 3 HOH 27 727 34 HOH HOH A . 
F 3 HOH 28 728 35 HOH HOH A . 
F 3 HOH 29 729 36 HOH HOH A . 
F 3 HOH 30 730 38 HOH HOH A . 
F 3 HOH 31 731 39 HOH HOH A . 
F 3 HOH 32 732 40 HOH HOH A . 
F 3 HOH 33 733 41 HOH HOH A . 
F 3 HOH 34 734 43 HOH HOH A . 
F 3 HOH 35 735 45 HOH HOH A . 
F 3 HOH 36 736 46 HOH HOH A . 
F 3 HOH 37 737 47 HOH HOH A . 
F 3 HOH 38 738 48 HOH HOH A . 
F 3 HOH 39 739 49 HOH HOH A . 
F 3 HOH 40 740 50 HOH HOH A . 
F 3 HOH 41 741 54 HOH HOH A . 
F 3 HOH 42 742 56 HOH HOH A . 
F 3 HOH 43 743 59 HOH HOH A . 
F 3 HOH 44 744 63 HOH HOH A . 
F 3 HOH 45 745 66 HOH HOH A . 
F 3 HOH 46 746 67 HOH HOH A . 
F 3 HOH 47 747 68 HOH HOH A . 
F 3 HOH 48 748 69 HOH HOH A . 
F 3 HOH 49 749 70 HOH HOH A . 
F 3 HOH 50 750 71 HOH HOH A . 
F 3 HOH 51 751 72 HOH HOH A . 
# 
loop_
_pdbx_unobs_or_zero_occ_atoms.id 
_pdbx_unobs_or_zero_occ_atoms.PDB_model_num 
_pdbx_unobs_or_zero_occ_atoms.polymer_flag 
_pdbx_unobs_or_zero_occ_atoms.occupancy_flag 
_pdbx_unobs_or_zero_occ_atoms.auth_asym_id 
_pdbx_unobs_or_zero_occ_atoms.auth_comp_id 
_pdbx_unobs_or_zero_occ_atoms.auth_seq_id 
_pdbx_unobs_or_zero_occ_atoms.PDB_ins_code 
_pdbx_unobs_or_zero_occ_atoms.auth_atom_id 
_pdbx_unobs_or_zero_occ_atoms.label_alt_id 
_pdbx_unobs_or_zero_occ_atoms.label_asym_id 
_pdbx_unobs_or_zero_occ_atoms.label_comp_id 
_pdbx_unobs_or_zero_occ_atoms.label_seq_id 
_pdbx_unobs_or_zero_occ_atoms.label_atom_id 
1 1 Y 1 A GLU 526 ? CG  ? A GLU 128 CG  
2 1 Y 1 A GLU 526 ? CD  ? A GLU 128 CD  
3 1 Y 1 A GLU 526 ? OE1 ? A GLU 128 OE1 
4 1 Y 1 A GLU 526 ? OE2 ? A GLU 128 OE2 
# 
loop_
_software.name 
_software.classification 
_software.version 
_software.citation_id 
_software.pdbx_ordinal 
Spec   'data collection' .                             ? 1 
PHASES phasing           .                             ? 2 
PHENIX refinement        '(phenix.refine: 1.8.2_1309)' ? 3 
MOSFLM 'data reduction'  .                             ? 4 
SCALA  'data scaling'    .                             ? 5 
# 
_cell.entry_id           4OFF 
_cell.length_a           25.781 
_cell.length_b           57.683 
_cell.length_c           82.780 
_cell.angle_alpha        90.00 
_cell.angle_beta         90.00 
_cell.angle_gamma        90.00 
_cell.Z_PDB              4 
_cell.pdbx_unique_axis   ? 
# 
_symmetry.entry_id                         4OFF 
_symmetry.space_group_name_H-M             'P 21 21 21' 
_symmetry.pdbx_full_space_group_name_H-M   ? 
_symmetry.cell_setting                     ? 
_symmetry.Int_Tables_number                19 
# 
_exptl.entry_id          4OFF 
_exptl.method            'X-RAY DIFFRACTION' 
_exptl.crystals_number   1 
# 
_exptl_crystal.id                    1 
_exptl_crystal.density_meas          ? 
_exptl_crystal.density_Matthews      1.82 
_exptl_crystal.density_percent_sol   32.24 
_exptl_crystal.description           ? 
# 
_exptl_crystal_grow.crystal_id      1 
_exptl_crystal_grow.method          'VAPOR DIFFUSION' 
_exptl_crystal_grow.temp            295.1 
_exptl_crystal_grow.temp_details    ? 
_exptl_crystal_grow.pH              5.5 
_exptl_crystal_grow.pdbx_pH_range   ? 
_exptl_crystal_grow.pdbx_details    
'0.2 M lithium sulfate, 25 % (w/v) PEG 3350 and 0.1 M Bis-Tris pH 5.5. , VAPOR DIFFUSION, temperature 295.1K' 
# 
_diffrn.id                     1 
_diffrn.ambient_temp           77 
_diffrn.ambient_temp_details   ? 
_diffrn.crystal_id             1 
# 
_diffrn_detector.diffrn_id              1 
_diffrn_detector.detector               CCD 
_diffrn_detector.type                   'RAYONIX MX-225' 
_diffrn_detector.pdbx_collection_date   2011-12-14 
_diffrn_detector.details                ? 
# 
_diffrn_radiation.diffrn_id                        1 
_diffrn_radiation.wavelength_id                    1 
_diffrn_radiation.pdbx_monochromatic_or_laue_m_l   M 
_diffrn_radiation.monochromator                    'Kohzu HDL-4 Double Crystal, Diamond(111)' 
_diffrn_radiation.pdbx_diffrn_protocol             'SINGLE WAVELENGTH' 
_diffrn_radiation.pdbx_scattering_type             x-ray 
# 
_diffrn_radiation_wavelength.id           1 
_diffrn_radiation_wavelength.wavelength   0.97931 
_diffrn_radiation_wavelength.wt           1.0 
# 
_diffrn_source.diffrn_id                   1 
_diffrn_source.source                      SYNCHROTRON 
_diffrn_source.type                        'APS BEAMLINE 31-ID' 
_diffrn_source.pdbx_synchrotron_site       APS 
_diffrn_source.pdbx_synchrotron_beamline   31-ID 
_diffrn_source.pdbx_wavelength             ? 
_diffrn_source.pdbx_wavelength_list        0.97931 
# 
_reflns.pdbx_diffrn_id               1 
_reflns.pdbx_ordinal                 1 
_reflns.entry_id                     4OFF 
_reflns.observed_criterion_sigma_I   1 
_reflns.observed_criterion_sigma_F   1 
_reflns.d_resolution_low             33.63 
_reflns.d_resolution_high            1.888 
_reflns.number_obs                   10442 
_reflns.number_all                   10486 
_reflns.percent_possible_obs         99.6 
_reflns.pdbx_Rmerge_I_obs            0.088 
_reflns.pdbx_Rsym_value              ? 
_reflns.pdbx_netI_over_sigmaI        18.2 
_reflns.B_iso_Wilson_estimate        18.04 
_reflns.pdbx_redundancy              6.9 
# 
_refine.pdbx_refine_id                           'X-RAY DIFFRACTION' 
_refine.entry_id                                 4OFF 
_refine.pdbx_diffrn_id                           1 
_refine.pdbx_TLS_residual_ADP_flag               ? 
_refine.ls_number_reflns_obs                     10438 
_refine.ls_number_reflns_all                     10438 
_refine.pdbx_ls_sigma_I                          ? 
_refine.pdbx_ls_sigma_F                          1.38 
_refine.pdbx_data_cutoff_high_absF               ? 
_refine.pdbx_data_cutoff_low_absF                ? 
_refine.pdbx_data_cutoff_high_rms_absF           ? 
_refine.ls_d_res_low                             27.236 
_refine.ls_d_res_high                            1.888 
_refine.ls_percent_reflns_obs                    99.68 
_refine.ls_R_factor_obs                          0.1798 
_refine.ls_R_factor_all                          ? 
_refine.ls_R_factor_R_work                       0.1774 
_refine.ls_R_factor_R_free                       0.2282 
_refine.ls_R_factor_R_free_error                 ? 
_refine.ls_R_factor_R_free_error_details         ? 
_refine.ls_percent_reflns_R_free                 4.98 
_refine.ls_number_reflns_R_free                  520 
_refine.ls_number_parameters                     ? 
_refine.ls_number_restraints                     ? 
_refine.occupancy_min                            ? 
_refine.occupancy_max                            ? 
_refine.correlation_coeff_Fo_to_Fc               ? 
_refine.correlation_coeff_Fo_to_Fc_free          ? 
_refine.B_iso_mean                               ? 
_refine.aniso_B[1][1]                            ? 
_refine.aniso_B[2][2]                            ? 
_refine.aniso_B[3][3]                            ? 
_refine.aniso_B[1][2]                            ? 
_refine.aniso_B[1][3]                            ? 
_refine.aniso_B[2][3]                            ? 
_refine.solvent_model_details                    'FLAT BULK SOLVENT MODEL' 
_refine.solvent_model_param_ksol                 ? 
_refine.solvent_model_param_bsol                 ? 
_refine.pdbx_solvent_vdw_probe_radii             1.11 
_refine.pdbx_solvent_ion_probe_radii             ? 
_refine.pdbx_solvent_shrinkage_radii             0.90 
_refine.pdbx_ls_cross_valid_method               ? 
_refine.details                                  ? 
_refine.pdbx_starting_model                      ? 
_refine.pdbx_method_to_determine_struct          'MOLECULAR REPLACEMENT' 
_refine.pdbx_isotropic_thermal_model             ? 
_refine.pdbx_stereochemistry_target_values       ML 
_refine.pdbx_stereochem_target_val_spec_case     ? 
_refine.pdbx_R_Free_selection_details            ? 
_refine.pdbx_overall_ESU_R                       ? 
_refine.pdbx_overall_ESU_R_Free                  ? 
_refine.overall_SU_ML                            0.20 
_refine.pdbx_overall_phase_error                 23.05 
_refine.overall_SU_B                             ? 
_refine.overall_SU_R_Cruickshank_DPI             ? 
_refine.pdbx_overall_SU_R_free_Cruickshank_DPI   ? 
_refine.pdbx_overall_SU_R_Blow_DPI               ? 
_refine.pdbx_overall_SU_R_free_Blow_DPI          ? 
# 
_refine_hist.pdbx_refine_id                   'X-RAY DIFFRACTION' 
_refine_hist.cycle_id                         LAST 
_refine_hist.pdbx_number_atoms_protein        1026 
_refine_hist.pdbx_number_atoms_nucleic_acid   0 
_refine_hist.pdbx_number_atoms_ligand         20 
_refine_hist.number_atoms_solvent             51 
_refine_hist.number_atoms_total               1097 
_refine_hist.d_res_high                       1.888 
_refine_hist.d_res_low                        27.236 
# 
loop_
_refine_ls_restr.type 
_refine_ls_restr.dev_ideal 
_refine_ls_restr.dev_ideal_target 
_refine_ls_restr.weight 
_refine_ls_restr.number 
_refine_ls_restr.pdbx_refine_id 
_refine_ls_restr.pdbx_restraint_function 
f_bond_d           0.007  ? ? 1078 'X-RAY DIFFRACTION' ? 
f_angle_d          1.015  ? ? 1455 'X-RAY DIFFRACTION' ? 
f_dihedral_angle_d 13.232 ? ? 413  'X-RAY DIFFRACTION' ? 
f_chiral_restr     0.042  ? ? 156  'X-RAY DIFFRACTION' ? 
f_plane_restr      0.005  ? ? 182  'X-RAY DIFFRACTION' ? 
# 
loop_
_refine_ls_shell.pdbx_refine_id 
_refine_ls_shell.pdbx_total_number_of_bins_used 
_refine_ls_shell.d_res_high 
_refine_ls_shell.d_res_low 
_refine_ls_shell.number_reflns_R_work 
_refine_ls_shell.R_factor_R_work 
_refine_ls_shell.percent_reflns_obs 
_refine_ls_shell.R_factor_R_free 
_refine_ls_shell.R_factor_R_free_error 
_refine_ls_shell.percent_reflns_R_free 
_refine_ls_shell.number_reflns_R_free 
_refine_ls_shell.number_reflns_all 
_refine_ls_shell.R_factor_all 
'X-RAY DIFFRACTION' . 1.8882 2.0782  2407 0.1972 100.00 0.2602 . . 127 . . 
'X-RAY DIFFRACTION' . 2.0782 2.3787  2450 0.1841 100.00 0.2493 . . 129 . . 
'X-RAY DIFFRACTION' . 2.3787 2.9964  2475 0.1939 100.00 0.2434 . . 131 . . 
'X-RAY DIFFRACTION' . 2.9964 27.2386 2586 0.1628 99.00  0.2046 . . 133 . . 
# 
_struct.entry_id                  4OFF 
_struct.title                     'Crystal structure of apo carboxy cGMP binding domain of Plasmodium falciparum PKG' 
_struct.pdbx_model_details        ? 
_struct.pdbx_CASP_flag            ? 
_struct.pdbx_model_type_details   ? 
# 
_struct_keywords.entry_id        4OFF 
_struct_keywords.pdbx_keywords   TRANSFERASE 
_struct_keywords.text            
'Phosphate binding cassette/Cyclic GMP binding domain/PKG, Serine/threonine kinase, TF2I, IRAG, cGMP binding, TRANSFERASE' 
# 
loop_
_struct_asym.id 
_struct_asym.pdbx_blank_PDB_chainid_flag 
_struct_asym.pdbx_modified 
_struct_asym.entity_id 
_struct_asym.details 
A N N 1 ? 
B N N 2 ? 
C N N 2 ? 
D N N 2 ? 
E N N 2 ? 
F N N 3 ? 
# 
_struct_ref.id                         1 
_struct_ref.db_name                    UNP 
_struct_ref.db_code                    Q8MMZ4_PLAFA 
_struct_ref.pdbx_db_accession          Q8MMZ4 
_struct_ref.entity_id                  1 
_struct_ref.pdbx_seq_one_letter_code   
;DASIDYNNKKSIIKKMYIFRYLTDKQCNLLIEAFRTTRYEEGDYIIQEGEVGSRFYIIKNGEVEIVKNKKRLRTLGKNDY
FGERALLYDEPRTASVISKVNNVECWFVDKSVFLQIIQGPMLAHLEERIKMQDTKVEMDELE
;
_struct_ref.pdbx_align_begin           401 
_struct_ref.pdbx_db_isoform            ? 
# 
_struct_ref_seq.align_id                      1 
_struct_ref_seq.ref_id                        1 
_struct_ref_seq.pdbx_PDB_id_code              4OFF 
_struct_ref_seq.pdbx_strand_id                A 
_struct_ref_seq.seq_align_beg                 3 
_struct_ref_seq.pdbx_seq_align_beg_ins_code   ? 
_struct_ref_seq.seq_align_end                 144 
_struct_ref_seq.pdbx_seq_align_end_ins_code   ? 
_struct_ref_seq.pdbx_db_accession             Q8MMZ4 
_struct_ref_seq.db_align_beg                  401 
_struct_ref_seq.pdbx_db_align_beg_ins_code    ? 
_struct_ref_seq.db_align_end                  542 
_struct_ref_seq.pdbx_db_align_end_ins_code    ? 
_struct_ref_seq.pdbx_auth_seq_align_beg       401 
_struct_ref_seq.pdbx_auth_seq_align_end       542 
# 
loop_
_struct_ref_seq_dif.align_id 
_struct_ref_seq_dif.pdbx_pdb_id_code 
_struct_ref_seq_dif.mon_id 
_struct_ref_seq_dif.pdbx_pdb_strand_id 
_struct_ref_seq_dif.seq_num 
_struct_ref_seq_dif.pdbx_pdb_ins_code 
_struct_ref_seq_dif.pdbx_seq_db_name 
_struct_ref_seq_dif.pdbx_seq_db_accession_code 
_struct_ref_seq_dif.db_mon_id 
_struct_ref_seq_dif.pdbx_seq_db_seq_num 
_struct_ref_seq_dif.details 
_struct_ref_seq_dif.pdbx_auth_seq_num 
_struct_ref_seq_dif.pdbx_ordinal 
1 4OFF GLY A 1 ? UNP Q8MMZ4 ? ? 'expression tag' 399 1 
1 4OFF SER A 2 ? UNP Q8MMZ4 ? ? 'expression tag' 400 2 
# 
_pdbx_struct_assembly.id                   1 
_pdbx_struct_assembly.details              author_and_software_defined_assembly 
_pdbx_struct_assembly.method_details       PISA 
_pdbx_struct_assembly.oligomeric_details   monomeric 
_pdbx_struct_assembly.oligomeric_count     1 
# 
_pdbx_struct_assembly_gen.assembly_id       1 
_pdbx_struct_assembly_gen.oper_expression   1 
_pdbx_struct_assembly_gen.asym_id_list      A,B,C,D,E,F 
# 
_pdbx_struct_oper_list.id                   1 
_pdbx_struct_oper_list.type                 'identity operation' 
_pdbx_struct_oper_list.name                 1_555 
_pdbx_struct_oper_list.symmetry_operation   x,y,z 
_pdbx_struct_oper_list.matrix[1][1]         1.0000000000 
_pdbx_struct_oper_list.matrix[1][2]         0.0000000000 
_pdbx_struct_oper_list.matrix[1][3]         0.0000000000 
_pdbx_struct_oper_list.vector[1]            0.0000000000 
_pdbx_struct_oper_list.matrix[2][1]         0.0000000000 
_pdbx_struct_oper_list.matrix[2][2]         1.0000000000 
_pdbx_struct_oper_list.matrix[2][3]         0.0000000000 
_pdbx_struct_oper_list.vector[2]            0.0000000000 
_pdbx_struct_oper_list.matrix[3][1]         0.0000000000 
_pdbx_struct_oper_list.matrix[3][2]         0.0000000000 
_pdbx_struct_oper_list.matrix[3][3]         1.0000000000 
_pdbx_struct_oper_list.vector[3]            0.0000000000 
# 
_struct_biol.id        1 
_struct_biol.details   ? 
# 
loop_
_struct_conf.conf_type_id 
_struct_conf.id 
_struct_conf.pdbx_PDB_helix_id 
_struct_conf.beg_label_comp_id 
_struct_conf.beg_label_asym_id 
_struct_conf.beg_label_seq_id 
_struct_conf.pdbx_beg_PDB_ins_code 
_struct_conf.end_label_comp_id 
_struct_conf.end_label_asym_id 
_struct_conf.end_label_seq_id 
_struct_conf.pdbx_end_PDB_ins_code 
_struct_conf.beg_auth_comp_id 
_struct_conf.beg_auth_asym_id 
_struct_conf.beg_auth_seq_id 
_struct_conf.end_auth_comp_id 
_struct_conf.end_auth_asym_id 
_struct_conf.end_auth_seq_id 
_struct_conf.pdbx_PDB_helix_class 
_struct_conf.details 
_struct_conf.pdbx_PDB_helix_length 
HELX_P HELX_P1 1 SER A 5   ? LYS A 17  ? SER A 403 LYS A 415 1 ? 13 
HELX_P HELX_P2 2 MET A 18  ? ARG A 22  ? MET A 416 ARG A 420 5 ? 5  
HELX_P HELX_P3 3 THR A 25  ? PHE A 36  ? THR A 423 PHE A 434 1 ? 12 
HELX_P HELX_P4 4 GLY A 84  ? LEU A 89  ? GLY A 482 LEU A 487 5 ? 6  
HELX_P HELX_P5 5 LYS A 112 ? GLN A 120 ? LYS A 510 GLN A 518 1 ? 9  
HELX_P HELX_P6 6 GLY A 121 ? LEU A 124 ? GLY A 519 LEU A 522 5 ? 4  
# 
_struct_conf_type.id          HELX_P 
_struct_conf_type.criteria    ? 
_struct_conf_type.reference   ? 
# 
loop_
_struct_sheet.id 
_struct_sheet.type 
_struct_sheet.number_strands 
_struct_sheet.details 
A ? 4 ? 
B ? 4 ? 
# 
loop_
_struct_sheet_order.sheet_id 
_struct_sheet_order.range_id_1 
_struct_sheet_order.range_id_2 
_struct_sheet_order.offset 
_struct_sheet_order.sense 
A 1 2 ? anti-parallel 
A 2 3 ? anti-parallel 
A 3 4 ? anti-parallel 
B 1 2 ? anti-parallel 
B 2 3 ? anti-parallel 
B 3 4 ? anti-parallel 
# 
loop_
_struct_sheet_range.sheet_id 
_struct_sheet_range.id 
_struct_sheet_range.beg_label_comp_id 
_struct_sheet_range.beg_label_asym_id 
_struct_sheet_range.beg_label_seq_id 
_struct_sheet_range.pdbx_beg_PDB_ins_code 
_struct_sheet_range.end_label_comp_id 
_struct_sheet_range.end_label_asym_id 
_struct_sheet_range.end_label_seq_id 
_struct_sheet_range.pdbx_end_PDB_ins_code 
_struct_sheet_range.beg_auth_comp_id 
_struct_sheet_range.beg_auth_asym_id 
_struct_sheet_range.beg_auth_seq_id 
_struct_sheet_range.end_auth_comp_id 
_struct_sheet_range.end_auth_asym_id 
_struct_sheet_range.end_auth_seq_id 
A 1 ARG A 37  ? TYR A 41  ? ARG A 435 TYR A 439 
A 2 VAL A 105 ? ASP A 111 ? VAL A 503 ASP A 509 
A 3 ARG A 56  ? ASN A 62  ? ARG A 454 ASN A 460 
A 4 TYR A 82  ? PHE A 83  ? TYR A 480 PHE A 481 
B 1 TYR A 46  ? ILE A 48  ? TYR A 444 ILE A 446 
B 2 SER A 97  ? SER A 100 ? SER A 495 SER A 498 
B 3 VAL A 65  ? LYS A 69  ? VAL A 463 LYS A 467 
B 4 LYS A 72  ? LEU A 77  ? LYS A 470 LEU A 475 
# 
loop_
_pdbx_struct_sheet_hbond.sheet_id 
_pdbx_struct_sheet_hbond.range_id_1 
_pdbx_struct_sheet_hbond.range_id_2 
_pdbx_struct_sheet_hbond.range_1_label_atom_id 
_pdbx_struct_sheet_hbond.range_1_label_comp_id 
_pdbx_struct_sheet_hbond.range_1_label_asym_id 
_pdbx_struct_sheet_hbond.range_1_label_seq_id 
_pdbx_struct_sheet_hbond.range_1_PDB_ins_code 
_pdbx_struct_sheet_hbond.range_1_auth_atom_id 
_pdbx_struct_sheet_hbond.range_1_auth_comp_id 
_pdbx_struct_sheet_hbond.range_1_auth_asym_id 
_pdbx_struct_sheet_hbond.range_1_auth_seq_id 
_pdbx_struct_sheet_hbond.range_2_label_atom_id 
_pdbx_struct_sheet_hbond.range_2_label_comp_id 
_pdbx_struct_sheet_hbond.range_2_label_asym_id 
_pdbx_struct_sheet_hbond.range_2_label_seq_id 
_pdbx_struct_sheet_hbond.range_2_PDB_ins_code 
_pdbx_struct_sheet_hbond.range_2_auth_atom_id 
_pdbx_struct_sheet_hbond.range_2_auth_comp_id 
_pdbx_struct_sheet_hbond.range_2_auth_asym_id 
_pdbx_struct_sheet_hbond.range_2_auth_seq_id 
A 1 2 N THR A 39  ? N THR A 437 O CYS A 107 ? O CYS A 505 
A 2 3 O TRP A 108 ? O TRP A 506 N ILE A 59  ? N ILE A 457 
A 3 4 N TYR A 58  ? N TYR A 456 O PHE A 83  ? O PHE A 481 
B 1 2 N ILE A 47  ? N ILE A 445 O VAL A 98  ? O VAL A 496 
B 2 3 O SER A 97  ? O SER A 495 N VAL A 68  ? N VAL A 466 
B 3 4 N ILE A 67  ? N ILE A 465 O LEU A 74  ? O LEU A 472 
# 
loop_
_struct_site.id 
_struct_site.pdbx_evidence_code 
_struct_site.pdbx_auth_asym_id 
_struct_site.pdbx_auth_comp_id 
_struct_site.pdbx_auth_seq_id 
_struct_site.pdbx_auth_ins_code 
_struct_site.pdbx_num_residues 
_struct_site.details 
AC1 Software A SO4 601 ? 5 'BINDING SITE FOR RESIDUE SO4 A 601' 
AC2 Software A SO4 602 ? 3 'BINDING SITE FOR RESIDUE SO4 A 602' 
AC3 Software A SO4 603 ? 7 'BINDING SITE FOR RESIDUE SO4 A 603' 
AC4 Software A SO4 604 ? 6 'BINDING SITE FOR RESIDUE SO4 A 604' 
# 
loop_
_struct_site_gen.id 
_struct_site_gen.site_id 
_struct_site_gen.pdbx_num_res 
_struct_site_gen.label_comp_id 
_struct_site_gen.label_asym_id 
_struct_site_gen.label_seq_id 
_struct_site_gen.pdbx_auth_ins_code 
_struct_site_gen.auth_comp_id 
_struct_site_gen.auth_asym_id 
_struct_site_gen.auth_seq_id 
_struct_site_gen.label_atom_id 
_struct_site_gen.label_alt_id 
_struct_site_gen.symmetry 
_struct_site_gen.details 
1  AC1 5 ARG A 37  ? ARG A 435 . ? 1_555 ? 
2  AC1 5 THR A 38  ? THR A 436 . ? 1_555 ? 
3  AC1 5 HOH F .   ? HOH A 708 . ? 1_555 ? 
4  AC1 5 HOH F .   ? HOH A 741 . ? 1_555 ? 
5  AC1 5 HOH F .   ? HOH A 745 . ? 1_555 ? 
6  AC2 3 THR A 25  ? THR A 423 . ? 1_555 ? 
7  AC2 3 ASP A 26  ? ASP A 424 . ? 1_555 ? 
8  AC2 3 LYS A 101 ? LYS A 499 . ? 2_555 ? 
9  AC3 7 GLY A 54  ? GLY A 452 . ? 1_555 ? 
10 AC3 7 SER A 55  ? SER A 453 . ? 1_555 ? 
11 AC3 7 ARG A 56  ? ARG A 454 . ? 1_555 ? 
12 AC3 7 TYR A 58  ? TYR A 456 . ? 1_555 ? 
13 AC3 7 ARG A 94  ? ARG A 492 . ? 1_555 ? 
14 AC3 7 HOH F .   ? HOH A 705 . ? 1_555 ? 
15 AC3 7 HOH F .   ? HOH A 709 . ? 1_555 ? 
16 AC4 6 GLU A 92  ? GLU A 490 . ? 1_555 ? 
17 AC4 6 ARG A 94  ? ARG A 492 . ? 1_555 ? 
18 AC4 6 THR A 95  ? THR A 493 . ? 1_555 ? 
19 AC4 6 HIS A 126 ? HIS A 524 . ? 4_445 ? 
20 AC4 6 LEU A 127 ? LEU A 525 . ? 4_445 ? 
21 AC4 6 HOH F .   ? HOH A 748 . ? 1_555 ? 
# 
_pdbx_validate_torsion.id              1 
_pdbx_validate_torsion.PDB_model_num   1 
_pdbx_validate_torsion.auth_comp_id    ASN 
_pdbx_validate_torsion.auth_asym_id    A 
_pdbx_validate_torsion.auth_seq_id     478 
_pdbx_validate_torsion.PDB_ins_code    ? 
_pdbx_validate_torsion.label_alt_id    ? 
_pdbx_validate_torsion.phi             69.23 
_pdbx_validate_torsion.psi             -2.16 
# 
loop_
_pdbx_unobs_or_zero_occ_residues.id 
_pdbx_unobs_or_zero_occ_residues.PDB_model_num 
_pdbx_unobs_or_zero_occ_residues.polymer_flag 
_pdbx_unobs_or_zero_occ_residues.occupancy_flag 
_pdbx_unobs_or_zero_occ_residues.auth_asym_id 
_pdbx_unobs_or_zero_occ_residues.auth_comp_id 
_pdbx_unobs_or_zero_occ_residues.auth_seq_id 
_pdbx_unobs_or_zero_occ_residues.PDB_ins_code 
_pdbx_unobs_or_zero_occ_residues.label_asym_id 
_pdbx_unobs_or_zero_occ_residues.label_comp_id 
_pdbx_unobs_or_zero_occ_residues.label_seq_id 
1  1 Y 1 A GLY 399 ? A GLY 1   
2  1 Y 1 A SER 400 ? A SER 2   
3  1 Y 1 A ASP 401 ? A ASP 3   
4  1 Y 1 A ALA 402 ? A ALA 4   
5  1 Y 1 A GLU 527 ? A GLU 129 
6  1 Y 1 A ARG 528 ? A ARG 130 
7  1 Y 1 A ILE 529 ? A ILE 131 
8  1 Y 1 A LYS 530 ? A LYS 132 
9  1 Y 1 A MET 531 ? A MET 133 
10 1 Y 1 A GLN 532 ? A GLN 134 
11 1 Y 1 A ASP 533 ? A ASP 135 
12 1 Y 1 A THR 534 ? A THR 136 
13 1 Y 1 A LYS 535 ? A LYS 137 
14 1 Y 1 A VAL 536 ? A VAL 138 
15 1 Y 1 A GLU 537 ? A GLU 139 
16 1 Y 1 A MET 538 ? A MET 140 
17 1 Y 1 A ASP 539 ? A ASP 141 
18 1 Y 1 A GLU 540 ? A GLU 142 
19 1 Y 1 A LEU 541 ? A LEU 143 
20 1 Y 1 A GLU 542 ? A GLU 144 
# 
loop_
_chem_comp_atom.comp_id 
_chem_comp_atom.atom_id 
_chem_comp_atom.type_symbol 
_chem_comp_atom.pdbx_aromatic_flag 
_chem_comp_atom.pdbx_stereo_config 
_chem_comp_atom.pdbx_ordinal 
ALA N    N N N 1   
ALA CA   C N S 2   
ALA C    C N N 3   
ALA O    O N N 4   
ALA CB   C N N 5   
ALA OXT  O N N 6   
ALA H    H N N 7   
ALA H2   H N N 8   
ALA HA   H N N 9   
ALA HB1  H N N 10  
ALA HB2  H N N 11  
ALA HB3  H N N 12  
ALA HXT  H N N 13  
ARG N    N N N 14  
ARG CA   C N S 15  
ARG C    C N N 16  
ARG O    O N N 17  
ARG CB   C N N 18  
ARG CG   C N N 19  
ARG CD   C N N 20  
ARG NE   N N N 21  
ARG CZ   C N N 22  
ARG NH1  N N N 23  
ARG NH2  N N N 24  
ARG OXT  O N N 25  
ARG H    H N N 26  
ARG H2   H N N 27  
ARG HA   H N N 28  
ARG HB2  H N N 29  
ARG HB3  H N N 30  
ARG HG2  H N N 31  
ARG HG3  H N N 32  
ARG HD2  H N N 33  
ARG HD3  H N N 34  
ARG HE   H N N 35  
ARG HH11 H N N 36  
ARG HH12 H N N 37  
ARG HH21 H N N 38  
ARG HH22 H N N 39  
ARG HXT  H N N 40  
ASN N    N N N 41  
ASN CA   C N S 42  
ASN C    C N N 43  
ASN O    O N N 44  
ASN CB   C N N 45  
ASN CG   C N N 46  
ASN OD1  O N N 47  
ASN ND2  N N N 48  
ASN OXT  O N N 49  
ASN H    H N N 50  
ASN H2   H N N 51  
ASN HA   H N N 52  
ASN HB2  H N N 53  
ASN HB3  H N N 54  
ASN HD21 H N N 55  
ASN HD22 H N N 56  
ASN HXT  H N N 57  
ASP N    N N N 58  
ASP CA   C N S 59  
ASP C    C N N 60  
ASP O    O N N 61  
ASP CB   C N N 62  
ASP CG   C N N 63  
ASP OD1  O N N 64  
ASP OD2  O N N 65  
ASP OXT  O N N 66  
ASP H    H N N 67  
ASP H2   H N N 68  
ASP HA   H N N 69  
ASP HB2  H N N 70  
ASP HB3  H N N 71  
ASP HD2  H N N 72  
ASP HXT  H N N 73  
CYS N    N N N 74  
CYS CA   C N R 75  
CYS C    C N N 76  
CYS O    O N N 77  
CYS CB   C N N 78  
CYS SG   S N N 79  
CYS OXT  O N N 80  
CYS H    H N N 81  
CYS H2   H N N 82  
CYS HA   H N N 83  
CYS HB2  H N N 84  
CYS HB3  H N N 85  
CYS HG   H N N 86  
CYS HXT  H N N 87  
GLN N    N N N 88  
GLN CA   C N S 89  
GLN C    C N N 90  
GLN O    O N N 91  
GLN CB   C N N 92  
GLN CG   C N N 93  
GLN CD   C N N 94  
GLN OE1  O N N 95  
GLN NE2  N N N 96  
GLN OXT  O N N 97  
GLN H    H N N 98  
GLN H2   H N N 99  
GLN HA   H N N 100 
GLN HB2  H N N 101 
GLN HB3  H N N 102 
GLN HG2  H N N 103 
GLN HG3  H N N 104 
GLN HE21 H N N 105 
GLN HE22 H N N 106 
GLN HXT  H N N 107 
GLU N    N N N 108 
GLU CA   C N S 109 
GLU C    C N N 110 
GLU O    O N N 111 
GLU CB   C N N 112 
GLU CG   C N N 113 
GLU CD   C N N 114 
GLU OE1  O N N 115 
GLU OE2  O N N 116 
GLU OXT  O N N 117 
GLU H    H N N 118 
GLU H2   H N N 119 
GLU HA   H N N 120 
GLU HB2  H N N 121 
GLU HB3  H N N 122 
GLU HG2  H N N 123 
GLU HG3  H N N 124 
GLU HE2  H N N 125 
GLU HXT  H N N 126 
GLY N    N N N 127 
GLY CA   C N N 128 
GLY C    C N N 129 
GLY O    O N N 130 
GLY OXT  O N N 131 
GLY H    H N N 132 
GLY H2   H N N 133 
GLY HA2  H N N 134 
GLY HA3  H N N 135 
GLY HXT  H N N 136 
HIS N    N N N 137 
HIS CA   C N S 138 
HIS C    C N N 139 
HIS O    O N N 140 
HIS CB   C N N 141 
HIS CG   C Y N 142 
HIS ND1  N Y N 143 
HIS CD2  C Y N 144 
HIS CE1  C Y N 145 
HIS NE2  N Y N 146 
HIS OXT  O N N 147 
HIS H    H N N 148 
HIS H2   H N N 149 
HIS HA   H N N 150 
HIS HB2  H N N 151 
HIS HB3  H N N 152 
HIS HD1  H N N 153 
HIS HD2  H N N 154 
HIS HE1  H N N 155 
HIS HE2  H N N 156 
HIS HXT  H N N 157 
HOH O    O N N 158 
HOH H1   H N N 159 
HOH H2   H N N 160 
ILE N    N N N 161 
ILE CA   C N S 162 
ILE C    C N N 163 
ILE O    O N N 164 
ILE CB   C N S 165 
ILE CG1  C N N 166 
ILE CG2  C N N 167 
ILE CD1  C N N 168 
ILE OXT  O N N 169 
ILE H    H N N 170 
ILE H2   H N N 171 
ILE HA   H N N 172 
ILE HB   H N N 173 
ILE HG12 H N N 174 
ILE HG13 H N N 175 
ILE HG21 H N N 176 
ILE HG22 H N N 177 
ILE HG23 H N N 178 
ILE HD11 H N N 179 
ILE HD12 H N N 180 
ILE HD13 H N N 181 
ILE HXT  H N N 182 
LEU N    N N N 183 
LEU CA   C N S 184 
LEU C    C N N 185 
LEU O    O N N 186 
LEU CB   C N N 187 
LEU CG   C N N 188 
LEU CD1  C N N 189 
LEU CD2  C N N 190 
LEU OXT  O N N 191 
LEU H    H N N 192 
LEU H2   H N N 193 
LEU HA   H N N 194 
LEU HB2  H N N 195 
LEU HB3  H N N 196 
LEU HG   H N N 197 
LEU HD11 H N N 198 
LEU HD12 H N N 199 
LEU HD13 H N N 200 
LEU HD21 H N N 201 
LEU HD22 H N N 202 
LEU HD23 H N N 203 
LEU HXT  H N N 204 
LYS N    N N N 205 
LYS CA   C N S 206 
LYS C    C N N 207 
LYS O    O N N 208 
LYS CB   C N N 209 
LYS CG   C N N 210 
LYS CD   C N N 211 
LYS CE   C N N 212 
LYS NZ   N N N 213 
LYS OXT  O N N 214 
LYS H    H N N 215 
LYS H2   H N N 216 
LYS HA   H N N 217 
LYS HB2  H N N 218 
LYS HB3  H N N 219 
LYS HG2  H N N 220 
LYS HG3  H N N 221 
LYS HD2  H N N 222 
LYS HD3  H N N 223 
LYS HE2  H N N 224 
LYS HE3  H N N 225 
LYS HZ1  H N N 226 
LYS HZ2  H N N 227 
LYS HZ3  H N N 228 
LYS HXT  H N N 229 
MET N    N N N 230 
MET CA   C N S 231 
MET C    C N N 232 
MET O    O N N 233 
MET CB   C N N 234 
MET CG   C N N 235 
MET SD   S N N 236 
MET CE   C N N 237 
MET OXT  O N N 238 
MET H    H N N 239 
MET H2   H N N 240 
MET HA   H N N 241 
MET HB2  H N N 242 
MET HB3  H N N 243 
MET HG2  H N N 244 
MET HG3  H N N 245 
MET HE1  H N N 246 
MET HE2  H N N 247 
MET HE3  H N N 248 
MET HXT  H N N 249 
PHE N    N N N 250 
PHE CA   C N S 251 
PHE C    C N N 252 
PHE O    O N N 253 
PHE CB   C N N 254 
PHE CG   C Y N 255 
PHE CD1  C Y N 256 
PHE CD2  C Y N 257 
PHE CE1  C Y N 258 
PHE CE2  C Y N 259 
PHE CZ   C Y N 260 
PHE OXT  O N N 261 
PHE H    H N N 262 
PHE H2   H N N 263 
PHE HA   H N N 264 
PHE HB2  H N N 265 
PHE HB3  H N N 266 
PHE HD1  H N N 267 
PHE HD2  H N N 268 
PHE HE1  H N N 269 
PHE HE2  H N N 270 
PHE HZ   H N N 271 
PHE HXT  H N N 272 
PRO N    N N N 273 
PRO CA   C N S 274 
PRO C    C N N 275 
PRO O    O N N 276 
PRO CB   C N N 277 
PRO CG   C N N 278 
PRO CD   C N N 279 
PRO OXT  O N N 280 
PRO H    H N N 281 
PRO HA   H N N 282 
PRO HB2  H N N 283 
PRO HB3  H N N 284 
PRO HG2  H N N 285 
PRO HG3  H N N 286 
PRO HD2  H N N 287 
PRO HD3  H N N 288 
PRO HXT  H N N 289 
SER N    N N N 290 
SER CA   C N S 291 
SER C    C N N 292 
SER O    O N N 293 
SER CB   C N N 294 
SER OG   O N N 295 
SER OXT  O N N 296 
SER H    H N N 297 
SER H2   H N N 298 
SER HA   H N N 299 
SER HB2  H N N 300 
SER HB3  H N N 301 
SER HG   H N N 302 
SER HXT  H N N 303 
SO4 S    S N N 304 
SO4 O1   O N N 305 
SO4 O2   O N N 306 
SO4 O3   O N N 307 
SO4 O4   O N N 308 
THR N    N N N 309 
THR CA   C N S 310 
THR C    C N N 311 
THR O    O N N 312 
THR CB   C N R 313 
THR OG1  O N N 314 
THR CG2  C N N 315 
THR OXT  O N N 316 
THR H    H N N 317 
THR H2   H N N 318 
THR HA   H N N 319 
THR HB   H N N 320 
THR HG1  H N N 321 
THR HG21 H N N 322 
THR HG22 H N N 323 
THR HG23 H N N 324 
THR HXT  H N N 325 
TRP N    N N N 326 
TRP CA   C N S 327 
TRP C    C N N 328 
TRP O    O N N 329 
TRP CB   C N N 330 
TRP CG   C Y N 331 
TRP CD1  C Y N 332 
TRP CD2  C Y N 333 
TRP NE1  N Y N 334 
TRP CE2  C Y N 335 
TRP CE3  C Y N 336 
TRP CZ2  C Y N 337 
TRP CZ3  C Y N 338 
TRP CH2  C Y N 339 
TRP OXT  O N N 340 
TRP H    H N N 341 
TRP H2   H N N 342 
TRP HA   H N N 343 
TRP HB2  H N N 344 
TRP HB3  H N N 345 
TRP HD1  H N N 346 
TRP HE1  H N N 347 
TRP HE3  H N N 348 
TRP HZ2  H N N 349 
TRP HZ3  H N N 350 
TRP HH2  H N N 351 
TRP HXT  H N N 352 
TYR N    N N N 353 
TYR CA   C N S 354 
TYR C    C N N 355 
TYR O    O N N 356 
TYR CB   C N N 357 
TYR CG   C Y N 358 
TYR CD1  C Y N 359 
TYR CD2  C Y N 360 
TYR CE1  C Y N 361 
TYR CE2  C Y N 362 
TYR CZ   C Y N 363 
TYR OH   O N N 364 
TYR OXT  O N N 365 
TYR H    H N N 366 
TYR H2   H N N 367 
TYR HA   H N N 368 
TYR HB2  H N N 369 
TYR HB3  H N N 370 
TYR HD1  H N N 371 
TYR HD2  H N N 372 
TYR HE1  H N N 373 
TYR HE2  H N N 374 
TYR HH   H N N 375 
TYR HXT  H N N 376 
VAL N    N N N 377 
VAL CA   C N S 378 
VAL C    C N N 379 
VAL O    O N N 380 
VAL CB   C N N 381 
VAL CG1  C N N 382 
VAL CG2  C N N 383 
VAL OXT  O N N 384 
VAL H    H N N 385 
VAL H2   H N N 386 
VAL HA   H N N 387 
VAL HB   H N N 388 
VAL HG11 H N N 389 
VAL HG12 H N N 390 
VAL HG13 H N N 391 
VAL HG21 H N N 392 
VAL HG22 H N N 393 
VAL HG23 H N N 394 
VAL HXT  H N N 395 
# 
loop_
_chem_comp_bond.comp_id 
_chem_comp_bond.atom_id_1 
_chem_comp_bond.atom_id_2 
_chem_comp_bond.value_order 
_chem_comp_bond.pdbx_aromatic_flag 
_chem_comp_bond.pdbx_stereo_config 
_chem_comp_bond.pdbx_ordinal 
ALA N   CA   sing N N 1   
ALA N   H    sing N N 2   
ALA N   H2   sing N N 3   
ALA CA  C    sing N N 4   
ALA CA  CB   sing N N 5   
ALA CA  HA   sing N N 6   
ALA C   O    doub N N 7   
ALA C   OXT  sing N N 8   
ALA CB  HB1  sing N N 9   
ALA CB  HB2  sing N N 10  
ALA CB  HB3  sing N N 11  
ALA OXT HXT  sing N N 12  
ARG N   CA   sing N N 13  
ARG N   H    sing N N 14  
ARG N   H2   sing N N 15  
ARG CA  C    sing N N 16  
ARG CA  CB   sing N N 17  
ARG CA  HA   sing N N 18  
ARG C   O    doub N N 19  
ARG C   OXT  sing N N 20  
ARG CB  CG   sing N N 21  
ARG CB  HB2  sing N N 22  
ARG CB  HB3  sing N N 23  
ARG CG  CD   sing N N 24  
ARG CG  HG2  sing N N 25  
ARG CG  HG3  sing N N 26  
ARG CD  NE   sing N N 27  
ARG CD  HD2  sing N N 28  
ARG CD  HD3  sing N N 29  
ARG NE  CZ   sing N N 30  
ARG NE  HE   sing N N 31  
ARG CZ  NH1  sing N N 32  
ARG CZ  NH2  doub N N 33  
ARG NH1 HH11 sing N N 34  
ARG NH1 HH12 sing N N 35  
ARG NH2 HH21 sing N N 36  
ARG NH2 HH22 sing N N 37  
ARG OXT HXT  sing N N 38  
ASN N   CA   sing N N 39  
ASN N   H    sing N N 40  
ASN N   H2   sing N N 41  
ASN CA  C    sing N N 42  
ASN CA  CB   sing N N 43  
ASN CA  HA   sing N N 44  
ASN C   O    doub N N 45  
ASN C   OXT  sing N N 46  
ASN CB  CG   sing N N 47  
ASN CB  HB2  sing N N 48  
ASN CB  HB3  sing N N 49  
ASN CG  OD1  doub N N 50  
ASN CG  ND2  sing N N 51  
ASN ND2 HD21 sing N N 52  
ASN ND2 HD22 sing N N 53  
ASN OXT HXT  sing N N 54  
ASP N   CA   sing N N 55  
ASP N   H    sing N N 56  
ASP N   H2   sing N N 57  
ASP CA  C    sing N N 58  
ASP CA  CB   sing N N 59  
ASP CA  HA   sing N N 60  
ASP C   O    doub N N 61  
ASP C   OXT  sing N N 62  
ASP CB  CG   sing N N 63  
ASP CB  HB2  sing N N 64  
ASP CB  HB3  sing N N 65  
ASP CG  OD1  doub N N 66  
ASP CG  OD2  sing N N 67  
ASP OD2 HD2  sing N N 68  
ASP OXT HXT  sing N N 69  
CYS N   CA   sing N N 70  
CYS N   H    sing N N 71  
CYS N   H2   sing N N 72  
CYS CA  C    sing N N 73  
CYS CA  CB   sing N N 74  
CYS CA  HA   sing N N 75  
CYS C   O    doub N N 76  
CYS C   OXT  sing N N 77  
CYS CB  SG   sing N N 78  
CYS CB  HB2  sing N N 79  
CYS CB  HB3  sing N N 80  
CYS SG  HG   sing N N 81  
CYS OXT HXT  sing N N 82  
GLN N   CA   sing N N 83  
GLN N   H    sing N N 84  
GLN N   H2   sing N N 85  
GLN CA  C    sing N N 86  
GLN CA  CB   sing N N 87  
GLN CA  HA   sing N N 88  
GLN C   O    doub N N 89  
GLN C   OXT  sing N N 90  
GLN CB  CG   sing N N 91  
GLN CB  HB2  sing N N 92  
GLN CB  HB3  sing N N 93  
GLN CG  CD   sing N N 94  
GLN CG  HG2  sing N N 95  
GLN CG  HG3  sing N N 96  
GLN CD  OE1  doub N N 97  
GLN CD  NE2  sing N N 98  
GLN NE2 HE21 sing N N 99  
GLN NE2 HE22 sing N N 100 
GLN OXT HXT  sing N N 101 
GLU N   CA   sing N N 102 
GLU N   H    sing N N 103 
GLU N   H2   sing N N 104 
GLU CA  C    sing N N 105 
GLU CA  CB   sing N N 106 
GLU CA  HA   sing N N 107 
GLU C   O    doub N N 108 
GLU C   OXT  sing N N 109 
GLU CB  CG   sing N N 110 
GLU CB  HB2  sing N N 111 
GLU CB  HB3  sing N N 112 
GLU CG  CD   sing N N 113 
GLU CG  HG2  sing N N 114 
GLU CG  HG3  sing N N 115 
GLU CD  OE1  doub N N 116 
GLU CD  OE2  sing N N 117 
GLU OE2 HE2  sing N N 118 
GLU OXT HXT  sing N N 119 
GLY N   CA   sing N N 120 
GLY N   H    sing N N 121 
GLY N   H2   sing N N 122 
GLY CA  C    sing N N 123 
GLY CA  HA2  sing N N 124 
GLY CA  HA3  sing N N 125 
GLY C   O    doub N N 126 
GLY C   OXT  sing N N 127 
GLY OXT HXT  sing N N 128 
HIS N   CA   sing N N 129 
HIS N   H    sing N N 130 
HIS N   H2   sing N N 131 
HIS CA  C    sing N N 132 
HIS CA  CB   sing N N 133 
HIS CA  HA   sing N N 134 
HIS C   O    doub N N 135 
HIS C   OXT  sing N N 136 
HIS CB  CG   sing N N 137 
HIS CB  HB2  sing N N 138 
HIS CB  HB3  sing N N 139 
HIS CG  ND1  sing Y N 140 
HIS CG  CD2  doub Y N 141 
HIS ND1 CE1  doub Y N 142 
HIS ND1 HD1  sing N N 143 
HIS CD2 NE2  sing Y N 144 
HIS CD2 HD2  sing N N 145 
HIS CE1 NE2  sing Y N 146 
HIS CE1 HE1  sing N N 147 
HIS NE2 HE2  sing N N 148 
HIS OXT HXT  sing N N 149 
HOH O   H1   sing N N 150 
HOH O   H2   sing N N 151 
ILE N   CA   sing N N 152 
ILE N   H    sing N N 153 
ILE N   H2   sing N N 154 
ILE CA  C    sing N N 155 
ILE CA  CB   sing N N 156 
ILE CA  HA   sing N N 157 
ILE C   O    doub N N 158 
ILE C   OXT  sing N N 159 
ILE CB  CG1  sing N N 160 
ILE CB  CG2  sing N N 161 
ILE CB  HB   sing N N 162 
ILE CG1 CD1  sing N N 163 
ILE CG1 HG12 sing N N 164 
ILE CG1 HG13 sing N N 165 
ILE CG2 HG21 sing N N 166 
ILE CG2 HG22 sing N N 167 
ILE CG2 HG23 sing N N 168 
ILE CD1 HD11 sing N N 169 
ILE CD1 HD12 sing N N 170 
ILE CD1 HD13 sing N N 171 
ILE OXT HXT  sing N N 172 
LEU N   CA   sing N N 173 
LEU N   H    sing N N 174 
LEU N   H2   sing N N 175 
LEU CA  C    sing N N 176 
LEU CA  CB   sing N N 177 
LEU CA  HA   sing N N 178 
LEU C   O    doub N N 179 
LEU C   OXT  sing N N 180 
LEU CB  CG   sing N N 181 
LEU CB  HB2  sing N N 182 
LEU CB  HB3  sing N N 183 
LEU CG  CD1  sing N N 184 
LEU CG  CD2  sing N N 185 
LEU CG  HG   sing N N 186 
LEU CD1 HD11 sing N N 187 
LEU CD1 HD12 sing N N 188 
LEU CD1 HD13 sing N N 189 
LEU CD2 HD21 sing N N 190 
LEU CD2 HD22 sing N N 191 
LEU CD2 HD23 sing N N 192 
LEU OXT HXT  sing N N 193 
LYS N   CA   sing N N 194 
LYS N   H    sing N N 195 
LYS N   H2   sing N N 196 
LYS CA  C    sing N N 197 
LYS CA  CB   sing N N 198 
LYS CA  HA   sing N N 199 
LYS C   O    doub N N 200 
LYS C   OXT  sing N N 201 
LYS CB  CG   sing N N 202 
LYS CB  HB2  sing N N 203 
LYS CB  HB3  sing N N 204 
LYS CG  CD   sing N N 205 
LYS CG  HG2  sing N N 206 
LYS CG  HG3  sing N N 207 
LYS CD  CE   sing N N 208 
LYS CD  HD2  sing N N 209 
LYS CD  HD3  sing N N 210 
LYS CE  NZ   sing N N 211 
LYS CE  HE2  sing N N 212 
LYS CE  HE3  sing N N 213 
LYS NZ  HZ1  sing N N 214 
LYS NZ  HZ2  sing N N 215 
LYS NZ  HZ3  sing N N 216 
LYS OXT HXT  sing N N 217 
MET N   CA   sing N N 218 
MET N   H    sing N N 219 
MET N   H2   sing N N 220 
MET CA  C    sing N N 221 
MET CA  CB   sing N N 222 
MET CA  HA   sing N N 223 
MET C   O    doub N N 224 
MET C   OXT  sing N N 225 
MET CB  CG   sing N N 226 
MET CB  HB2  sing N N 227 
MET CB  HB3  sing N N 228 
MET CG  SD   sing N N 229 
MET CG  HG2  sing N N 230 
MET CG  HG3  sing N N 231 
MET SD  CE   sing N N 232 
MET CE  HE1  sing N N 233 
MET CE  HE2  sing N N 234 
MET CE  HE3  sing N N 235 
MET OXT HXT  sing N N 236 
PHE N   CA   sing N N 237 
PHE N   H    sing N N 238 
PHE N   H2   sing N N 239 
PHE CA  C    sing N N 240 
PHE CA  CB   sing N N 241 
PHE CA  HA   sing N N 242 
PHE C   O    doub N N 243 
PHE C   OXT  sing N N 244 
PHE CB  CG   sing N N 245 
PHE CB  HB2  sing N N 246 
PHE CB  HB3  sing N N 247 
PHE CG  CD1  doub Y N 248 
PHE CG  CD2  sing Y N 249 
PHE CD1 CE1  sing Y N 250 
PHE CD1 HD1  sing N N 251 
PHE CD2 CE2  doub Y N 252 
PHE CD2 HD2  sing N N 253 
PHE CE1 CZ   doub Y N 254 
PHE CE1 HE1  sing N N 255 
PHE CE2 CZ   sing Y N 256 
PHE CE2 HE2  sing N N 257 
PHE CZ  HZ   sing N N 258 
PHE OXT HXT  sing N N 259 
PRO N   CA   sing N N 260 
PRO N   CD   sing N N 261 
PRO N   H    sing N N 262 
PRO CA  C    sing N N 263 
PRO CA  CB   sing N N 264 
PRO CA  HA   sing N N 265 
PRO C   O    doub N N 266 
PRO C   OXT  sing N N 267 
PRO CB  CG   sing N N 268 
PRO CB  HB2  sing N N 269 
PRO CB  HB3  sing N N 270 
PRO CG  CD   sing N N 271 
PRO CG  HG2  sing N N 272 
PRO CG  HG3  sing N N 273 
PRO CD  HD2  sing N N 274 
PRO CD  HD3  sing N N 275 
PRO OXT HXT  sing N N 276 
SER N   CA   sing N N 277 
SER N   H    sing N N 278 
SER N   H2   sing N N 279 
SER CA  C    sing N N 280 
SER CA  CB   sing N N 281 
SER CA  HA   sing N N 282 
SER C   O    doub N N 283 
SER C   OXT  sing N N 284 
SER CB  OG   sing N N 285 
SER CB  HB2  sing N N 286 
SER CB  HB3  sing N N 287 
SER OG  HG   sing N N 288 
SER OXT HXT  sing N N 289 
SO4 S   O1   doub N N 290 
SO4 S   O2   doub N N 291 
SO4 S   O3   sing N N 292 
SO4 S   O4   sing N N 293 
THR N   CA   sing N N 294 
THR N   H    sing N N 295 
THR N   H2   sing N N 296 
THR CA  C    sing N N 297 
THR CA  CB   sing N N 298 
THR CA  HA   sing N N 299 
THR C   O    doub N N 300 
THR C   OXT  sing N N 301 
THR CB  OG1  sing N N 302 
THR CB  CG2  sing N N 303 
THR CB  HB   sing N N 304 
THR OG1 HG1  sing N N 305 
THR CG2 HG21 sing N N 306 
THR CG2 HG22 sing N N 307 
THR CG2 HG23 sing N N 308 
THR OXT HXT  sing N N 309 
TRP N   CA   sing N N 310 
TRP N   H    sing N N 311 
TRP N   H2   sing N N 312 
TRP CA  C    sing N N 313 
TRP CA  CB   sing N N 314 
TRP CA  HA   sing N N 315 
TRP C   O    doub N N 316 
TRP C   OXT  sing N N 317 
TRP CB  CG   sing N N 318 
TRP CB  HB2  sing N N 319 
TRP CB  HB3  sing N N 320 
TRP CG  CD1  doub Y N 321 
TRP CG  CD2  sing Y N 322 
TRP CD1 NE1  sing Y N 323 
TRP CD1 HD1  sing N N 324 
TRP CD2 CE2  doub Y N 325 
TRP CD2 CE3  sing Y N 326 
TRP NE1 CE2  sing Y N 327 
TRP NE1 HE1  sing N N 328 
TRP CE2 CZ2  sing Y N 329 
TRP CE3 CZ3  doub Y N 330 
TRP CE3 HE3  sing N N 331 
TRP CZ2 CH2  doub Y N 332 
TRP CZ2 HZ2  sing N N 333 
TRP CZ3 CH2  sing Y N 334 
TRP CZ3 HZ3  sing N N 335 
TRP CH2 HH2  sing N N 336 
TRP OXT HXT  sing N N 337 
TYR N   CA   sing N N 338 
TYR N   H    sing N N 339 
TYR N   H2   sing N N 340 
TYR CA  C    sing N N 341 
TYR CA  CB   sing N N 342 
TYR CA  HA   sing N N 343 
TYR C   O    doub N N 344 
TYR C   OXT  sing N N 345 
TYR CB  CG   sing N N 346 
TYR CB  HB2  sing N N 347 
TYR CB  HB3  sing N N 348 
TYR CG  CD1  doub Y N 349 
TYR CG  CD2  sing Y N 350 
TYR CD1 CE1  sing Y N 351 
TYR CD1 HD1  sing N N 352 
TYR CD2 CE2  doub Y N 353 
TYR CD2 HD2  sing N N 354 
TYR CE1 CZ   doub Y N 355 
TYR CE1 HE1  sing N N 356 
TYR CE2 CZ   sing Y N 357 
TYR CE2 HE2  sing N N 358 
TYR CZ  OH   sing N N 359 
TYR OH  HH   sing N N 360 
TYR OXT HXT  sing N N 361 
VAL N   CA   sing N N 362 
VAL N   H    sing N N 363 
VAL N   H2   sing N N 364 
VAL CA  C    sing N N 365 
VAL CA  CB   sing N N 366 
VAL CA  HA   sing N N 367 
VAL C   O    doub N N 368 
VAL C   OXT  sing N N 369 
VAL CB  CG1  sing N N 370 
VAL CB  CG2  sing N N 371 
VAL CB  HB   sing N N 372 
VAL CG1 HG11 sing N N 373 
VAL CG1 HG12 sing N N 374 
VAL CG1 HG13 sing N N 375 
VAL CG2 HG21 sing N N 376 
VAL CG2 HG22 sing N N 377 
VAL CG2 HG23 sing N N 378 
VAL OXT HXT  sing N N 379 
# 
_atom_sites.entry_id                    4OFF 
_atom_sites.fract_transf_matrix[1][1]   0.00048174 
_atom_sites.fract_transf_matrix[1][2]   -0.01152118 
_atom_sites.fract_transf_matrix[1][3]   0.03703430 
_atom_sites.fract_transf_matrix[2][1]   -0.01599889 
_atom_sites.fract_transf_matrix[2][2]   0.00631305 
_atom_sites.fract_transf_matrix[2][3]   0.00217207 
_atom_sites.fract_transf_matrix[3][1]   -0.00464971 
_atom_sites.fract_transf_matrix[3][2]   -0.01066304 
_atom_sites.fract_transf_matrix[3][3]   -0.00325673 
_atom_sites.fract_transf_vector[1]      0.478363 
_atom_sites.fract_transf_vector[2]      -0.117096 
_atom_sites.fract_transf_vector[3]      -0.136096 
# 
loop_
_atom_type.symbol 
C 
N 
O 
S 
# 
loop_
_atom_site.group_PDB 
_atom_site.id 
_atom_site.type_symbol 
_atom_site.label_atom_id 
_atom_site.label_alt_id 
_atom_site.label_comp_id 
_atom_site.label_asym_id 
_atom_site.label_entity_id 
_atom_site.label_seq_id 
_atom_site.pdbx_PDB_ins_code 
_atom_site.Cartn_x 
_atom_site.Cartn_y 
_atom_site.Cartn_z 
_atom_site.occupancy 
_atom_site.B_iso_or_equiv 
_atom_site.pdbx_formal_charge 
_atom_site.auth_seq_id 
_atom_site.auth_comp_id 
_atom_site.auth_asym_id 
_atom_site.auth_atom_id 
_atom_site.pdbx_PDB_model_num 
ATOM   1    N N   . SER A 1 5   ? -16.877 -5.957  8.893   1.00 67.40 ? 403 SER A N   1 
ATOM   2    C CA  . SER A 1 5   ? -17.799 -5.732  7.786   1.00 71.67 ? 403 SER A CA  1 
ATOM   3    C C   . SER A 1 5   ? -17.515 -4.405  7.099   1.00 69.71 ? 403 SER A C   1 
ATOM   4    O O   . SER A 1 5   ? -17.140 -4.369  5.928   1.00 58.84 ? 403 SER A O   1 
ATOM   5    C CB  . SER A 1 5   ? -19.250 -5.760  8.272   1.00 73.38 ? 403 SER A CB  1 
ATOM   6    O OG  . SER A 1 5   ? -19.587 -7.031  8.798   1.00 78.59 ? 403 SER A OG  1 
ATOM   7    N N   . ILE A 1 6   ? -17.700 -3.316  7.841   1.00 67.56 ? 404 ILE A N   1 
ATOM   8    C CA  . ILE A 1 6   ? -17.546 -1.972  7.294   1.00 56.39 ? 404 ILE A CA  1 
ATOM   9    C C   . ILE A 1 6   ? -16.119 -1.704  6.823   1.00 57.63 ? 404 ILE A C   1 
ATOM   10   O O   . ILE A 1 6   ? -15.919 -1.156  5.738   1.00 44.64 ? 404 ILE A O   1 
ATOM   11   C CB  . ILE A 1 6   ? -17.962 -0.909  8.323   1.00 54.72 ? 404 ILE A CB  1 
ATOM   12   C CG1 . ILE A 1 6   ? -19.487 -0.875  8.426   1.00 65.17 ? 404 ILE A CG1 1 
ATOM   13   C CG2 . ILE A 1 6   ? -17.438 0.465   7.928   1.00 47.16 ? 404 ILE A CG2 1 
ATOM   14   C CD1 . ILE A 1 6   ? -20.005 -0.470  9.783   1.00 63.94 ? 404 ILE A CD1 1 
ATOM   15   N N   . ASP A 1 7   ? -15.133 -2.102  7.622   1.00 59.32 ? 405 ASP A N   1 
ATOM   16   C CA  . ASP A 1 7   ? -13.743 -1.915  7.221   1.00 56.51 ? 405 ASP A CA  1 
ATOM   17   C C   . ASP A 1 7   ? -13.410 -2.835  6.053   1.00 42.65 ? 405 ASP A C   1 
ATOM   18   O O   . ASP A 1 7   ? -12.695 -2.427  5.145   1.00 43.40 ? 405 ASP A O   1 
ATOM   19   C CB  . ASP A 1 7   ? -12.783 -2.152  8.393   1.00 43.65 ? 405 ASP A CB  1 
ATOM   20   C CG  . ASP A 1 7   ? -11.352 -1.701  8.090   1.00 48.73 ? 405 ASP A CG  1 
ATOM   21   O OD1 . ASP A 1 7   ? -11.129 -0.491  7.856   1.00 38.45 ? 405 ASP A OD1 1 
ATOM   22   O OD2 . ASP A 1 7   ? -10.438 -2.557  8.113   1.00 52.09 ? 405 ASP A OD2 1 
ATOM   23   N N   . TYR A 1 8   ? -13.934 -4.062  6.060   1.00 45.65 ? 406 TYR A N   1 
ATOM   24   C CA  . TYR A 1 8   ? -13.674 -4.990  4.956   1.00 42.47 ? 406 TYR A CA  1 
ATOM   25   C C   . TYR A 1 8   ? -14.254 -4.443  3.654   1.00 45.30 ? 406 TYR A C   1 
ATOM   26   O O   . TYR A 1 8   ? -13.567 -4.401  2.635   1.00 36.64 ? 406 TYR A O   1 
ATOM   27   C CB  . TYR A 1 8   ? -14.247 -6.391  5.241   1.00 54.82 ? 406 TYR A CB  1 
ATOM   28   C CG  . TYR A 1 8   ? -14.074 -7.392  4.099   1.00 59.48 ? 406 TYR A CG  1 
ATOM   29   C CD1 . TYR A 1 8   ? -12.943 -8.199  4.014   1.00 54.52 ? 406 TYR A CD1 1 
ATOM   30   C CD2 . TYR A 1 8   ? -15.050 -7.537  3.112   1.00 64.34 ? 406 TYR A CD2 1 
ATOM   31   C CE1 . TYR A 1 8   ? -12.786 -9.115  2.975   1.00 55.97 ? 406 TYR A CE1 1 
ATOM   32   C CE2 . TYR A 1 8   ? -14.896 -8.447  2.071   1.00 61.94 ? 406 TYR A CE2 1 
ATOM   33   C CZ  . TYR A 1 8   ? -13.764 -9.232  2.009   1.00 55.44 ? 406 TYR A CZ  1 
ATOM   34   O OH  . TYR A 1 8   ? -13.615 -10.132 0.978   1.00 60.00 ? 406 TYR A OH  1 
ATOM   35   N N   . ASN A 1 9   ? -15.516 -4.024  3.694   1.00 37.17 ? 407 ASN A N   1 
ATOM   36   C CA  . ASN A 1 9   ? -16.204 -3.538  2.499   1.00 40.95 ? 407 ASN A CA  1 
ATOM   37   C C   . ASN A 1 9   ? -15.581 -2.247  1.986   1.00 39.78 ? 407 ASN A C   1 
ATOM   38   O O   . ASN A 1 9   ? -15.537 -1.999  0.777   1.00 32.99 ? 407 ASN A O   1 
ATOM   39   C CB  . ASN A 1 9   ? -17.695 -3.330  2.784   1.00 48.97 ? 407 ASN A CB  1 
ATOM   40   C CG  . ASN A 1 9   ? -18.423 -4.638  3.078   1.00 61.07 ? 407 ASN A CG  1 
ATOM   41   O OD1 . ASN A 1 9   ? -18.110 -5.676  2.493   1.00 56.56 ? 407 ASN A OD1 1 
ATOM   42   N ND2 . ASN A 1 9   ? -19.398 -4.591  3.983   1.00 52.85 ? 407 ASN A ND2 1 
ATOM   43   N N   . ASN A 1 10  ? -15.108 -1.433  2.927   1.00 40.27 ? 408 ASN A N   1 
ATOM   44   C CA  . ASN A 1 10  ? -14.394 -0.193  2.639   1.00 35.61 ? 408 ASN A CA  1 
ATOM   45   C C   . ASN A 1 10  ? -13.163 -0.417  1.790   1.00 28.18 ? 408 ASN A C   1 
ATOM   46   O O   . ASN A 1 10  ? -13.037 0.144   0.706   1.00 31.02 ? 408 ASN A O   1 
ATOM   47   C CB  . ASN A 1 10  ? -13.972 0.490   3.939   1.00 46.49 ? 408 ASN A CB  1 
ATOM   48   C CG  . ASN A 1 10  ? -14.860 1.653   4.305   1.00 61.19 ? 408 ASN A CG  1 
ATOM   49   O OD1 . ASN A 1 10  ? -15.937 1.837   3.734   1.00 57.50 ? 408 ASN A OD1 1 
ATOM   50   N ND2 . ASN A 1 10  ? -14.414 2.448   5.270   1.00 55.86 ? 408 ASN A ND2 1 
ATOM   51   N N   . LYS A 1 11  ? -12.240 -1.225  2.296   1.00 27.48 ? 409 LYS A N   1 
ATOM   52   C CA  . LYS A 1 11  ? -11.027 -1.456  1.540   1.00 39.71 ? 409 LYS A CA  1 
ATOM   53   C C   . LYS A 1 11  ? -11.301 -2.394  0.371   1.00 21.07 ? 409 LYS A C   1 
ATOM   54   O O   . LYS A 1 11  ? -10.618 -2.302  -0.641  1.00 35.51 ? 409 LYS A O   1 
ATOM   55   C CB  . LYS A 1 11  ? -9.886  -1.971  2.439   1.00 33.30 ? 409 LYS A CB  1 
ATOM   56   C CG  . LYS A 1 11  ? -10.252 -3.046  3.422   1.00 33.38 ? 409 LYS A CG  1 
ATOM   57   C CD  . LYS A 1 11  ? -9.072  -3.412  4.307   1.00 24.78 ? 409 LYS A CD  1 
ATOM   58   C CE  . LYS A 1 11  ? -9.463  -4.545  5.229   1.00 36.48 ? 409 LYS A CE  1 
ATOM   59   N NZ  . LYS A 1 11  ? -8.327  -5.182  5.930   1.00 30.16 ? 409 LYS A NZ  1 
ATOM   60   N N   . LYS A 1 12  ? -12.320 -3.255  0.467   1.00 25.16 ? 410 LYS A N   1 
ATOM   61   C CA  . LYS A 1 12  ? -12.663 -4.112  -0.675  1.00 23.67 ? 410 LYS A CA  1 
ATOM   62   C C   . LYS A 1 12  ? -13.007 -3.269  -1.896  1.00 25.18 ? 410 LYS A C   1 
ATOM   63   O O   . LYS A 1 12  ? -12.465 -3.473  -2.986  1.00 30.94 ? 410 LYS A O   1 
ATOM   64   C CB  . LYS A 1 12  ? -13.842 -5.055  -0.365  1.00 29.84 ? 410 LYS A CB  1 
ATOM   65   C CG  . LYS A 1 12  ? -14.336 -5.826  -1.591  1.00 31.08 ? 410 LYS A CG  1 
ATOM   66   C CD  . LYS A 1 12  ? -15.430 -6.839  -1.248  1.00 52.38 ? 410 LYS A CD  1 
ATOM   67   C CE  . LYS A 1 12  ? -16.017 -7.467  -2.510  1.00 57.51 ? 410 LYS A CE  1 
ATOM   68   N NZ  . LYS A 1 12  ? -16.936 -8.613  -2.244  1.00 61.71 ? 410 LYS A NZ  1 
ATOM   69   N N   . SER A 1 13  ? -13.914 -2.319  -1.697  1.00 27.33 ? 411 SER A N   1 
ATOM   70   C CA  . SER A 1 13  ? -14.357 -1.425  -2.756  1.00 30.80 ? 411 SER A CA  1 
ATOM   71   C C   . SER A 1 13  ? -13.179 -0.712  -3.424  1.00 31.43 ? 411 SER A C   1 
ATOM   72   O O   . SER A 1 13  ? -13.099 -0.639  -4.647  1.00 30.00 ? 411 SER A O   1 
ATOM   73   C CB  . SER A 1 13  ? -15.344 -0.405  -2.195  1.00 33.21 ? 411 SER A CB  1 
ATOM   74   O OG  . SER A 1 13  ? -15.640 0.594   -3.150  1.00 59.69 ? 411 SER A OG  1 
ATOM   75   N N   . ILE A 1 14  ? -12.263 -0.194  -2.617  1.00 25.74 ? 412 ILE A N   1 
ATOM   76   C CA  . ILE A 1 14  ? -11.110 0.515   -3.158  1.00 30.94 ? 412 ILE A CA  1 
ATOM   77   C C   . ILE A 1 14  ? -10.168 -0.439  -3.874  1.00 29.50 ? 412 ILE A C   1 
ATOM   78   O O   . ILE A 1 14  ? -9.849  -0.236  -5.037  1.00 37.53 ? 412 ILE A O   1 
ATOM   79   C CB  . ILE A 1 14  ? -10.335 1.261   -2.064  1.00 30.01 ? 412 ILE A CB  1 
ATOM   80   C CG1 . ILE A 1 14  ? -11.249 2.266   -1.368  1.00 39.26 ? 412 ILE A CG1 1 
ATOM   81   C CG2 . ILE A 1 14  ? -9.126  1.966   -2.662  1.00 28.17 ? 412 ILE A CG2 1 
ATOM   82   C CD1 . ILE A 1 14  ? -10.608 2.929   -0.174  1.00 42.31 ? 412 ILE A CD1 1 
ATOM   83   N N   . ILE A 1 15  ? -9.744  -1.488  -3.179  1.00 32.34 ? 413 ILE A N   1 
ATOM   84   C CA  . ILE A 1 15  ? -8.798  -2.460  -3.729  1.00 31.68 ? 413 ILE A CA  1 
ATOM   85   C C   . ILE A 1 15  ? -9.248  -3.088  -5.042  1.00 42.71 ? 413 ILE A C   1 
ATOM   86   O O   . ILE A 1 15  ? -8.458  -3.216  -5.980  1.00 43.87 ? 413 ILE A O   1 
ATOM   87   C CB  . ILE A 1 15  ? -8.531  -3.587  -2.719  1.00 30.44 ? 413 ILE A CB  1 
ATOM   88   C CG1 . ILE A 1 15  ? -7.641  -3.073  -1.590  1.00 33.97 ? 413 ILE A CG1 1 
ATOM   89   C CG2 . ILE A 1 15  ? -7.902  -4.807  -3.402  1.00 38.32 ? 413 ILE A CG2 1 
ATOM   90   C CD1 . ILE A 1 15  ? -7.527  -4.036  -0.433  1.00 40.40 ? 413 ILE A CD1 1 
ATOM   91   N N   . LYS A 1 16  ? -10.516 -3.475  -5.113  1.00 29.52 ? 414 LYS A N   1 
ATOM   92   C CA  . LYS A 1 16  ? -11.006 -4.183  -6.286  1.00 48.10 ? 414 LYS A CA  1 
ATOM   93   C C   . LYS A 1 16  ? -10.991 -3.305  -7.537  1.00 44.91 ? 414 LYS A C   1 
ATOM   94   O O   . LYS A 1 16  ? -10.834 -3.810  -8.648  1.00 50.05 ? 414 LYS A O   1 
ATOM   95   C CB  . LYS A 1 16  ? -12.418 -4.720  -6.030  1.00 50.01 ? 414 LYS A CB  1 
ATOM   96   C CG  . LYS A 1 16  ? -12.470 -5.929  -5.096  1.00 56.26 ? 414 LYS A CG  1 
ATOM   97   C CD  . LYS A 1 16  ? -13.026 -7.154  -5.814  1.00 62.81 ? 414 LYS A CD  1 
ATOM   98   C CE  . LYS A 1 16  ? -13.579 -8.197  -4.845  1.00 63.48 ? 414 LYS A CE  1 
ATOM   99   N NZ  . LYS A 1 16  ? -12.539 -9.046  -4.195  1.00 64.89 ? 414 LYS A NZ  1 
ATOM   100  N N   . LYS A 1 17  ? -11.139 -1.996  -7.361  1.00 45.34 ? 415 LYS A N   1 
ATOM   101  C CA  . LYS A 1 17  ? -11.211 -1.103  -8.510  1.00 35.00 ? 415 LYS A CA  1 
ATOM   102  C C   . LYS A 1 17  ? -9.855  -0.496  -8.874  1.00 42.39 ? 415 LYS A C   1 
ATOM   103  O O   . LYS A 1 17  ? -9.767  0.350   -9.761  1.00 42.31 ? 415 LYS A O   1 
ATOM   104  C CB  . LYS A 1 17  ? -12.231 0.011   -8.256  1.00 50.11 ? 415 LYS A CB  1 
ATOM   105  C CG  . LYS A 1 17  ? -11.800 1.042   -7.233  1.00 46.79 ? 415 LYS A CG  1 
ATOM   106  C CD  . LYS A 1 17  ? -12.764 2.221   -7.183  1.00 45.70 ? 415 LYS A CD  1 
ATOM   107  C CE  . LYS A 1 17  ? -12.347 3.229   -6.114  1.00 58.30 ? 415 LYS A CE  1 
ATOM   108  N NZ  . LYS A 1 17  ? -12.085 4.602   -6.652  1.00 57.36 ? 415 LYS A NZ  1 
ATOM   109  N N   . MET A 1 18  ? -8.795  -0.933  -8.201  1.00 28.59 ? 416 MET A N   1 
ATOM   110  C CA  . MET A 1 18  ? -7.471  -0.378  -8.444  1.00 31.09 ? 416 MET A CA  1 
ATOM   111  C C   . MET A 1 18  ? -6.773  -1.030  -9.620  1.00 35.41 ? 416 MET A C   1 
ATOM   112  O O   . MET A 1 18  ? -6.776  -2.255  -9.744  1.00 35.46 ? 416 MET A O   1 
ATOM   113  C CB  . MET A 1 18  ? -6.603  -0.509  -7.196  1.00 21.54 ? 416 MET A CB  1 
ATOM   114  C CG  . MET A 1 18  ? -7.079  0.406   -6.086  1.00 55.43 ? 416 MET A CG  1 
ATOM   115  S SD  . MET A 1 18  ? -5.921  0.547   -4.733  1.00 42.38 ? 416 MET A SD  1 
ATOM   116  C CE  . MET A 1 18  ? -4.469  1.029   -5.653  1.00 33.57 ? 416 MET A CE  1 
ATOM   117  N N   . TYR A 1 19  ? -6.161  -0.203  -10.467 1.00 46.84 ? 417 TYR A N   1 
ATOM   118  C CA  . TYR A 1 19  ? -5.481  -0.674  -11.676 1.00 37.84 ? 417 TYR A CA  1 
ATOM   119  C C   . TYR A 1 19  ? -4.452  -1.756  -11.387 1.00 25.22 ? 417 TYR A C   1 
ATOM   120  O O   . TYR A 1 19  ? -4.374  -2.765  -12.089 1.00 29.28 ? 417 TYR A O   1 
ATOM   121  C CB  . TYR A 1 19  ? -4.795  0.493   -12.388 1.00 43.38 ? 417 TYR A CB  1 
ATOM   122  C CG  . TYR A 1 19  ? -4.004  0.100   -13.629 1.00 38.52 ? 417 TYR A CG  1 
ATOM   123  C CD1 . TYR A 1 19  ? -2.666  -0.280  -13.546 1.00 24.69 ? 417 TYR A CD1 1 
ATOM   124  C CD2 . TYR A 1 19  ? -4.602  0.120   -14.886 1.00 38.36 ? 417 TYR A CD2 1 
ATOM   125  C CE1 . TYR A 1 19  ? -1.945  -0.629  -14.683 1.00 28.56 ? 417 TYR A CE1 1 
ATOM   126  C CE2 . TYR A 1 19  ? -3.895  -0.219  -16.018 1.00 29.65 ? 417 TYR A CE2 1 
ATOM   127  C CZ  . TYR A 1 19  ? -2.571  -0.590  -15.916 1.00 24.71 ? 417 TYR A CZ  1 
ATOM   128  O OH  . TYR A 1 19  ? -1.888  -0.929  -17.064 1.00 23.13 ? 417 TYR A OH  1 
ATOM   129  N N   . ILE A 1 20  ? -3.655  -1.539  -10.352 1.00 28.70 ? 418 ILE A N   1 
ATOM   130  C CA  . ILE A 1 20  ? -2.510  -2.396  -10.112 1.00 25.58 ? 418 ILE A CA  1 
ATOM   131  C C   . ILE A 1 20  ? -2.878  -3.775  -9.570  1.00 29.42 ? 418 ILE A C   1 
ATOM   132  O O   . ILE A 1 20  ? -2.020  -4.658  -9.465  1.00 28.38 ? 418 ILE A O   1 
ATOM   133  C CB  . ILE A 1 20  ? -1.544  -1.730  -9.147  1.00 38.82 ? 418 ILE A CB  1 
ATOM   134  C CG1 . ILE A 1 20  ? -2.211  -1.539  -7.788  1.00 34.26 ? 418 ILE A CG1 1 
ATOM   135  C CG2 . ILE A 1 20  ? -1.098  -0.382  -9.710  1.00 36.63 ? 418 ILE A CG2 1 
ATOM   136  C CD1 . ILE A 1 20  ? -1.326  -0.854  -6.787  1.00 36.27 ? 418 ILE A CD1 1 
ATOM   137  N N   . PHE A 1 21  ? -4.146  -3.959  -9.210  1.00 29.60 ? 419 PHE A N   1 
ATOM   138  C CA  . PHE A 1 21  ? -4.606  -5.269  -8.748  1.00 23.15 ? 419 PHE A CA  1 
ATOM   139  C C   . PHE A 1 21  ? -5.589  -5.899  -9.733  1.00 24.86 ? 419 PHE A C   1 
ATOM   140  O O   . PHE A 1 21  ? -6.226  -6.903  -9.411  1.00 23.42 ? 419 PHE A O   1 
ATOM   141  C CB  . PHE A 1 21  ? -5.252  -5.159  -7.357  1.00 23.85 ? 419 PHE A CB  1 
ATOM   142  C CG  . PHE A 1 21  ? -4.307  -4.669  -6.283  1.00 24.54 ? 419 PHE A CG  1 
ATOM   143  C CD1 . PHE A 1 21  ? -3.056  -5.247  -6.123  1.00 24.23 ? 419 PHE A CD1 1 
ATOM   144  C CD2 . PHE A 1 21  ? -4.664  -3.609  -5.462  1.00 28.13 ? 419 PHE A CD2 1 
ATOM   145  C CE1 . PHE A 1 21  ? -2.181  -4.786  -5.151  1.00 23.91 ? 419 PHE A CE1 1 
ATOM   146  C CE2 . PHE A 1 21  ? -3.792  -3.140  -4.482  1.00 24.12 ? 419 PHE A CE2 1 
ATOM   147  C CZ  . PHE A 1 21  ? -2.548  -3.731  -4.331  1.00 19.54 ? 419 PHE A CZ  1 
ATOM   148  N N   . ARG A 1 22  ? -5.696  -5.328  -10.931 1.00 27.92 ? 420 ARG A N   1 
ATOM   149  C CA  . ARG A 1 22  ? -6.715  -5.763  -11.900 1.00 35.56 ? 420 ARG A CA  1 
ATOM   150  C C   . ARG A 1 22  ? -6.540  -7.197  -12.425 1.00 28.70 ? 420 ARG A C   1 
ATOM   151  O O   . ARG A 1 22  ? -7.467  -7.762  -13.009 1.00 37.57 ? 420 ARG A O   1 
ATOM   152  C CB  . ARG A 1 22  ? -6.761  -4.793  -13.090 1.00 23.00 ? 420 ARG A CB  1 
ATOM   153  C CG  . ARG A 1 22  ? -5.542  -4.856  -14.005 1.00 39.14 ? 420 ARG A CG  1 
ATOM   154  C CD  . ARG A 1 22  ? -5.578  -3.763  -15.077 1.00 41.22 ? 420 ARG A CD  1 
ATOM   155  N NE  . ARG A 1 22  ? -4.321  -3.703  -15.824 1.00 47.72 ? 420 ARG A NE  1 
ATOM   156  C CZ  . ARG A 1 22  ? -4.165  -4.121  -17.077 1.00 41.98 ? 420 ARG A CZ  1 
ATOM   157  N NH1 . ARG A 1 22  ? -5.193  -4.621  -17.750 1.00 33.86 ? 420 ARG A NH1 1 
ATOM   158  N NH2 . ARG A 1 22  ? -2.976  -4.028  -17.664 1.00 41.60 ? 420 ARG A NH2 1 
ATOM   159  N N   . TYR A 1 23  ? -5.374  -7.797  -12.210 1.00 24.65 ? 421 TYR A N   1 
ATOM   160  C CA  . TYR A 1 23  ? -5.112  -9.146  -12.718 1.00 34.04 ? 421 TYR A CA  1 
ATOM   161  C C   . TYR A 1 23  ? -5.324  -10.224 -11.664 1.00 38.55 ? 421 TYR A C   1 
ATOM   162  O O   . TYR A 1 23  ? -5.146  -11.406 -11.941 1.00 34.88 ? 421 TYR A O   1 
ATOM   163  C CB  . TYR A 1 23  ? -3.682  -9.263  -13.247 1.00 29.83 ? 421 TYR A CB  1 
ATOM   164  C CG  . TYR A 1 23  ? -3.433  -8.599  -14.585 1.00 44.73 ? 421 TYR A CG  1 
ATOM   165  C CD1 . TYR A 1 23  ? -4.310  -8.778  -15.652 1.00 52.51 ? 421 TYR A CD1 1 
ATOM   166  C CD2 . TYR A 1 23  ? -2.316  -7.796  -14.780 1.00 35.80 ? 421 TYR A CD2 1 
ATOM   167  C CE1 . TYR A 1 23  ? -4.071  -8.175  -16.877 1.00 44.73 ? 421 TYR A CE1 1 
ATOM   168  C CE2 . TYR A 1 23  ? -2.071  -7.187  -15.993 1.00 38.56 ? 421 TYR A CE2 1 
ATOM   169  C CZ  . TYR A 1 23  ? -2.949  -7.378  -17.038 1.00 44.78 ? 421 TYR A CZ  1 
ATOM   170  O OH  . TYR A 1 23  ? -2.695  -6.768  -18.246 1.00 60.25 ? 421 TYR A OH  1 
ATOM   171  N N   . LEU A 1 24  ? -5.673  -9.818  -10.447 1.00 26.08 ? 422 LEU A N   1 
ATOM   172  C CA  . LEU A 1 24  ? -5.833  -10.774 -9.359  1.00 22.82 ? 422 LEU A CA  1 
ATOM   173  C C   . LEU A 1 24  ? -7.146  -11.531 -9.507  1.00 25.24 ? 422 LEU A C   1 
ATOM   174  O O   . LEU A 1 24  ? -8.132  -10.973 -9.976  1.00 33.39 ? 422 LEU A O   1 
ATOM   175  C CB  . LEU A 1 24  ? -5.791  -10.066 -8.001  1.00 25.16 ? 422 LEU A CB  1 
ATOM   176  C CG  . LEU A 1 24  ? -4.405  -9.930  -7.361  1.00 29.18 ? 422 LEU A CG  1 
ATOM   177  C CD1 . LEU A 1 24  ? -3.431  -9.328  -8.339  1.00 29.58 ? 422 LEU A CD1 1 
ATOM   178  C CD2 . LEU A 1 24  ? -4.486  -9.090  -6.101  1.00 28.92 ? 422 LEU A CD2 1 
ATOM   179  N N   . THR A 1 25  ? -7.151  -12.794 -9.096  1.00 27.54 ? 423 THR A N   1 
ATOM   180  C CA  . THR A 1 25  ? -8.393  -13.559 -9.019  1.00 27.72 ? 423 THR A CA  1 
ATOM   181  C C   . THR A 1 25  ? -9.204  -13.106 -7.815  1.00 43.35 ? 423 THR A C   1 
ATOM   182  O O   . THR A 1 25  ? -8.680  -12.462 -6.909  1.00 29.98 ? 423 THR A O   1 
ATOM   183  C CB  . THR A 1 25  ? -8.149  -15.069 -8.907  1.00 27.75 ? 423 THR A CB  1 
ATOM   184  O OG1 . THR A 1 25  ? -7.550  -15.373 -7.640  1.00 33.99 ? 423 THR A OG1 1 
ATOM   185  C CG2 . THR A 1 25  ? -7.256  -15.567 -10.038 1.00 30.62 ? 423 THR A CG2 1 
ATOM   186  N N   . ASP A 1 26  ? -10.484 -13.451 -7.796  1.00 29.28 ? 424 ASP A N   1 
ATOM   187  C CA  . ASP A 1 26  ? -11.345 -13.071 -6.686  1.00 33.15 ? 424 ASP A CA  1 
ATOM   188  C C   . ASP A 1 26  ? -10.831 -13.715 -5.403  1.00 29.21 ? 424 ASP A C   1 
ATOM   189  O O   . ASP A 1 26  ? -10.882 -13.119 -4.332  1.00 35.00 ? 424 ASP A O   1 
ATOM   190  C CB  . ASP A 1 26  ? -12.794 -13.478 -6.967  1.00 48.88 ? 424 ASP A CB  1 
ATOM   191  C CG  . ASP A 1 26  ? -13.770 -12.908 -5.957  1.00 71.35 ? 424 ASP A CG  1 
ATOM   192  O OD1 . ASP A 1 26  ? -13.927 -11.669 -5.912  1.00 81.93 ? 424 ASP A OD1 1 
ATOM   193  O OD2 . ASP A 1 26  ? -14.397 -13.701 -5.220  1.00 76.33 ? 424 ASP A OD2 1 
ATOM   194  N N   . LYS A 1 27  ? -10.318 -14.933 -5.528  1.00 24.14 ? 425 LYS A N   1 
ATOM   195  C CA  . LYS A 1 27  ? -9.701  -15.627 -4.404  1.00 33.02 ? 425 LYS A CA  1 
ATOM   196  C C   . LYS A 1 27  ? -8.473  -14.861 -3.883  1.00 34.36 ? 425 LYS A C   1 
ATOM   197  O O   . LYS A 1 27  ? -8.316  -14.675 -2.676  1.00 24.90 ? 425 LYS A O   1 
ATOM   198  C CB  . LYS A 1 27  ? -9.302  -17.047 -4.815  1.00 32.40 ? 425 LYS A CB  1 
ATOM   199  C CG  . LYS A 1 27  ? -9.052  -17.989 -3.652  1.00 34.20 ? 425 LYS A CG  1 
ATOM   200  C CD  . LYS A 1 27  ? -8.712  -19.394 -4.132  1.00 33.45 ? 425 LYS A CD  1 
ATOM   201  C CE  . LYS A 1 27  ? -9.744  -19.936 -5.095  1.00 39.73 ? 425 LYS A CE  1 
ATOM   202  N NZ  . LYS A 1 27  ? -9.375  -21.310 -5.531  1.00 42.57 ? 425 LYS A NZ  1 
ATOM   203  N N   . GLN A 1 28  ? -7.604  -14.439 -4.800  1.00 25.69 ? 426 GLN A N   1 
ATOM   204  C CA  . GLN A 1 28  ? -6.424  -13.646 -4.443  1.00 24.50 ? 426 GLN A CA  1 
ATOM   205  C C   . GLN A 1 28  ? -6.823  -12.313 -3.820  1.00 23.20 ? 426 GLN A C   1 
ATOM   206  O O   . GLN A 1 28  ? -6.282  -11.912 -2.790  1.00 21.86 ? 426 GLN A O   1 
ATOM   207  C CB  . GLN A 1 28  ? -5.554  -13.391 -5.670  1.00 19.22 ? 426 GLN A CB  1 
ATOM   208  C CG  . GLN A 1 28  ? -4.847  -14.609 -6.194  1.00 21.64 ? 426 GLN A CG  1 
ATOM   209  C CD  . GLN A 1 28  ? -4.022  -14.286 -7.418  1.00 28.17 ? 426 GLN A CD  1 
ATOM   210  O OE1 . GLN A 1 28  ? -4.538  -13.752 -8.399  1.00 28.73 ? 426 GLN A OE1 1 
ATOM   211  N NE2 . GLN A 1 28  ? -2.729  -14.563 -7.348  1.00 21.79 ? 426 GLN A NE2 1 
ATOM   212  N N   . CYS A 1 29  ? -7.761  -11.631 -4.462  1.00 20.41 ? 427 CYS A N   1 
ATOM   213  C CA  A CYS A 1 29  ? -8.223  -10.335 -3.989  0.49 30.39 ? 427 CYS A CA  1 
ATOM   214  C CA  B CYS A 1 29  ? -8.229  -10.334 -3.985  0.51 30.39 ? 427 CYS A CA  1 
ATOM   215  C C   . CYS A 1 29  ? -8.754  -10.401 -2.557  1.00 22.64 ? 427 CYS A C   1 
ATOM   216  O O   . CYS A 1 29  ? -8.501  -9.507  -1.749  1.00 25.32 ? 427 CYS A O   1 
ATOM   217  C CB  A CYS A 1 29  ? -9.301  -9.786  -4.919  0.49 28.11 ? 427 CYS A CB  1 
ATOM   218  C CB  B CYS A 1 29  ? -9.314  -9.780  -4.909  0.51 28.12 ? 427 CYS A CB  1 
ATOM   219  S SG  A CYS A 1 29  ? -9.683  -8.056  -4.630  0.49 44.74 ? 427 CYS A SG  1 
ATOM   220  S SG  B CYS A 1 29  ? -8.688  -8.758  -6.257  0.51 39.11 ? 427 CYS A SG  1 
ATOM   221  N N   . ASN A 1 30  ? -9.490  -11.460 -2.239  1.00 26.72 ? 428 ASN A N   1 
ATOM   222  C CA  . ASN A 1 30  ? -10.026 -11.605 -0.890  1.00 25.92 ? 428 ASN A CA  1 
ATOM   223  C C   . ASN A 1 30  ? -8.917  -11.817 0.137   1.00 30.57 ? 428 ASN A C   1 
ATOM   224  O O   . ASN A 1 30  ? -8.954  -11.240 1.227   1.00 27.56 ? 428 ASN A O   1 
ATOM   225  C CB  . ASN A 1 30  ? -11.042 -12.759 -0.826  1.00 25.06 ? 428 ASN A CB  1 
ATOM   226  C CG  . ASN A 1 30  ? -12.358 -12.419 -1.519  1.00 55.19 ? 428 ASN A CG  1 
ATOM   227  O OD1 . ASN A 1 30  ? -12.741 -11.247 -1.620  1.00 48.00 ? 428 ASN A OD1 1 
ATOM   228  N ND2 . ASN A 1 30  ? -13.060 -13.446 -1.996  1.00 52.72 ? 428 ASN A ND2 1 
ATOM   229  N N   . LEU A 1 31  ? -7.937  -12.647 -0.206  1.00 21.48 ? 429 LEU A N   1 
ATOM   230  C CA  . LEU A 1 31  ? -6.764  -12.834 0.649   1.00 18.90 ? 429 LEU A CA  1 
ATOM   231  C C   . LEU A 1 31  ? -6.082  -11.492 0.830   1.00 18.29 ? 429 LEU A C   1 
ATOM   232  O O   . LEU A 1 31  ? -5.655  -11.158 1.930   1.00 19.41 ? 429 LEU A O   1 
ATOM   233  C CB  . LEU A 1 31  ? -5.783  -13.866 0.053   1.00 20.20 ? 429 LEU A CB  1 
ATOM   234  C CG  . LEU A 1 31  ? -6.284  -15.321 0.034   1.00 23.36 ? 429 LEU A CG  1 
ATOM   235  C CD1 . LEU A 1 31  ? -5.314  -16.266 -0.680  1.00 22.07 ? 429 LEU A CD1 1 
ATOM   236  C CD2 . LEU A 1 31  ? -6.534  -15.797 1.439   1.00 21.90 ? 429 LEU A CD2 1 
ATOM   237  N N   . LEU A 1 32  ? -5.991  -10.728 -0.254  1.00 16.09 ? 430 LEU A N   1 
ATOM   238  C CA  . LEU A 1 32  ? -5.293  -9.443  -0.227  1.00 19.86 ? 430 LEU A CA  1 
ATOM   239  C C   . LEU A 1 32  ? -5.999  -8.430  0.686   1.00 19.90 ? 430 LEU A C   1 
ATOM   240  O O   . LEU A 1 32  ? -5.378  -7.786  1.529   1.00 18.89 ? 430 LEU A O   1 
ATOM   241  C CB  . LEU A 1 32  ? -5.178  -8.874  -1.639  1.00 20.92 ? 430 LEU A CB  1 
ATOM   242  C CG  . LEU A 1 32  ? -4.463  -7.525  -1.702  1.00 20.54 ? 430 LEU A CG  1 
ATOM   243  C CD1 . LEU A 1 32  ? -3.062  -7.654  -1.119  1.00 21.74 ? 430 LEU A CD1 1 
ATOM   244  C CD2 . LEU A 1 32  ? -4.413  -7.004  -3.133  1.00 21.77 ? 430 LEU A CD2 1 
ATOM   245  N N   . ILE A 1 33  ? -7.301  -8.285  0.506   1.00 20.68 ? 431 ILE A N   1 
ATOM   246  C CA  . ILE A 1 33  ? -8.085  -7.370  1.336   1.00 20.10 ? 431 ILE A CA  1 
ATOM   247  C C   . ILE A 1 33  ? -7.901  -7.680  2.826   1.00 17.80 ? 431 ILE A C   1 
ATOM   248  O O   . ILE A 1 33  ? -7.708  -6.777  3.638   1.00 22.30 ? 431 ILE A O   1 
ATOM   249  C CB  . ILE A 1 33  ? -9.561  -7.442  0.977   1.00 22.73 ? 431 ILE A CB  1 
ATOM   250  C CG1 . ILE A 1 33  ? -9.779  -6.941  -0.449  1.00 23.94 ? 431 ILE A CG1 1 
ATOM   251  C CG2 . ILE A 1 33  ? -10.385 -6.628  1.962   1.00 35.85 ? 431 ILE A CG2 1 
ATOM   252  C CD1 . ILE A 1 33  ? -11.071 -7.455  -1.075  1.00 28.01 ? 431 ILE A CD1 1 
ATOM   253  N N   . GLU A 1 34  ? -7.925  -8.960  3.175   1.00 16.83 ? 432 GLU A N   1 
ATOM   254  C CA  . GLU A 1 34  ? -7.742  -9.394  4.558   1.00 17.64 ? 432 GLU A CA  1 
ATOM   255  C C   . GLU A 1 34  ? -6.314  -9.183  5.048   1.00 22.71 ? 432 GLU A C   1 
ATOM   256  O O   . GLU A 1 34  ? -6.072  -9.089  6.253   1.00 24.06 ? 432 GLU A O   1 
ATOM   257  C CB  . GLU A 1 34  ? -8.112  -10.873 4.709   1.00 25.34 ? 432 GLU A CB  1 
ATOM   258  C CG  . GLU A 1 34  ? -9.582  -11.190 4.471   1.00 47.35 ? 432 GLU A CG  1 
ATOM   259  C CD  . GLU A 1 34  ? -9.871  -12.688 4.492   1.00 69.50 ? 432 GLU A CD  1 
ATOM   260  O OE1 . GLU A 1 34  ? -8.971  -13.481 4.125   1.00 64.90 ? 432 GLU A OE1 1 
ATOM   261  O OE2 . GLU A 1 34  ? -10.996 -13.077 4.878   1.00 73.44 ? 432 GLU A OE2 1 
ATOM   262  N N   . ALA A 1 35  ? -5.370  -9.126  4.112   1.00 17.91 ? 433 ALA A N   1 
ATOM   263  C CA  . ALA A 1 35  ? -3.957  -8.911  4.442   1.00 15.66 ? 433 ALA A CA  1 
ATOM   264  C C   . ALA A 1 35  ? -3.637  -7.453  4.802   1.00 17.89 ? 433 ALA A C   1 
ATOM   265  O O   . ALA A 1 35  ? -2.700  -7.198  5.563   1.00 15.51 ? 433 ALA A O   1 
ATOM   266  C CB  . ALA A 1 35  ? -3.088  -9.344  3.289   1.00 19.18 ? 433 ALA A CB  1 
ATOM   267  N N   . PHE A 1 36  ? -4.381  -6.504  4.233   1.00 15.16 ? 434 PHE A N   1 
ATOM   268  C CA  . PHE A 1 36  ? -4.152  -5.082  4.536   1.00 16.14 ? 434 PHE A CA  1 
ATOM   269  C C   . PHE A 1 36  ? -4.481  -4.798  5.987   1.00 19.87 ? 434 PHE A C   1 
ATOM   270  O O   . PHE A 1 36  ? -5.496  -5.282  6.488   1.00 19.12 ? 434 PHE A O   1 
ATOM   271  C CB  . PHE A 1 36  ? -5.009  -4.171  3.655   1.00 17.02 ? 434 PHE A CB  1 
ATOM   272  C CG  . PHE A 1 36  ? -4.373  -3.787  2.352   1.00 18.00 ? 434 PHE A CG  1 
ATOM   273  C CD1 . PHE A 1 36  ? -3.609  -2.636  2.248   1.00 15.17 ? 434 PHE A CD1 1 
ATOM   274  C CD2 . PHE A 1 36  ? -4.574  -4.556  1.221   1.00 18.68 ? 434 PHE A CD2 1 
ATOM   275  C CE1 . PHE A 1 36  ? -3.032  -2.271  1.037   1.00 12.20 ? 434 PHE A CE1 1 
ATOM   276  C CE2 . PHE A 1 36  ? -4.002  -4.204  0.012   1.00 19.59 ? 434 PHE A CE2 1 
ATOM   277  C CZ  . PHE A 1 36  ? -3.235  -3.054  -0.087  1.00 14.63 ? 434 PHE A CZ  1 
ATOM   278  N N   . ARG A 1 37  ? -3.659  -4.002  6.662   1.00 12.33 ? 435 ARG A N   1 
ATOM   279  C CA  . ARG A 1 37  ? -4.013  -3.600  8.017   1.00 14.12 ? 435 ARG A CA  1 
ATOM   280  C C   . ARG A 1 37  ? -3.868  -2.100  8.170   1.00 15.95 ? 435 ARG A C   1 
ATOM   281  O O   . ARG A 1 37  ? -3.200  -1.454  7.379   1.00 13.43 ? 435 ARG A O   1 
ATOM   282  C CB  . ARG A 1 37  ? -3.165  -4.333  9.065   1.00 27.78 ? 435 ARG A CB  1 
ATOM   283  C CG  . ARG A 1 37  ? -1.831  -3.734  9.357   1.00 27.13 ? 435 ARG A CG  1 
ATOM   284  C CD  . ARG A 1 37  ? -1.061  -4.551  10.404  1.00 28.73 ? 435 ARG A CD  1 
ATOM   285  N NE  . ARG A 1 37  ? -1.556  -4.348  11.764  1.00 25.49 ? 435 ARG A NE  1 
ATOM   286  C CZ  . ARG A 1 37  ? -0.887  -4.702  12.858  1.00 28.45 ? 435 ARG A CZ  1 
ATOM   287  N NH1 . ARG A 1 37  ? 0.308   -5.272  12.757  1.00 23.82 ? 435 ARG A NH1 1 
ATOM   288  N NH2 . ARG A 1 37  ? -1.408  -4.483  14.057  1.00 32.86 ? 435 ARG A NH2 1 
ATOM   289  N N   . THR A 1 38  ? -4.500  -1.546  9.194   1.00 16.06 ? 436 THR A N   1 
ATOM   290  C CA  . THR A 1 38  ? -4.457  -0.105  9.389   1.00 30.81 ? 436 THR A CA  1 
ATOM   291  C C   . THR A 1 38  ? -3.227  0.291   10.187  1.00 25.93 ? 436 THR A C   1 
ATOM   292  O O   . THR A 1 38  ? -2.745  -0.456  11.040  1.00 26.62 ? 436 THR A O   1 
ATOM   293  C CB  . THR A 1 38  ? -5.718  0.403   10.095  1.00 36.50 ? 436 THR A CB  1 
ATOM   294  O OG1 . THR A 1 38  ? -5.809  -0.215  11.380  1.00 38.34 ? 436 THR A OG1 1 
ATOM   295  C CG2 . THR A 1 38  ? -6.943  0.028   9.295   1.00 21.86 ? 436 THR A CG2 1 
ATOM   296  N N   . THR A 1 39  ? -2.692  1.459   9.873   1.00 16.06 ? 437 THR A N   1 
ATOM   297  C CA  . THR A 1 39  ? -1.549  1.992   10.588  1.00 22.38 ? 437 THR A CA  1 
ATOM   298  C C   . THR A 1 39  ? -1.805  3.492   10.736  1.00 22.06 ? 437 THR A C   1 
ATOM   299  O O   . THR A 1 39  ? -2.452  4.099   9.881   1.00 20.21 ? 437 THR A O   1 
ATOM   300  C CB  . THR A 1 39  ? -0.226  1.671   9.854   1.00 24.29 ? 437 THR A CB  1 
ATOM   301  O OG1 . THR A 1 39  ? 0.892   2.162   10.605  1.00 40.02 ? 437 THR A OG1 1 
ATOM   302  C CG2 . THR A 1 39  ? -0.218  2.265   8.452   1.00 22.34 ? 437 THR A CG2 1 
ATOM   303  N N   . ARG A 1 40  ? -1.360  4.071   11.846  1.00 22.01 ? 438 ARG A N   1 
ATOM   304  C CA  . ARG A 1 40  ? -1.690  5.463   12.161  1.00 21.29 ? 438 ARG A CA  1 
ATOM   305  C C   . ARG A 1 40  ? -0.433  6.310   12.213  1.00 21.52 ? 438 ARG A C   1 
ATOM   306  O O   . ARG A 1 40  ? 0.617   5.828   12.638  1.00 21.14 ? 438 ARG A O   1 
ATOM   307  C CB  . ARG A 1 40  ? -2.433  5.551   13.499  1.00 24.53 ? 438 ARG A CB  1 
ATOM   308  C CG  . ARG A 1 40  ? -3.766  4.816   13.530  1.00 42.87 ? 438 ARG A CG  1 
ATOM   309  C CD  . ARG A 1 40  ? -4.274  4.607   14.959  1.00 53.04 ? 438 ARG A CD  1 
ATOM   310  N NE  . ARG A 1 40  ? -3.765  5.609   15.899  1.00 65.34 ? 438 ARG A NE  1 
ATOM   311  C CZ  . ARG A 1 40  ? -2.898  5.348   16.876  1.00 73.46 ? 438 ARG A CZ  1 
ATOM   312  N NH1 . ARG A 1 40  ? -2.441  4.113   17.048  1.00 66.35 ? 438 ARG A NH1 1 
ATOM   313  N NH2 . ARG A 1 40  ? -2.488  6.319   17.684  1.00 70.42 ? 438 ARG A NH2 1 
ATOM   314  N N   . TYR A 1 41  ? -0.542  7.569   11.791  1.00 18.31 ? 439 TYR A N   1 
ATOM   315  C CA  . TYR A 1 41  ? 0.585   8.496   11.816  1.00 16.92 ? 439 TYR A CA  1 
ATOM   316  C C   . TYR A 1 41  ? 0.183   9.829   12.418  1.00 19.76 ? 439 TYR A C   1 
ATOM   317  O O   . TYR A 1 41  ? -0.973  10.231  12.335  1.00 19.67 ? 439 TYR A O   1 
ATOM   318  C CB  . TYR A 1 41  ? 1.132   8.728   10.412  1.00 17.95 ? 439 TYR A CB  1 
ATOM   319  C CG  . TYR A 1 41  ? 1.618   7.453   9.790   1.00 19.04 ? 439 TYR A CG  1 
ATOM   320  C CD1 . TYR A 1 41  ? 2.865   6.934   10.122  1.00 21.35 ? 439 TYR A CD1 1 
ATOM   321  C CD2 . TYR A 1 41  ? 0.823   6.750   8.896   1.00 18.98 ? 439 TYR A CD2 1 
ATOM   322  C CE1 . TYR A 1 41  ? 3.309   5.744   9.563   1.00 24.11 ? 439 TYR A CE1 1 
ATOM   323  C CE2 . TYR A 1 41  ? 1.260   5.562   8.338   1.00 23.52 ? 439 TYR A CE2 1 
ATOM   324  C CZ  . TYR A 1 41  ? 2.501   5.072   8.674   1.00 21.18 ? 439 TYR A CZ  1 
ATOM   325  O OH  . TYR A 1 41  ? 2.943   3.893   8.123   1.00 30.18 ? 439 TYR A OH  1 
ATOM   326  N N   . GLU A 1 42  ? 1.149   10.526  13.000  1.00 23.35 ? 440 GLU A N   1 
ATOM   327  C CA  . GLU A 1 42  ? 0.883   11.867  13.480  1.00 21.32 ? 440 GLU A CA  1 
ATOM   328  C C   . GLU A 1 42  ? 1.583   12.869  12.580  1.00 24.80 ? 440 GLU A C   1 
ATOM   329  O O   . GLU A 1 42  ? 2.359   12.486  11.703  1.00 20.61 ? 440 GLU A O   1 
ATOM   330  C CB  . GLU A 1 42  ? 1.305   12.010  14.943  1.00 28.35 ? 440 GLU A CB  1 
ATOM   331  C CG  . GLU A 1 42  ? 0.529   11.068  15.891  1.00 37.33 ? 440 GLU A CG  1 
ATOM   332  C CD  . GLU A 1 42  ? -0.993  11.008  15.603  1.00 53.78 ? 440 GLU A CD  1 
ATOM   333  O OE1 . GLU A 1 42  ? -1.606  12.041  15.251  1.00 46.30 ? 440 GLU A OE1 1 
ATOM   334  O OE2 . GLU A 1 42  ? -1.587  9.914   15.730  1.00 62.69 ? 440 GLU A OE2 1 
ATOM   335  N N   . GLU A 1 43  ? 1.279   14.147  12.776  1.00 20.89 ? 441 GLU A N   1 
ATOM   336  C CA  . GLU A 1 43  ? 1.776   15.209  11.910  1.00 17.13 ? 441 GLU A CA  1 
ATOM   337  C C   . GLU A 1 43  ? 3.297   15.213  11.840  1.00 23.45 ? 441 GLU A C   1 
ATOM   338  O O   . GLU A 1 43  ? 3.969   15.219  12.867  1.00 25.96 ? 441 GLU A O   1 
ATOM   339  C CB  . GLU A 1 43  ? 1.281   16.571  12.404  1.00 24.83 ? 441 GLU A CB  1 
ATOM   340  C CG  . GLU A 1 43  ? 1.736   17.751  11.557  1.00 27.86 ? 441 GLU A CG  1 
ATOM   341  C CD  . GLU A 1 43  ? 1.261   19.087  12.120  1.00 59.60 ? 441 GLU A CD  1 
ATOM   342  O OE1 . GLU A 1 43  ? 0.623   19.100  13.202  1.00 56.60 ? 441 GLU A OE1 1 
ATOM   343  O OE2 . GLU A 1 43  ? 1.525   20.127  11.480  1.00 65.29 ? 441 GLU A OE2 1 
ATOM   344  N N   . GLY A 1 44  ? 3.833   15.212  10.624  1.00 22.94 ? 442 GLY A N   1 
ATOM   345  C CA  . GLY A 1 44  ? 5.271   15.235  10.425  1.00 24.14 ? 442 GLY A CA  1 
ATOM   346  C C   . GLY A 1 44  ? 5.965   13.885  10.436  1.00 24.94 ? 442 GLY A C   1 
ATOM   347  O O   . GLY A 1 44  ? 7.160   13.815  10.150  1.00 28.17 ? 442 GLY A O   1 
ATOM   348  N N   . ASP A 1 45  ? 5.246   12.817  10.785  1.00 20.83 ? 443 ASP A N   1 
ATOM   349  C CA  . ASP A 1 45  ? 5.822   11.469  10.736  1.00 20.67 ? 443 ASP A CA  1 
ATOM   350  C C   . ASP A 1 45  ? 6.265   11.110  9.323   1.00 22.62 ? 443 ASP A C   1 
ATOM   351  O O   . ASP A 1 45  ? 5.531   11.345  8.361   1.00 16.30 ? 443 ASP A O   1 
ATOM   352  C CB  . ASP A 1 45  ? 4.823   10.403  11.198  1.00 27.46 ? 443 ASP A CB  1 
ATOM   353  C CG  . ASP A 1 45  ? 4.631   10.377  12.691  1.00 41.91 ? 443 ASP A CG  1 
ATOM   354  O OD1 . ASP A 1 45  ? 5.342   11.122  13.406  1.00 40.88 ? 443 ASP A OD1 1 
ATOM   355  O OD2 . ASP A 1 45  ? 3.769   9.593   13.141  1.00 25.83 ? 443 ASP A OD2 1 
ATOM   356  N N   . TYR A 1 46  ? 7.451   10.524  9.197   1.00 18.86 ? 444 TYR A N   1 
ATOM   357  C CA  . TYR A 1 46  ? 7.863   9.934   7.932   1.00 17.93 ? 444 TYR A CA  1 
ATOM   358  C C   . TYR A 1 46  ? 7.187   8.584   7.743   1.00 19.22 ? 444 TYR A C   1 
ATOM   359  O O   . TYR A 1 46  ? 7.412   7.646   8.501   1.00 24.85 ? 444 TYR A O   1 
ATOM   360  C CB  . TYR A 1 46  ? 9.395   9.789   7.867   1.00 22.88 ? 444 TYR A CB  1 
ATOM   361  C CG  . TYR A 1 46  ? 10.078  11.077  7.491   1.00 22.30 ? 444 TYR A CG  1 
ATOM   362  C CD1 . TYR A 1 46  ? 10.230  12.099  8.421   1.00 31.52 ? 444 TYR A CD1 1 
ATOM   363  C CD2 . TYR A 1 46  ? 10.536  11.295  6.199   1.00 20.22 ? 444 TYR A CD2 1 
ATOM   364  C CE1 . TYR A 1 46  ? 10.838  13.287  8.083   1.00 31.77 ? 444 TYR A CE1 1 
ATOM   365  C CE2 . TYR A 1 46  ? 11.151  12.484  5.853   1.00 27.13 ? 444 TYR A CE2 1 
ATOM   366  C CZ  . TYR A 1 46  ? 11.296  13.475  6.800   1.00 37.77 ? 444 TYR A CZ  1 
ATOM   367  O OH  . TYR A 1 46  ? 11.901  14.662  6.460   1.00 38.61 ? 444 TYR A OH  1 
ATOM   368  N N   . ILE A 1 47  ? 6.321   8.495   6.746   1.00 17.34 ? 445 ILE A N   1 
ATOM   369  C CA  . ILE A 1 47  ? 5.728   7.219   6.407   1.00 9.91  ? 445 ILE A CA  1 
ATOM   370  C C   . ILE A 1 47  ? 6.728   6.408   5.570   1.00 15.43 ? 445 ILE A C   1 
ATOM   371  O O   . ILE A 1 47  ? 6.966   5.232   5.818   1.00 17.66 ? 445 ILE A O   1 
ATOM   372  C CB  . ILE A 1 47  ? 4.419   7.425   5.650   1.00 11.94 ? 445 ILE A CB  1 
ATOM   373  C CG1 . ILE A 1 47  ? 3.481   8.304   6.505   1.00 17.12 ? 445 ILE A CG1 1 
ATOM   374  C CG2 . ILE A 1 47  ? 3.819   6.082   5.291   1.00 13.92 ? 445 ILE A CG2 1 
ATOM   375  C CD1 . ILE A 1 47  ? 2.160   8.630   5.866   1.00 12.11 ? 445 ILE A CD1 1 
ATOM   376  N N   . ILE A 1 48  ? 7.314   7.077   4.590   1.00 15.19 ? 446 ILE A N   1 
ATOM   377  C CA  . ILE A 1 48  ? 8.351   6.521   3.741   1.00 19.36 ? 446 ILE A CA  1 
ATOM   378  C C   . ILE A 1 48  ? 9.563   7.432   3.767   1.00 18.02 ? 446 ILE A C   1 
ATOM   379  O O   . ILE A 1 48  ? 9.423   8.651   3.677   1.00 15.67 ? 446 ILE A O   1 
ATOM   380  C CB  . ILE A 1 48  ? 7.864   6.383   2.301   1.00 13.07 ? 446 ILE A CB  1 
ATOM   381  C CG1 . ILE A 1 48  ? 6.785   5.301   2.211   1.00 10.43 ? 446 ILE A CG1 1 
ATOM   382  C CG2 . ILE A 1 48  ? 9.038   6.095   1.364   1.00 11.55 ? 446 ILE A CG2 1 
ATOM   383  C CD1 . ILE A 1 48  ? 6.242   5.180   0.828   1.00 14.93 ? 446 ILE A CD1 1 
ATOM   384  N N   . GLN A 1 49  ? 10.754  6.850   3.877   1.00 16.16 ? 447 GLN A N   1 
ATOM   385  C CA  . GLN A 1 49  ? 11.968  7.643   3.881   1.00 20.00 ? 447 GLN A CA  1 
ATOM   386  C C   . GLN A 1 49  ? 12.739  7.437   2.572   1.00 18.11 ? 447 GLN A C   1 
ATOM   387  O O   . GLN A 1 49  ? 13.063  6.314   2.209   1.00 14.49 ? 447 GLN A O   1 
ATOM   388  C CB  . GLN A 1 49  ? 12.836  7.276   5.092   1.00 23.37 ? 447 GLN A CB  1 
ATOM   389  C CG  . GLN A 1 49  ? 14.259  7.851   5.041   1.00 38.74 ? 447 GLN A CG  1 
ATOM   390  C CD  . GLN A 1 49  ? 14.292  9.376   5.083   1.00 48.97 ? 447 GLN A CD  1 
ATOM   391  O OE1 . GLN A 1 49  ? 13.802  9.993   6.029   1.00 52.41 ? 447 GLN A OE1 1 
ATOM   392  N NE2 . GLN A 1 49  ? 14.869  9.988   4.050   1.00 41.07 ? 447 GLN A NE2 1 
ATOM   393  N N   . GLU A 1 50  ? 13.015  8.526   1.866   1.00 13.67 ? 448 GLU A N   1 
ATOM   394  C CA  . GLU A 1 50  ? 13.791  8.459   0.636   1.00 17.39 ? 448 GLU A CA  1 
ATOM   395  C C   . GLU A 1 50  ? 15.104  7.709   0.856   1.00 16.42 ? 448 GLU A C   1 
ATOM   396  O O   . GLU A 1 50  ? 15.788  7.921   1.851   1.00 19.77 ? 448 GLU A O   1 
ATOM   397  C CB  . GLU A 1 50  ? 14.079  9.866   0.109   1.00 20.76 ? 448 GLU A CB  1 
ATOM   398  C CG  . GLU A 1 50  ? 14.888  9.906   -1.175  1.00 25.43 ? 448 GLU A CG  1 
ATOM   399  C CD  . GLU A 1 50  ? 15.183  11.331  -1.640  1.00 50.53 ? 448 GLU A CD  1 
ATOM   400  O OE1 . GLU A 1 50  ? 14.720  12.294  -0.978  1.00 41.95 ? 448 GLU A OE1 1 
ATOM   401  O OE2 . GLU A 1 50  ? 15.881  11.484  -2.669  1.00 43.72 ? 448 GLU A OE2 1 
ATOM   402  N N   . GLY A 1 51  ? 15.425  6.797   -0.050  1.00 17.60 ? 449 GLY A N   1 
ATOM   403  C CA  . GLY A 1 51  ? 16.703  6.108   0.013   1.00 20.38 ? 449 GLY A CA  1 
ATOM   404  C C   . GLY A 1 51  ? 16.672  4.767   0.711   1.00 25.78 ? 449 GLY A C   1 
ATOM   405  O O   . GLY A 1 51  ? 17.591  3.965   0.544   1.00 19.53 ? 449 GLY A O   1 
ATOM   406  N N   . GLU A 1 52  ? 15.642  4.519   1.515   1.00 15.39 ? 450 GLU A N   1 
ATOM   407  C CA  . GLU A 1 52  ? 15.481  3.193   2.103   1.00 19.90 ? 450 GLU A CA  1 
ATOM   408  C C   . GLU A 1 52  ? 14.870  2.257   1.073   1.00 18.13 ? 450 GLU A C   1 
ATOM   409  O O   . GLU A 1 52  ? 14.211  2.705   0.138   1.00 19.44 ? 450 GLU A O   1 
ATOM   410  C CB  . GLU A 1 52  ? 14.597  3.230   3.342   1.00 19.92 ? 450 GLU A CB  1 
ATOM   411  C CG  . GLU A 1 52  ? 15.209  3.914   4.534   1.00 27.52 ? 450 GLU A CG  1 
ATOM   412  C CD  . GLU A 1 52  ? 14.288  3.872   5.737   1.00 48.99 ? 450 GLU A CD  1 
ATOM   413  O OE1 . GLU A 1 52  ? 13.145  3.365   5.605   1.00 47.05 ? 450 GLU A OE1 1 
ATOM   414  O OE2 . GLU A 1 52  ? 14.706  4.345   6.814   1.00 55.02 ? 450 GLU A OE2 1 
ATOM   415  N N   . VAL A 1 53  ? 15.074  0.958   1.249   1.00 18.93 ? 451 VAL A N   1 
ATOM   416  C CA  . VAL A 1 53  ? 14.507  -0.006  0.319   1.00 14.67 ? 451 VAL A CA  1 
ATOM   417  C C   . VAL A 1 53  ? 13.047  -0.207  0.702   1.00 16.78 ? 451 VAL A C   1 
ATOM   418  O O   . VAL A 1 53  ? 12.741  -0.554  1.838   1.00 16.66 ? 451 VAL A O   1 
ATOM   419  C CB  . VAL A 1 53  ? 15.276  -1.332  0.340   1.00 15.96 ? 451 VAL A CB  1 
ATOM   420  C CG1 . VAL A 1 53  ? 14.576  -2.380  -0.495  1.00 22.21 ? 451 VAL A CG1 1 
ATOM   421  C CG2 . VAL A 1 53  ? 16.711  -1.107  -0.165  1.00 14.65 ? 451 VAL A CG2 1 
ATOM   422  N N   . GLY A 1 54  ? 12.151  0.041   -0.236  1.00 16.71 ? 452 GLY A N   1 
ATOM   423  C CA  . GLY A 1 54  ? 10.738  -0.042  0.062   1.00 19.95 ? 452 GLY A CA  1 
ATOM   424  C C   . GLY A 1 54  ? 10.243  -1.468  0.105   1.00 16.47 ? 452 GLY A C   1 
ATOM   425  O O   . GLY A 1 54  ? 10.696  -2.330  -0.671  1.00 14.72 ? 452 GLY A O   1 
ATOM   426  N N   . SER A 1 55  ? 9.292   -1.727  0.996   1.00 14.35 ? 453 SER A N   1 
ATOM   427  C CA  . SER A 1 55  ? 8.669   -3.036  1.056   1.00 14.45 ? 453 SER A CA  1 
ATOM   428  C C   . SER A 1 55  ? 7.170   -2.971  1.315   1.00 17.65 ? 453 SER A C   1 
ATOM   429  O O   . SER A 1 55  ? 6.530   -4.009  1.404   1.00 19.89 ? 453 SER A O   1 
ATOM   430  C CB  . SER A 1 55  ? 9.327   -3.897  2.132   1.00 33.62 ? 453 SER A CB  1 
ATOM   431  O OG  . SER A 1 55  ? 9.027   -3.404  3.420   1.00 31.71 ? 453 SER A OG  1 
ATOM   432  N N   . ARG A 1 56  ? 6.607   -1.771  1.417   1.00 11.41 ? 454 ARG A N   1 
ATOM   433  C CA  . ARG A 1 56  ? 5.159   -1.657  1.674   1.00 12.08 ? 454 ARG A CA  1 
ATOM   434  C C   . ARG A 1 56  ? 4.406   -0.836  0.633   1.00 11.13 ? 454 ARG A C   1 
ATOM   435  O O   . ARG A 1 56  ? 4.974   0.013   -0.055  1.00 13.19 ? 454 ARG A O   1 
ATOM   436  C CB  . ARG A 1 56  ? 4.905   -1.046  3.056   1.00 17.59 ? 454 ARG A CB  1 
ATOM   437  C CG  . ARG A 1 56  ? 5.393   -1.887  4.226   1.00 16.89 ? 454 ARG A CG  1 
ATOM   438  C CD  . ARG A 1 56  ? 5.468   -1.048  5.490   1.00 25.87 ? 454 ARG A CD  1 
ATOM   439  N NE  . ARG A 1 56  ? 5.641   -1.874  6.678   1.00 42.47 ? 454 ARG A NE  1 
ATOM   440  C CZ  . ARG A 1 56  ? 5.367   -1.474  7.916   1.00 46.63 ? 454 ARG A CZ  1 
ATOM   441  N NH1 . ARG A 1 56  ? 4.900   -0.251  8.139   1.00 39.05 ? 454 ARG A NH1 1 
ATOM   442  N NH2 . ARG A 1 56  ? 5.544   -2.309  8.935   1.00 52.90 ? 454 ARG A NH2 1 
ATOM   443  N N   . PHE A 1 57  ? 3.107   -1.085  0.551   1.00 8.37  ? 455 PHE A N   1 
ATOM   444  C CA  . PHE A 1 57  ? 2.232   -0.330  -0.322  1.00 9.64  ? 455 PHE A CA  1 
ATOM   445  C C   . PHE A 1 57  ? 1.106   0.231   0.533   1.00 8.49  ? 455 PHE A C   1 
ATOM   446  O O   . PHE A 1 57  ? 0.582   -0.477  1.381   1.00 9.74  ? 455 PHE A O   1 
ATOM   447  C CB  . PHE A 1 57  ? 1.679   -1.228  -1.434  1.00 8.70  ? 455 PHE A CB  1 
ATOM   448  C CG  . PHE A 1 57  ? 0.576   -0.596  -2.208  1.00 12.88 ? 455 PHE A CG  1 
ATOM   449  C CD1 . PHE A 1 57  ? 0.812   0.534   -2.978  1.00 13.61 ? 455 PHE A CD1 1 
ATOM   450  C CD2 . PHE A 1 57  ? -0.701  -1.111  -2.149  1.00 12.93 ? 455 PHE A CD2 1 
ATOM   451  C CE1 . PHE A 1 57  ? -0.218  1.119   -3.696  1.00 12.52 ? 455 PHE A CE1 1 
ATOM   452  C CE2 . PHE A 1 57  ? -1.735  -0.517  -2.851  1.00 18.30 ? 455 PHE A CE2 1 
ATOM   453  C CZ  . PHE A 1 57  ? -1.491  0.589   -3.621  1.00 16.93 ? 455 PHE A CZ  1 
ATOM   454  N N   . TYR A 1 58  ? 0.744   1.489   0.310   1.00 8.42  ? 456 TYR A N   1 
ATOM   455  C CA  . TYR A 1 58  ? -0.166  2.221   1.200   1.00 9.84  ? 456 TYR A CA  1 
ATOM   456  C C   . TYR A 1 58  ? -1.376  2.778   0.471   1.00 14.20 ? 456 TYR A C   1 
ATOM   457  O O   . TYR A 1 58  ? -1.244  3.304   -0.635  1.00 10.56 ? 456 TYR A O   1 
ATOM   458  C CB  . TYR A 1 58  ? 0.546   3.407   1.860   1.00 8.99  ? 456 TYR A CB  1 
ATOM   459  C CG  . TYR A 1 58  ? 1.780   3.071   2.675   1.00 11.14 ? 456 TYR A CG  1 
ATOM   460  C CD1 . TYR A 1 58  ? 3.017   2.924   2.061   1.00 12.82 ? 456 TYR A CD1 1 
ATOM   461  C CD2 . TYR A 1 58  ? 1.708   2.925   4.058   1.00 10.55 ? 456 TYR A CD2 1 
ATOM   462  C CE1 . TYR A 1 58  ? 4.160   2.631   2.798   1.00 13.29 ? 456 TYR A CE1 1 
ATOM   463  C CE2 . TYR A 1 58  ? 2.851   2.629   4.811   1.00 11.33 ? 456 TYR A CE2 1 
ATOM   464  C CZ  . TYR A 1 58  ? 4.067   2.491   4.168   1.00 17.22 ? 456 TYR A CZ  1 
ATOM   465  O OH  . TYR A 1 58  ? 5.197   2.208   4.895   1.00 18.32 ? 456 TYR A OH  1 
ATOM   466  N N   . ILE A 1 59  ? -2.530  2.709   1.128   1.00 8.93  ? 457 ILE A N   1 
ATOM   467  C CA  . ILE A 1 59  ? -3.755  3.346   0.673   1.00 11.98 ? 457 ILE A CA  1 
ATOM   468  C C   . ILE A 1 59  ? -4.261  4.260   1.782   1.00 11.24 ? 457 ILE A C   1 
ATOM   469  O O   . ILE A 1 59  ? -4.374  3.833   2.922   1.00 14.05 ? 457 ILE A O   1 
ATOM   470  C CB  . ILE A 1 59  ? -4.853  2.328   0.342   1.00 10.84 ? 457 ILE A CB  1 
ATOM   471  C CG1 . ILE A 1 59  ? -4.360  1.313   -0.687  1.00 14.95 ? 457 ILE A CG1 1 
ATOM   472  C CG2 . ILE A 1 59  ? -6.123  3.055   -0.127  1.00 13.36 ? 457 ILE A CG2 1 
ATOM   473  C CD1 . ILE A 1 59  ? -5.341  0.182   -0.890  1.00 17.40 ? 457 ILE A CD1 1 
ATOM   474  N N   . ILE A 1 60  ? -4.543  5.510   1.454   1.00 8.62  ? 458 ILE A N   1 
ATOM   475  C CA  . ILE A 1 60  ? -4.947  6.458   2.491   1.00 13.62 ? 458 ILE A CA  1 
ATOM   476  C C   . ILE A 1 60  ? -6.398  6.255   2.871   1.00 16.41 ? 458 ILE A C   1 
ATOM   477  O O   . ILE A 1 60  ? -7.294  6.298   2.024   1.00 14.81 ? 458 ILE A O   1 
ATOM   478  C CB  . ILE A 1 60  ? -4.711  7.904   2.045   1.00 14.30 ? 458 ILE A CB  1 
ATOM   479  C CG1 . ILE A 1 60  ? -3.215  8.101   1.809   1.00 12.59 ? 458 ILE A CG1 1 
ATOM   480  C CG2 . ILE A 1 60  ? -5.229  8.880   3.096   1.00 15.18 ? 458 ILE A CG2 1 
ATOM   481  C CD1 . ILE A 1 60  ? -2.889  9.290   0.943   1.00 18.05 ? 458 ILE A CD1 1 
ATOM   482  N N   . LYS A 1 61  ? -6.615  6.000   4.157   1.00 14.32 ? 459 LYS A N   1 
ATOM   483  C CA  . LYS A 1 61  ? -7.954  5.847   4.697   1.00 15.77 ? 459 LYS A CA  1 
ATOM   484  C C   . LYS A 1 61  ? -8.447  7.197   5.219   1.00 21.93 ? 459 LYS A C   1 
ATOM   485  O O   . LYS A 1 61  ? -9.498  7.694   4.803   1.00 22.84 ? 459 LYS A O   1 
ATOM   486  C CB  . LYS A 1 61  ? -7.962  4.805   5.809   1.00 13.93 ? 459 LYS A CB  1 
ATOM   487  C CG  . LYS A 1 61  ? -9.341  4.572   6.412   1.00 19.78 ? 459 LYS A CG  1 
ATOM   488  C CD  . LYS A 1 61  ? -9.266  3.554   7.546   1.00 25.16 ? 459 LYS A CD  1 
ATOM   489  C CE  . LYS A 1 61  ? -10.612 3.404   8.245   1.00 37.31 ? 459 LYS A CE  1 
ATOM   490  N NZ  . LYS A 1 61  ? -10.503 2.597   9.495   1.00 40.94 ? 459 LYS A NZ  1 
ATOM   491  N N   . ASN A 1 62  ? -7.682  7.791   6.128   1.00 16.10 ? 460 ASN A N   1 
ATOM   492  C CA  . ASN A 1 62  ? -8.003  9.123   6.655   1.00 17.92 ? 460 ASN A CA  1 
ATOM   493  C C   . ASN A 1 62  ? -6.826  10.066  6.508   1.00 17.70 ? 460 ASN A C   1 
ATOM   494  O O   . ASN A 1 62  ? -5.693  9.679   6.769   1.00 16.83 ? 460 ASN A O   1 
ATOM   495  C CB  . ASN A 1 62  ? -8.378  9.064   8.144   1.00 19.86 ? 460 ASN A CB  1 
ATOM   496  C CG  . ASN A 1 62  ? -9.618  8.258   8.406   1.00 30.02 ? 460 ASN A CG  1 
ATOM   497  O OD1 . ASN A 1 62  ? -10.538 8.220   7.590   1.00 32.83 ? 460 ASN A OD1 1 
ATOM   498  N ND2 . ASN A 1 62  ? -9.656  7.606   9.557   1.00 26.65 ? 460 ASN A ND2 1 
ATOM   499  N N   . GLY A 1 63  ? -7.090  11.308  6.112   1.00 18.53 ? 461 GLY A N   1 
ATOM   500  C CA  . GLY A 1 63  ? -6.071  12.343  6.179   1.00 16.80 ? 461 GLY A CA  1 
ATOM   501  C C   . GLY A 1 63  ? -5.384  12.694  4.880   1.00 20.44 ? 461 GLY A C   1 
ATOM   502  O O   . GLY A 1 63  ? -5.933  12.509  3.793   1.00 17.97 ? 461 GLY A O   1 
ATOM   503  N N   . GLU A 1 64  ? -4.171  13.223  4.999   1.00 13.06 ? 462 GLU A N   1 
ATOM   504  C CA  . GLU A 1 64  ? -3.401  13.639  3.841   1.00 15.31 ? 462 GLU A CA  1 
ATOM   505  C C   . GLU A 1 64  ? -1.930  13.382  4.101   1.00 12.57 ? 462 GLU A C   1 
ATOM   506  O O   . GLU A 1 64  ? -1.487  13.398  5.251   1.00 16.00 ? 462 GLU A O   1 
ATOM   507  C CB  . GLU A 1 64  ? -3.614  15.123  3.527   1.00 16.02 ? 462 GLU A CB  1 
ATOM   508  C CG  . GLU A 1 64  ? -4.964  15.444  2.869   1.00 21.33 ? 462 GLU A CG  1 
ATOM   509  C CD  . GLU A 1 64  ? -5.159  16.938  2.646   1.00 44.76 ? 462 GLU A CD  1 
ATOM   510  O OE1 . GLU A 1 64  ? -4.241  17.717  2.990   1.00 36.39 ? 462 GLU A OE1 1 
ATOM   511  O OE2 . GLU A 1 64  ? -6.230  17.331  2.135   1.00 31.14 ? 462 GLU A OE2 1 
ATOM   512  N N   . VAL A 1 65  ? -1.178  13.153  3.028   1.00 13.57 ? 463 VAL A N   1 
ATOM   513  C CA  . VAL A 1 65  ? 0.268   12.989  3.127   1.00 11.40 ? 463 VAL A CA  1 
ATOM   514  C C   . VAL A 1 65  ? 0.917   13.862  2.063   1.00 15.27 ? 463 VAL A C   1 
ATOM   515  O O   . VAL A 1 65  ? 0.273   14.218  1.076   1.00 15.19 ? 463 VAL A O   1 
ATOM   516  C CB  . VAL A 1 65  ? 0.716   11.518  2.919   1.00 12.85 ? 463 VAL A CB  1 
ATOM   517  C CG1 . VAL A 1 65  ? 0.027   10.601  3.899   1.00 16.54 ? 463 VAL A CG1 1 
ATOM   518  C CG2 . VAL A 1 65  ? 0.406   11.076  1.491   1.00 13.31 ? 463 VAL A CG2 1 
ATOM   519  N N   . GLU A 1 66  ? 2.191   14.198  2.240   1.00 15.27 ? 464 GLU A N   1 
ATOM   520  C CA  . GLU A 1 66  ? 2.900   14.871  1.164   1.00 11.23 ? 464 GLU A CA  1 
ATOM   521  C C   . GLU A 1 66  ? 4.114   14.065  0.745   1.00 16.01 ? 464 GLU A C   1 
ATOM   522  O O   . GLU A 1 66  ? 4.815   13.460  1.568   1.00 17.50 ? 464 GLU A O   1 
ATOM   523  C CB  . GLU A 1 66  ? 3.305   16.299  1.572   1.00 21.45 ? 464 GLU A CB  1 
ATOM   524  C CG  . GLU A 1 66  ? 4.108   16.387  2.847   1.00 40.35 ? 464 GLU A CG  1 
ATOM   525  C CD  . GLU A 1 66  ? 4.255   17.824  3.344   1.00 63.49 ? 464 GLU A CD  1 
ATOM   526  O OE1 . GLU A 1 66  ? 3.884   18.751  2.592   1.00 53.62 ? 464 GLU A OE1 1 
ATOM   527  O OE2 . GLU A 1 66  ? 4.735   18.024  4.482   1.00 58.15 ? 464 GLU A OE2 1 
ATOM   528  N N   . ILE A 1 67  ? 4.324   14.033  -0.561  1.00 15.07 ? 465 ILE A N   1 
ATOM   529  C CA  . ILE A 1 67  ? 5.516   13.435  -1.129  1.00 11.21 ? 465 ILE A CA  1 
ATOM   530  C C   . ILE A 1 67  ? 6.579   14.520  -1.169  1.00 17.74 ? 465 ILE A C   1 
ATOM   531  O O   . ILE A 1 67  ? 6.320   15.635  -1.638  1.00 20.83 ? 465 ILE A O   1 
ATOM   532  C CB  . ILE A 1 67  ? 5.246   12.870  -2.520  1.00 15.31 ? 465 ILE A CB  1 
ATOM   533  C CG1 . ILE A 1 67  ? 4.142   11.809  -2.435  1.00 20.24 ? 465 ILE A CG1 1 
ATOM   534  C CG2 . ILE A 1 67  ? 6.525   12.262  -3.109  1.00 19.65 ? 465 ILE A CG2 1 
ATOM   535  C CD1 . ILE A 1 67  ? 3.706   11.289  -3.774  1.00 38.00 ? 465 ILE A CD1 1 
ATOM   536  N N   . VAL A 1 68  ? 7.753   14.208  -0.644  1.00 16.24 ? 466 VAL A N   1 
ATOM   537  C CA  . VAL A 1 68  ? 8.794   15.215  -0.494  1.00 21.30 ? 466 VAL A CA  1 
ATOM   538  C C   . VAL A 1 68  ? 10.107  14.700  -1.055  1.00 25.94 ? 466 VAL A C   1 
ATOM   539  O O   . VAL A 1 68  ? 10.474  13.539  -0.828  1.00 18.76 ? 466 VAL A O   1 
ATOM   540  C CB  . VAL A 1 68  ? 8.978   15.617  0.988   1.00 15.88 ? 466 VAL A CB  1 
ATOM   541  C CG1 . VAL A 1 68  ? 10.101  16.635  1.129   1.00 27.03 ? 466 VAL A CG1 1 
ATOM   542  C CG2 . VAL A 1 68  ? 7.667   16.179  1.559   1.00 19.30 ? 466 VAL A CG2 1 
ATOM   543  N N   . LYS A 1 69  ? 10.797  15.547  -1.813  1.00 18.32 ? 467 LYS A N   1 
ATOM   544  C CA  . LYS A 1 69  ? 12.142  15.224  -2.272  1.00 21.68 ? 467 LYS A CA  1 
ATOM   545  C C   . LYS A 1 69  ? 13.009  16.467  -2.196  1.00 33.33 ? 467 LYS A C   1 
ATOM   546  O O   . LYS A 1 69  ? 12.607  17.532  -2.668  1.00 37.60 ? 467 LYS A O   1 
ATOM   547  C CB  . LYS A 1 69  ? 12.133  14.680  -3.697  1.00 24.75 ? 467 LYS A CB  1 
ATOM   548  C CG  . LYS A 1 69  ? 13.466  14.103  -4.121  1.00 25.21 ? 467 LYS A CG  1 
ATOM   549  C CD  . LYS A 1 69  ? 13.383  13.483  -5.499  1.00 38.79 ? 467 LYS A CD  1 
ATOM   550  C CE  . LYS A 1 69  ? 14.707  12.827  -5.882  1.00 60.12 ? 467 LYS A CE  1 
ATOM   551  N NZ  . LYS A 1 69  ? 14.596  11.979  -7.107  1.00 67.66 ? 467 LYS A NZ  1 
ATOM   552  N N   . ASN A 1 70  ? 14.189  16.323  -1.599  1.00 45.84 ? 468 ASN A N   1 
ATOM   553  C CA  . ASN A 1 70  ? 15.104  17.445  -1.415  1.00 47.46 ? 468 ASN A CA  1 
ATOM   554  C C   . ASN A 1 70  ? 14.403  18.593  -0.698  1.00 49.04 ? 468 ASN A C   1 
ATOM   555  O O   . ASN A 1 70  ? 14.484  19.750  -1.115  1.00 51.26 ? 468 ASN A O   1 
ATOM   556  C CB  . ASN A 1 70  ? 15.657  17.909  -2.760  1.00 42.88 ? 468 ASN A CB  1 
ATOM   557  C CG  . ASN A 1 70  ? 16.388  16.806  -3.493  1.00 53.39 ? 468 ASN A CG  1 
ATOM   558  O OD1 . ASN A 1 70  ? 17.077  15.993  -2.879  1.00 55.72 ? 468 ASN A OD1 1 
ATOM   559  N ND2 . ASN A 1 70  ? 16.233  16.765  -4.812  1.00 57.15 ? 468 ASN A ND2 1 
ATOM   560  N N   . LYS A 1 71  ? 13.681  18.242  0.363   1.00 41.45 ? 469 LYS A N   1 
ATOM   561  C CA  . LYS A 1 71  ? 12.946  19.190  1.192   1.00 45.55 ? 469 LYS A CA  1 
ATOM   562  C C   . LYS A 1 71  ? 11.874  19.966  0.430   1.00 47.88 ? 469 LYS A C   1 
ATOM   563  O O   . LYS A 1 71  ? 11.282  20.899  0.964   1.00 59.18 ? 469 LYS A O   1 
ATOM   564  C CB  . LYS A 1 71  ? 13.917  20.165  1.858   1.00 53.01 ? 469 LYS A CB  1 
ATOM   565  C CG  . LYS A 1 71  ? 14.963  19.492  2.724   1.00 44.87 ? 469 LYS A CG  1 
ATOM   566  C CD  . LYS A 1 71  ? 16.122  20.438  2.985   1.00 71.42 ? 469 LYS A CD  1 
ATOM   567  C CE  . LYS A 1 71  ? 16.721  20.935  1.674   1.00 67.80 ? 469 LYS A CE  1 
ATOM   568  N NZ  . LYS A 1 71  ? 17.822  21.921  1.875   1.00 82.07 ? 469 LYS A NZ  1 
ATOM   569  N N   . LYS A 1 72  ? 11.621  19.581  -0.815  1.00 34.63 ? 470 LYS A N   1 
ATOM   570  C CA  . LYS A 1 72  ? 10.582  20.220  -1.606  1.00 31.15 ? 470 LYS A CA  1 
ATOM   571  C C   . LYS A 1 72  ? 9.346   19.325  -1.688  1.00 43.22 ? 470 LYS A C   1 
ATOM   572  O O   . LYS A 1 72  ? 9.454   18.132  -2.004  1.00 32.78 ? 470 LYS A O   1 
ATOM   573  C CB  . LYS A 1 72  ? 11.098  20.541  -3.010  1.00 42.02 ? 470 LYS A CB  1 
ATOM   574  C CG  . LYS A 1 72  ? 10.169  21.426  -3.826  1.00 60.12 ? 470 LYS A CG  1 
ATOM   575  C CD  . LYS A 1 72  ? 10.680  21.613  -5.245  1.00 66.26 ? 470 LYS A CD  1 
ATOM   576  C CE  . LYS A 1 72  ? 10.642  20.304  -6.022  1.00 69.05 ? 470 LYS A CE  1 
ATOM   577  N NZ  . LYS A 1 72  ? 11.141  20.454  -7.422  1.00 68.25 ? 470 LYS A NZ  1 
ATOM   578  N N   . ARG A 1 73  ? 8.176   19.892  -1.403  1.00 33.55 ? 471 ARG A N   1 
ATOM   579  C CA  . ARG A 1 73  ? 6.932   19.147  -1.570  1.00 46.01 ? 471 ARG A CA  1 
ATOM   580  C C   . ARG A 1 73  ? 6.624   18.947  -3.046  1.00 47.28 ? 471 ARG A C   1 
ATOM   581  O O   . ARG A 1 73  ? 6.596   19.905  -3.815  1.00 42.38 ? 471 ARG A O   1 
ATOM   582  C CB  . ARG A 1 73  ? 5.756   19.856  -0.894  1.00 36.46 ? 471 ARG A CB  1 
ATOM   583  C CG  . ARG A 1 73  ? 4.450   19.068  -1.012  1.00 54.81 ? 471 ARG A CG  1 
ATOM   584  C CD  . ARG A 1 73  ? 3.239   19.806  -0.441  1.00 55.39 ? 471 ARG A CD  1 
ATOM   585  N NE  . ARG A 1 73  ? 2.722   20.838  -1.342  1.00 76.60 ? 471 ARG A NE  1 
ATOM   586  C CZ  . ARG A 1 73  ? 1.816   20.628  -2.297  1.00 79.08 ? 471 ARG A CZ  1 
ATOM   587  N NH1 . ARG A 1 73  ? 1.318   19.414  -2.497  1.00 69.24 ? 471 ARG A NH1 1 
ATOM   588  N NH2 . ARG A 1 73  ? 1.408   21.635  -3.059  1.00 81.27 ? 471 ARG A NH2 1 
ATOM   589  N N   . LEU A 1 74  ? 6.387   17.699  -3.435  1.00 29.56 ? 472 LEU A N   1 
ATOM   590  C CA  . LEU A 1 74  ? 6.073   17.373  -4.822  1.00 23.87 ? 472 LEU A CA  1 
ATOM   591  C C   . LEU A 1 74  ? 4.568   17.296  -5.077  1.00 44.72 ? 472 LEU A C   1 
ATOM   592  O O   . LEU A 1 74  ? 4.093   17.703  -6.140  1.00 39.16 ? 472 LEU A O   1 
ATOM   593  C CB  . LEU A 1 74  ? 6.730   16.051  -5.210  1.00 33.84 ? 472 LEU A CB  1 
ATOM   594  C CG  . LEU A 1 74  ? 8.231   16.000  -4.947  1.00 36.23 ? 472 LEU A CG  1 
ATOM   595  C CD1 . LEU A 1 74  ? 8.787   14.659  -5.350  1.00 28.74 ? 472 LEU A CD1 1 
ATOM   596  C CD2 . LEU A 1 74  ? 8.931   17.113  -5.693  1.00 37.36 ? 472 LEU A CD2 1 
ATOM   597  N N   . ARG A 1 75  ? 3.830   16.750  -4.110  1.00 29.14 ? 473 ARG A N   1 
ATOM   598  C CA  . ARG A 1 75  ? 2.368   16.727  -4.175  1.00 37.08 ? 473 ARG A CA  1 
ATOM   599  C C   . ARG A 1 75  ? 1.729   16.257  -2.874  1.00 31.80 ? 473 ARG A C   1 
ATOM   600  O O   . ARG A 1 75  ? 2.391   15.702  -1.997  1.00 22.73 ? 473 ARG A O   1 
ATOM   601  C CB  . ARG A 1 75  ? 1.878   15.847  -5.332  1.00 34.67 ? 473 ARG A CB  1 
ATOM   602  C CG  . ARG A 1 75  ? 2.449   14.458  -5.374  1.00 42.59 ? 473 ARG A CG  1 
ATOM   603  C CD  . ARG A 1 75  ? 1.893   13.688  -6.566  1.00 50.23 ? 473 ARG A CD  1 
ATOM   604  N NE  . ARG A 1 75  ? 2.231   12.268  -6.502  1.00 72.60 ? 473 ARG A NE  1 
ATOM   605  C CZ  . ARG A 1 75  ? 1.416   11.286  -6.882  1.00 84.10 ? 473 ARG A CZ  1 
ATOM   606  N NH1 . ARG A 1 75  ? 0.210   11.572  -7.363  1.00 83.12 ? 473 ARG A NH1 1 
ATOM   607  N NH2 . ARG A 1 75  ? 1.804   10.018  -6.782  1.00 64.67 ? 473 ARG A NH2 1 
ATOM   608  N N   . THR A 1 76  ? 0.429   16.500  -2.767  1.00 24.32 ? 474 THR A N   1 
ATOM   609  C CA  . THR A 1 76  ? -0.347  16.077  -1.615  1.00 23.35 ? 474 THR A CA  1 
ATOM   610  C C   . THR A 1 76  ? -1.322  14.995  -2.050  1.00 25.76 ? 474 THR A C   1 
ATOM   611  O O   . THR A 1 76  ? -1.929  15.087  -3.117  1.00 29.60 ? 474 THR A O   1 
ATOM   612  C CB  . THR A 1 76  ? -1.118  17.254  -0.984  1.00 27.01 ? 474 THR A CB  1 
ATOM   613  O OG1 . THR A 1 76  ? -0.187  18.223  -0.491  1.00 29.17 ? 474 THR A OG1 1 
ATOM   614  C CG2 . THR A 1 76  ? -2.007  16.777  0.157   1.00 26.89 ? 474 THR A CG2 1 
ATOM   615  N N   . LEU A 1 77  ? -1.439  13.954  -1.236  1.00 15.38 ? 475 LEU A N   1 
ATOM   616  C CA  . LEU A 1 77  ? -2.358  12.860  -1.508  1.00 22.59 ? 475 LEU A CA  1 
ATOM   617  C C   . LEU A 1 77  ? -3.362  12.797  -0.380  1.00 18.18 ? 475 LEU A C   1 
ATOM   618  O O   . LEU A 1 77  ? -3.004  13.028  0.774   1.00 17.91 ? 475 LEU A O   1 
ATOM   619  C CB  . LEU A 1 77  ? -1.614  11.517  -1.633  1.00 13.43 ? 475 LEU A CB  1 
ATOM   620  C CG  . LEU A 1 77  ? -0.520  11.447  -2.694  1.00 20.62 ? 475 LEU A CG  1 
ATOM   621  C CD1 . LEU A 1 77  ? 0.141   10.068  -2.680  1.00 23.60 ? 475 LEU A CD1 1 
ATOM   622  C CD2 . LEU A 1 77  ? -1.109  11.739  -4.056  1.00 27.14 ? 475 LEU A CD2 1 
ATOM   623  N N   . GLY A 1 78  ? -4.610  12.473  -0.708  1.00 17.30 ? 476 GLY A N   1 
ATOM   624  C CA  . GLY A 1 78  ? -5.672  12.431  0.282   1.00 18.91 ? 476 GLY A CA  1 
ATOM   625  C C   . GLY A 1 78  ? -6.442  11.127  0.281   1.00 24.35 ? 476 GLY A C   1 
ATOM   626  O O   . GLY A 1 78  ? -5.983  10.126  -0.270  1.00 17.80 ? 476 GLY A O   1 
ATOM   627  N N   . LYS A 1 79  ? -7.619  11.149  0.898   1.00 14.46 ? 477 LYS A N   1 
ATOM   628  C CA  . LYS A 1 79  ? -8.437  9.955   1.096   1.00 15.54 ? 477 LYS A CA  1 
ATOM   629  C C   . LYS A 1 79  ? -8.584  9.117   -0.172  1.00 19.91 ? 477 LYS A C   1 
ATOM   630  O O   . LYS A 1 79  ? -8.854  9.657   -1.234  1.00 16.98 ? 477 LYS A O   1 
ATOM   631  C CB  . LYS A 1 79  ? -9.819  10.366  1.612   1.00 16.82 ? 477 LYS A CB  1 
ATOM   632  C CG  . LYS A 1 79  ? -10.771 9.207   1.853   1.00 18.11 ? 477 LYS A CG  1 
ATOM   633  C CD  . LYS A 1 79  ? -12.170 9.750   2.182   1.00 24.16 ? 477 LYS A CD  1 
ATOM   634  C CE  . LYS A 1 79  ? -13.177 8.642   2.460   1.00 30.05 ? 477 LYS A CE  1 
ATOM   635  N NZ  . LYS A 1 79  ? -12.784 7.840   3.652   1.00 45.71 ? 477 LYS A NZ  1 
ATOM   636  N N   . ASN A 1 80  ? -8.372  7.805   -0.033  1.00 18.13 ? 478 ASN A N   1 
ATOM   637  C CA  . ASN A 1 80  ? -8.422  6.814   -1.109  1.00 19.85 ? 478 ASN A CA  1 
ATOM   638  C C   . ASN A 1 80  ? -7.291  6.888   -2.156  1.00 19.56 ? 478 ASN A C   1 
ATOM   639  O O   . ASN A 1 80  ? -7.222  6.048   -3.058  1.00 19.04 ? 478 ASN A O   1 
ATOM   640  C CB  . ASN A 1 80  ? -9.775  6.871   -1.827  1.00 23.86 ? 478 ASN A CB  1 
ATOM   641  C CG  . ASN A 1 80  ? -10.948 6.597   -0.898  1.00 27.36 ? 478 ASN A CG  1 
ATOM   642  O OD1 . ASN A 1 80  ? -10.789 6.004   0.169   1.00 43.14 ? 478 ASN A OD1 1 
ATOM   643  N ND2 . ASN A 1 80  ? -12.133 7.037   -1.300  1.00 39.27 ? 478 ASN A ND2 1 
ATOM   644  N N   . ASP A 1 81  ? -6.389  7.858   -2.035  1.00 17.70 ? 479 ASP A N   1 
ATOM   645  C CA  . ASP A 1 81  ? -5.187  7.836   -2.861  1.00 14.00 ? 479 ASP A CA  1 
ATOM   646  C C   . ASP A 1 81  ? -4.255  6.768   -2.316  1.00 15.63 ? 479 ASP A C   1 
ATOM   647  O O   . ASP A 1 81  ? -4.479  6.231   -1.238  1.00 16.10 ? 479 ASP A O   1 
ATOM   648  C CB  . ASP A 1 81  ? -4.465  9.187   -2.892  1.00 13.42 ? 479 ASP A CB  1 
ATOM   649  C CG  . ASP A 1 81  ? -5.254  10.252  -3.633  1.00 36.12 ? 479 ASP A CG  1 
ATOM   650  O OD1 . ASP A 1 81  ? -5.976  9.892   -4.598  1.00 32.01 ? 479 ASP A OD1 1 
ATOM   651  O OD2 . ASP A 1 81  ? -5.155  11.443  -3.254  1.00 27.55 ? 479 ASP A OD2 1 
ATOM   652  N N   . TYR A 1 82  ? -3.203  6.468   -3.064  1.00 12.67 ? 480 TYR A N   1 
ATOM   653  C CA  . TYR A 1 82  ? -2.322  5.374   -2.678  1.00 15.89 ? 480 TYR A CA  1 
ATOM   654  C C   . TYR A 1 82  ? -0.899  5.674   -3.144  1.00 14.25 ? 480 TYR A C   1 
ATOM   655  O O   . TYR A 1 82  ? -0.692  6.509   -4.034  1.00 14.81 ? 480 TYR A O   1 
ATOM   656  C CB  . TYR A 1 82  ? -2.833  4.049   -3.258  1.00 14.55 ? 480 TYR A CB  1 
ATOM   657  C CG  . TYR A 1 82  ? -3.130  4.140   -4.730  1.00 27.49 ? 480 TYR A CG  1 
ATOM   658  C CD1 . TYR A 1 82  ? -2.126  3.966   -5.671  1.00 29.99 ? 480 TYR A CD1 1 
ATOM   659  C CD2 . TYR A 1 82  ? -4.415  4.425   -5.183  1.00 34.11 ? 480 TYR A CD2 1 
ATOM   660  C CE1 . TYR A 1 82  ? -2.391  4.056   -7.025  1.00 35.11 ? 480 TYR A CE1 1 
ATOM   661  C CE2 . TYR A 1 82  ? -4.688  4.518   -6.535  1.00 31.48 ? 480 TYR A CE2 1 
ATOM   662  C CZ  . TYR A 1 82  ? -3.670  4.336   -7.451  1.00 36.30 ? 480 TYR A CZ  1 
ATOM   663  O OH  . TYR A 1 82  ? -3.935  4.432   -8.801  1.00 44.60 ? 480 TYR A OH  1 
ATOM   664  N N   . PHE A 1 83  ? 0.090   5.023   -2.544  1.00 12.36 ? 481 PHE A N   1 
ATOM   665  C CA  . PHE A 1 83  ? 1.456   5.346   -2.916  1.00 12.66 ? 481 PHE A CA  1 
ATOM   666  C C   . PHE A 1 83  ? 2.382   4.195   -2.555  1.00 10.14 ? 481 PHE A C   1 
ATOM   667  O O   . PHE A 1 83  ? 2.087   3.408   -1.666  1.00 11.57 ? 481 PHE A O   1 
ATOM   668  C CB  . PHE A 1 83  ? 1.917   6.659   -2.246  1.00 14.26 ? 481 PHE A CB  1 
ATOM   669  C CG  . PHE A 1 83  ? 1.745   6.682   -0.753  1.00 15.11 ? 481 PHE A CG  1 
ATOM   670  C CD1 . PHE A 1 83  ? 0.561   7.138   -0.178  1.00 12.10 ? 481 PHE A CD1 1 
ATOM   671  C CD2 . PHE A 1 83  ? 2.770   6.256   0.079   1.00 13.89 ? 481 PHE A CD2 1 
ATOM   672  C CE1 . PHE A 1 83  ? 0.395   7.154   1.210   1.00 13.77 ? 481 PHE A CE1 1 
ATOM   673  C CE2 . PHE A 1 83  ? 2.614   6.270   1.458   1.00 14.48 ? 481 PHE A CE2 1 
ATOM   674  C CZ  . PHE A 1 83  ? 1.415   6.719   2.029   1.00 7.33  ? 481 PHE A CZ  1 
ATOM   675  N N   . GLY A 1 84  ? 3.487   4.091   -3.278  1.00 8.73  ? 482 GLY A N   1 
ATOM   676  C CA  . GLY A 1 84  ? 4.505   3.104   -2.970  1.00 14.73 ? 482 GLY A CA  1 
ATOM   677  C C   . GLY A 1 84  ? 4.424   1.817   -3.767  1.00 15.29 ? 482 GLY A C   1 
ATOM   678  O O   . GLY A 1 84  ? 5.105   0.858   -3.430  1.00 12.02 ? 482 GLY A O   1 
ATOM   679  N N   . GLU A 1 85  ? 3.616   1.792   -4.828  1.00 11.99 ? 483 GLU A N   1 
ATOM   680  C CA  . GLU A 1 85  ? 3.299   0.533   -5.507  1.00 14.77 ? 483 GLU A CA  1 
ATOM   681  C C   . GLU A 1 85  ? 4.496   -0.218  -6.077  1.00 13.93 ? 483 GLU A C   1 
ATOM   682  O O   . GLU A 1 85  ? 4.469   -1.441  -6.144  1.00 20.86 ? 483 GLU A O   1 
ATOM   683  C CB  . GLU A 1 85  ? 2.298   0.766   -6.635  1.00 18.65 ? 483 GLU A CB  1 
ATOM   684  C CG  . GLU A 1 85  ? 2.709   1.788   -7.682  1.00 31.66 ? 483 GLU A CG  1 
ATOM   685  C CD  . GLU A 1 85  ? 1.488   2.339   -8.437  1.00 50.37 ? 483 GLU A CD  1 
ATOM   686  O OE1 . GLU A 1 85  ? 1.561   2.569   -9.665  1.00 35.54 ? 483 GLU A OE1 1 
ATOM   687  O OE2 . GLU A 1 85  ? 0.441   2.537   -7.790  1.00 48.01 ? 483 GLU A OE2 1 
ATOM   688  N N   . ARG A 1 86  ? 5.535   0.500   -6.484  1.00 14.68 ? 484 ARG A N   1 
ATOM   689  C CA  . ARG A 1 86  ? 6.716   -0.167  -7.054  1.00 13.58 ? 484 ARG A CA  1 
ATOM   690  C C   . ARG A 1 86  ? 7.337   -1.172  -6.094  1.00 14.51 ? 484 ARG A C   1 
ATOM   691  O O   . ARG A 1 86  ? 7.916   -2.158  -6.530  1.00 17.76 ? 484 ARG A O   1 
ATOM   692  C CB  . ARG A 1 86  ? 7.759   0.858   -7.501  1.00 16.76 ? 484 ARG A CB  1 
ATOM   693  C CG  . ARG A 1 86  ? 7.421   1.431   -8.872  1.00 23.32 ? 484 ARG A CG  1 
ATOM   694  C CD  . ARG A 1 86  ? 8.518   2.312   -9.409  1.00 26.20 ? 484 ARG A CD  1 
ATOM   695  N NE  . ARG A 1 86  ? 9.776   1.603   -9.628  1.00 31.54 ? 484 ARG A NE  1 
ATOM   696  C CZ  . ARG A 1 86  ? 10.154  1.097   -10.799 1.00 36.61 ? 484 ARG A CZ  1 
ATOM   697  N NH1 . ARG A 1 86  ? 9.359   1.200   -11.855 1.00 37.07 ? 484 ARG A NH1 1 
ATOM   698  N NH2 . ARG A 1 86  ? 11.325  0.485   -10.913 1.00 37.14 ? 484 ARG A NH2 1 
ATOM   699  N N   . ALA A 1 87  ? 7.182   -0.949  -4.791  1.00 10.47 ? 485 ALA A N   1 
ATOM   700  C CA  . ALA A 1 87  ? 7.771   -1.849  -3.795  1.00 14.45 ? 485 ALA A CA  1 
ATOM   701  C C   . ALA A 1 87  ? 7.172   -3.255  -3.857  1.00 18.18 ? 485 ALA A C   1 
ATOM   702  O O   . ALA A 1 87  ? 7.783   -4.211  -3.377  1.00 20.75 ? 485 ALA A O   1 
ATOM   703  C CB  . ALA A 1 87  ? 7.599   -1.284  -2.397  1.00 17.33 ? 485 ALA A CB  1 
ATOM   704  N N   . LEU A 1 88  ? 5.985   -3.382  -4.432  1.00 15.07 ? 486 LEU A N   1 
ATOM   705  C CA  . LEU A 1 88  ? 5.347   -4.698  -4.540  1.00 21.61 ? 486 LEU A CA  1 
ATOM   706  C C   . LEU A 1 88  ? 5.953   -5.574  -5.641  1.00 29.92 ? 486 LEU A C   1 
ATOM   707  O O   . LEU A 1 88  ? 5.715   -6.781  -5.666  1.00 33.89 ? 486 LEU A O   1 
ATOM   708  C CB  . LEU A 1 88  ? 3.846   -4.552  -4.778  1.00 18.49 ? 486 LEU A CB  1 
ATOM   709  C CG  . LEU A 1 88  ? 3.041   -3.921  -3.638  1.00 17.75 ? 486 LEU A CG  1 
ATOM   710  C CD1 . LEU A 1 88  ? 1.556   -4.040  -3.879  1.00 14.94 ? 486 LEU A CD1 1 
ATOM   711  C CD2 . LEU A 1 88  ? 3.405   -4.530  -2.301  1.00 20.92 ? 486 LEU A CD2 1 
ATOM   712  N N   . LEU A 1 89  ? 6.715   -4.980  -6.557  1.00 15.93 ? 487 LEU A N   1 
ATOM   713  C CA  . LEU A 1 89  ? 7.375   -5.768  -7.615  1.00 17.05 ? 487 LEU A CA  1 
ATOM   714  C C   . LEU A 1 89  ? 8.901   -5.689  -7.543  1.00 21.09 ? 487 LEU A C   1 
ATOM   715  O O   . LEU A 1 89  ? 9.593   -6.695  -7.640  1.00 18.70 ? 487 LEU A O   1 
ATOM   716  C CB  . LEU A 1 89  ? 6.908   -5.306  -9.005  1.00 19.11 ? 487 LEU A CB  1 
ATOM   717  C CG  . LEU A 1 89  ? 7.529   -6.038  -10.209 1.00 30.75 ? 487 LEU A CG  1 
ATOM   718  C CD1 . LEU A 1 89  ? 7.020   -7.474  -10.328 1.00 23.87 ? 487 LEU A CD1 1 
ATOM   719  C CD2 . LEU A 1 89  ? 7.280   -5.284  -11.496 1.00 30.20 ? 487 LEU A CD2 1 
ATOM   720  N N   . TYR A 1 90  ? 9.410   -4.481  -7.378  1.00 19.88 ? 488 TYR A N   1 
ATOM   721  C CA  . TYR A 1 90  ? 10.846  -4.207  -7.409  1.00 21.48 ? 488 TYR A CA  1 
ATOM   722  C C   . TYR A 1 90  ? 11.469  -4.041  -6.008  1.00 23.01 ? 488 TYR A C   1 
ATOM   723  O O   . TYR A 1 90  ? 10.826  -3.545  -5.086  1.00 20.43 ? 488 TYR A O   1 
ATOM   724  C CB  . TYR A 1 90  ? 11.111  -2.935  -8.217  1.00 21.39 ? 488 TYR A CB  1 
ATOM   725  C CG  . TYR A 1 90  ? 10.617  -2.915  -9.654  1.00 23.55 ? 488 TYR A CG  1 
ATOM   726  C CD1 . TYR A 1 90  ? 11.287  -3.606  -10.654 1.00 37.05 ? 488 TYR A CD1 1 
ATOM   727  C CD2 . TYR A 1 90  ? 9.512   -2.162  -10.016 1.00 28.40 ? 488 TYR A CD2 1 
ATOM   728  C CE1 . TYR A 1 90  ? 10.847  -3.568  -11.976 1.00 31.83 ? 488 TYR A CE1 1 
ATOM   729  C CE2 . TYR A 1 90  ? 9.064   -2.114  -11.329 1.00 29.40 ? 488 TYR A CE2 1 
ATOM   730  C CZ  . TYR A 1 90  ? 9.739   -2.813  -12.306 1.00 23.41 ? 488 TYR A CZ  1 
ATOM   731  O OH  . TYR A 1 90  ? 9.301   -2.754  -13.610 1.00 34.45 ? 488 TYR A OH  1 
ATOM   732  N N   . ASP A 1 91  ? 12.729  -4.441  -5.865  1.00 23.63 ? 489 ASP A N   1 
ATOM   733  C CA  . ASP A 1 91  ? 13.511  -4.192  -4.650  1.00 23.74 ? 489 ASP A CA  1 
ATOM   734  C C   . ASP A 1 91  ? 14.476  -3.047  -4.926  1.00 21.71 ? 489 ASP A C   1 
ATOM   735  O O   . ASP A 1 91  ? 15.540  -3.263  -5.488  1.00 22.56 ? 489 ASP A O   1 
ATOM   736  C CB  . ASP A 1 91  ? 14.274  -5.452  -4.236  1.00 38.37 ? 489 ASP A CB  1 
ATOM   737  C CG  . ASP A 1 91  ? 14.261  -5.684  -2.740  1.00 58.92 ? 489 ASP A CG  1 
ATOM   738  O OD1 . ASP A 1 91  ? 13.361  -5.139  -2.064  1.00 73.68 ? 489 ASP A OD1 1 
ATOM   739  O OD2 . ASP A 1 91  ? 15.144  -6.421  -2.245  1.00 68.00 ? 489 ASP A OD2 1 
ATOM   740  N N   . GLU A 1 92  ? 14.100  -1.828  -4.558  1.00 14.60 ? 490 GLU A N   1 
ATOM   741  C CA  A GLU A 1 92  ? 14.857  -0.644  -4.950  0.47 20.32 ? 490 GLU A CA  1 
ATOM   742  C CA  B GLU A 1 92  ? 14.867  -0.649  -4.946  0.53 20.32 ? 490 GLU A CA  1 
ATOM   743  C C   . GLU A 1 92  ? 14.730  0.453   -3.895  1.00 17.38 ? 490 GLU A C   1 
ATOM   744  O O   . GLU A 1 92  ? 13.768  0.460   -3.131  1.00 16.60 ? 490 GLU A O   1 
ATOM   745  C CB  A GLU A 1 92  ? 14.358  -0.133  -6.306  0.47 25.81 ? 490 GLU A CB  1 
ATOM   746  C CB  B GLU A 1 92  ? 14.405  -0.137  -6.323  0.53 25.84 ? 490 GLU A CB  1 
ATOM   747  C CG  A GLU A 1 92  ? 12.901  0.316   -6.286  0.47 22.09 ? 490 GLU A CG  1 
ATOM   748  C CG  B GLU A 1 92  ? 14.790  -1.036  -7.499  0.53 25.42 ? 490 GLU A CG  1 
ATOM   749  C CD  A GLU A 1 92  ? 12.342  0.561   -7.673  0.47 25.60 ? 490 GLU A CD  1 
ATOM   750  C CD  B GLU A 1 92  ? 14.329  -0.503  -8.845  0.53 34.03 ? 490 GLU A CD  1 
ATOM   751  O OE1 A GLU A 1 92  ? 13.061  0.290   -8.657  0.47 34.60 ? 490 GLU A OE1 1 
ATOM   752  O OE1 B GLU A 1 92  ? 13.740  0.598   -8.884  0.53 36.39 ? 490 GLU A OE1 1 
ATOM   753  O OE2 A GLU A 1 92  ? 11.186  1.024   -7.781  0.47 25.79 ? 490 GLU A OE2 1 
ATOM   754  O OE2 B GLU A 1 92  ? 14.560  -1.193  -9.865  0.53 21.67 ? 490 GLU A OE2 1 
ATOM   755  N N   . PRO A 1 93  ? 15.700  1.391   -3.848  1.00 17.10 ? 491 PRO A N   1 
ATOM   756  C CA  . PRO A 1 93  ? 15.592  2.500   -2.887  1.00 12.44 ? 491 PRO A CA  1 
ATOM   757  C C   . PRO A 1 93  ? 14.414  3.419   -3.197  1.00 15.19 ? 491 PRO A C   1 
ATOM   758  O O   . PRO A 1 93  ? 14.114  3.649   -4.368  1.00 15.54 ? 491 PRO A O   1 
ATOM   759  C CB  . PRO A 1 93  ? 16.918  3.264   -3.062  1.00 15.21 ? 491 PRO A CB  1 
ATOM   760  C CG  . PRO A 1 93  ? 17.832  2.279   -3.726  1.00 18.31 ? 491 PRO A CG  1 
ATOM   761  C CD  . PRO A 1 93  ? 16.967  1.454   -4.602  1.00 17.64 ? 491 PRO A CD  1 
ATOM   762  N N   . ARG A 1 94  ? 13.753  3.933   -2.163  1.00 16.17 ? 492 ARG A N   1 
ATOM   763  C CA  . ARG A 1 94  ? 12.642  4.869   -2.378  1.00 16.27 ? 492 ARG A CA  1 
ATOM   764  C C   . ARG A 1 94  ? 13.157  6.156   -3.015  1.00 15.72 ? 492 ARG A C   1 
ATOM   765  O O   . ARG A 1 94  ? 14.204  6.674   -2.618  1.00 18.71 ? 492 ARG A O   1 
ATOM   766  C CB  . ARG A 1 94  ? 11.922  5.176   -1.062  1.00 14.97 ? 492 ARG A CB  1 
ATOM   767  C CG  . ARG A 1 94  ? 11.164  3.993   -0.478  1.00 10.28 ? 492 ARG A CG  1 
ATOM   768  C CD  . ARG A 1 94  ? 9.937   3.663   -1.352  1.00 13.56 ? 492 ARG A CD  1 
ATOM   769  N NE  . ARG A 1 94  ? 8.969   2.844   -0.633  1.00 14.37 ? 492 ARG A NE  1 
ATOM   770  C CZ  . ARG A 1 94  ? 7.907   2.279   -1.196  1.00 14.00 ? 492 ARG A CZ  1 
ATOM   771  N NH1 . ARG A 1 94  ? 7.094   1.564   -0.456  1.00 13.71 ? 492 ARG A NH1 1 
ATOM   772  N NH2 . ARG A 1 94  ? 7.683   2.403   -2.499  1.00 13.59 ? 492 ARG A NH2 1 
ATOM   773  N N   . THR A 1 95  ? 12.429  6.656   -4.011  1.00 16.54 ? 493 THR A N   1 
ATOM   774  C CA  . THR A 1 95  ? 12.859  7.827   -4.766  1.00 18.45 ? 493 THR A CA  1 
ATOM   775  C C   . THR A 1 95  ? 12.442  9.147   -4.102  1.00 19.65 ? 493 THR A C   1 
ATOM   776  O O   . THR A 1 95  ? 12.862  10.219  -4.523  1.00 20.70 ? 493 THR A O   1 
ATOM   777  C CB  . THR A 1 95  ? 12.313  7.795   -6.214  1.00 21.93 ? 493 THR A CB  1 
ATOM   778  O OG1 . THR A 1 95  ? 10.880  7.748   -6.200  1.00 22.57 ? 493 THR A OG1 1 
ATOM   779  C CG2 . THR A 1 95  ? 12.858  6.577   -6.958  1.00 26.05 ? 493 THR A CG2 1 
ATOM   780  N N   . ALA A 1 96  ? 11.623  9.063   -3.063  1.00 16.11 ? 494 ALA A N   1 
ATOM   781  C CA  . ALA A 1 96  ? 11.197  10.254  -2.337  1.00 17.89 ? 494 ALA A CA  1 
ATOM   782  C C   . ALA A 1 96  ? 10.736  9.847   -0.970  1.00 16.54 ? 494 ALA A C   1 
ATOM   783  O O   . ALA A 1 96  ? 10.661  8.663   -0.663  1.00 15.23 ? 494 ALA A O   1 
ATOM   784  C CB  . ALA A 1 96  ? 10.089  10.989  -3.082  1.00 16.16 ? 494 ALA A CB  1 
ATOM   785  N N   . SER A 1 97  ? 10.427  10.834  -0.141  1.00 15.91 ? 495 SER A N   1 
ATOM   786  C CA  . SER A 1 97  ? 9.863   10.564  1.164   1.00 14.03 ? 495 SER A CA  1 
ATOM   787  C C   . SER A 1 97  ? 8.369   10.812  1.123   1.00 13.21 ? 495 SER A C   1 
ATOM   788  O O   . SER A 1 97  ? 7.873   11.509  0.235   1.00 14.37 ? 495 SER A O   1 
ATOM   789  C CB  . SER A 1 97  ? 10.509  11.448  2.231   1.00 17.07 ? 495 SER A CB  1 
ATOM   790  O OG  . SER A 1 97  ? 11.890  11.151  2.366   1.00 19.34 ? 495 SER A OG  1 
ATOM   791  N N   . VAL A 1 98  ? 7.661   10.236  2.078   1.00 12.42 ? 496 VAL A N   1 
ATOM   792  C CA  . VAL A 1 98  ? 6.241   10.518  2.244   1.00 11.66 ? 496 VAL A CA  1 
ATOM   793  C C   . VAL A 1 98  ? 6.025   10.867  3.693   1.00 14.76 ? 496 VAL A C   1 
ATOM   794  O O   . VAL A 1 98  ? 6.384   10.094  4.584   1.00 13.20 ? 496 VAL A O   1 
ATOM   795  C CB  . VAL A 1 98  ? 5.338   9.334   1.852   1.00 11.04 ? 496 VAL A CB  1 
ATOM   796  C CG1 . VAL A 1 98  ? 3.849   9.742   2.000   1.00 11.37 ? 496 VAL A CG1 1 
ATOM   797  C CG2 . VAL A 1 98  ? 5.637   8.894   0.432   1.00 14.43 ? 496 VAL A CG2 1 
ATOM   798  N N   . ILE A 1 99  ? 5.443   12.043  3.916   1.00 14.85 ? 497 ILE A N   1 
ATOM   799  C CA  . ILE A 1 99  ? 5.331   12.603  5.241   1.00 12.80 ? 497 ILE A CA  1 
ATOM   800  C C   . ILE A 1 99  ? 3.863   12.831  5.602   1.00 13.20 ? 497 ILE A C   1 
ATOM   801  O O   . ILE A 1 99  ? 3.100   13.354  4.797   1.00 13.81 ? 497 ILE A O   1 
ATOM   802  C CB  . ILE A 1 99  ? 6.123   13.929  5.336   1.00 15.82 ? 497 ILE A CB  1 
ATOM   803  C CG1 . ILE A 1 99  ? 7.603   13.671  5.026   1.00 22.67 ? 497 ILE A CG1 1 
ATOM   804  C CG2 . ILE A 1 99  ? 5.949   14.555  6.718   1.00 25.98 ? 497 ILE A CG2 1 
ATOM   805  C CD1 . ILE A 1 99  ? 8.473   14.936  5.014   1.00 28.59 ? 497 ILE A CD1 1 
ATOM   806  N N   . SER A 1 100 ? 3.464   12.394  6.794   1.00 15.74 ? 498 SER A N   1 
ATOM   807  C CA  . SER A 1 100 ? 2.102   12.609  7.253   1.00 16.15 ? 498 SER A CA  1 
ATOM   808  C C   . SER A 1 100 ? 1.879   14.098  7.442   1.00 20.92 ? 498 SER A C   1 
ATOM   809  O O   . SER A 1 100 ? 2.629   14.757  8.155   1.00 22.22 ? 498 SER A O   1 
ATOM   810  C CB  . SER A 1 100 ? 1.835   11.859  8.553   1.00 19.31 ? 498 SER A CB  1 
ATOM   811  O OG  . SER A 1 100 ? 0.525   12.141  9.026   1.00 22.50 ? 498 SER A OG  1 
ATOM   812  N N   . LYS A 1 101 ? 0.857   14.625  6.786   1.00 17.82 ? 499 LYS A N   1 
ATOM   813  C CA  . LYS A 1 101 ? 0.649   16.068  6.742   1.00 17.61 ? 499 LYS A CA  1 
ATOM   814  C C   . LYS A 1 101 ? -0.128  16.563  7.963   1.00 21.54 ? 499 LYS A C   1 
ATOM   815  O O   . LYS A 1 101 ? -0.015  17.728  8.360   1.00 20.02 ? 499 LYS A O   1 
ATOM   816  C CB  . LYS A 1 101 ? -0.083  16.425  5.462   1.00 20.16 ? 499 LYS A CB  1 
ATOM   817  C CG  . LYS A 1 101 ? 0.092   17.805  4.955   1.00 33.06 ? 499 LYS A CG  1 
ATOM   818  C CD  . LYS A 1 101 ? -0.527  17.856  3.577   1.00 34.17 ? 499 LYS A CD  1 
ATOM   819  C CE  . LYS A 1 101 ? -0.513  19.249  3.017   1.00 42.11 ? 499 LYS A CE  1 
ATOM   820  N NZ  . LYS A 1 101 ? -1.283  20.170  3.893   1.00 42.83 ? 499 LYS A NZ  1 
ATOM   821  N N   . VAL A 1 102 ? -0.916  15.681  8.564   1.00 18.53 ? 500 VAL A N   1 
ATOM   822  C CA  . VAL A 1 102 ? -1.746  16.075  9.695   1.00 18.42 ? 500 VAL A CA  1 
ATOM   823  C C   . VAL A 1 102 ? -1.737  14.998  10.757  1.00 22.32 ? 500 VAL A C   1 
ATOM   824  O O   . VAL A 1 102 ? -1.265  13.885  10.522  1.00 19.48 ? 500 VAL A O   1 
ATOM   825  C CB  . VAL A 1 102 ? -3.201  16.360  9.250   1.00 19.87 ? 500 VAL A CB  1 
ATOM   826  C CG1 . VAL A 1 102 ? -3.237  17.464  8.193   1.00 18.12 ? 500 VAL A CG1 1 
ATOM   827  C CG2 . VAL A 1 102 ? -3.879  15.078  8.709   1.00 17.40 ? 500 VAL A CG2 1 
ATOM   828  N N   . ASN A 1 103 ? -2.248  15.323  11.938  1.00 17.97 ? 501 ASN A N   1 
ATOM   829  C CA  . ASN A 1 103 ? -2.409  14.305  12.959  1.00 23.25 ? 501 ASN A CA  1 
ATOM   830  C C   . ASN A 1 103 ? -3.552  13.367  12.564  1.00 20.35 ? 501 ASN A C   1 
ATOM   831  O O   . ASN A 1 103 ? -4.412  13.719  11.739  1.00 20.59 ? 501 ASN A O   1 
ATOM   832  C CB  . ASN A 1 103 ? -2.666  14.941  14.337  1.00 24.52 ? 501 ASN A CB  1 
ATOM   833  C CG  . ASN A 1 103 ? -1.426  15.635  14.909  1.00 27.90 ? 501 ASN A CG  1 
ATOM   834  O OD1 . ASN A 1 103 ? -0.339  15.060  14.946  1.00 21.52 ? 501 ASN A OD1 1 
ATOM   835  N ND2 . ASN A 1 103 ? -1.591  16.878  15.355  1.00 28.99 ? 501 ASN A ND2 1 
ATOM   836  N N   . ASN A 1 104 ? -3.551  12.177  13.149  1.00 22.07 ? 502 ASN A N   1 
ATOM   837  C CA  . ASN A 1 104 ? -4.606  11.182  12.934  1.00 21.73 ? 502 ASN A CA  1 
ATOM   838  C C   . ASN A 1 104 ? -4.708  10.688  11.499  1.00 21.41 ? 502 ASN A C   1 
ATOM   839  O O   . ASN A 1 104 ? -5.790  10.340  11.032  1.00 19.00 ? 502 ASN A O   1 
ATOM   840  C CB  . ASN A 1 104 ? -5.960  11.740  13.365  1.00 21.53 ? 502 ASN A CB  1 
ATOM   841  C CG  . ASN A 1 104 ? -5.915  12.350  14.745  1.00 36.67 ? 502 ASN A CG  1 
ATOM   842  O OD1 . ASN A 1 104 ? -5.218  11.854  15.630  1.00 39.09 ? 502 ASN A OD1 1 
ATOM   843  N ND2 . ASN A 1 104 ? -6.647  13.441  14.936  1.00 39.58 ? 502 ASN A ND2 1 
ATOM   844  N N   . VAL A 1 105 ? -3.589  10.664  10.790  1.00 14.07 ? 503 VAL A N   1 
ATOM   845  C CA  . VAL A 1 105 ? -3.593  10.064  9.459   1.00 16.12 ? 503 VAL A CA  1 
ATOM   846  C C   . VAL A 1 105 ? -3.744  8.560   9.634   1.00 18.19 ? 503 VAL A C   1 
ATOM   847  O O   . VAL A 1 105 ? -3.180  7.983   10.565  1.00 19.52 ? 503 VAL A O   1 
ATOM   848  C CB  . VAL A 1 105 ? -2.302  10.408  8.675   1.00 15.62 ? 503 VAL A CB  1 
ATOM   849  C CG1 . VAL A 1 105 ? -2.115  9.482   7.484   1.00 20.69 ? 503 VAL A CG1 1 
ATOM   850  C CG2 . VAL A 1 105 ? -2.360  11.837  8.214   1.00 15.81 ? 503 VAL A CG2 1 
ATOM   851  N N   . GLU A 1 106 ? -4.556  7.930   8.787   1.00 13.46 ? 504 GLU A N   1 
ATOM   852  C CA  . GLU A 1 106 ? -4.671  6.475   8.807   1.00 14.32 ? 504 GLU A CA  1 
ATOM   853  C C   . GLU A 1 106 ? -4.472  5.930   7.402   1.00 20.35 ? 504 GLU A C   1 
ATOM   854  O O   . GLU A 1 106 ? -5.072  6.431   6.449   1.00 19.61 ? 504 GLU A O   1 
ATOM   855  C CB  . GLU A 1 106 ? -6.031  6.021   9.353   1.00 24.57 ? 504 GLU A CB  1 
ATOM   856  C CG  . GLU A 1 106 ? -6.168  6.089   10.862  1.00 39.00 ? 504 GLU A CG  1 
ATOM   857  C CD  . GLU A 1 106 ? -7.146  5.053   11.411  1.00 61.90 ? 504 GLU A CD  1 
ATOM   858  O OE1 . GLU A 1 106 ? -7.798  4.349   10.611  1.00 46.00 ? 504 GLU A OE1 1 
ATOM   859  O OE2 . GLU A 1 106 ? -7.258  4.939   12.649  1.00 67.88 ? 504 GLU A OE2 1 
ATOM   860  N N   . CYS A 1 107 ? -3.622  4.913   7.284   1.00 15.08 ? 505 CYS A N   1 
ATOM   861  C CA  . CYS A 1 107 ? -3.407  4.216   6.024   1.00 13.75 ? 505 CYS A CA  1 
ATOM   862  C C   . CYS A 1 107 ? -3.686  2.729   6.196   1.00 10.12 ? 505 CYS A C   1 
ATOM   863  O O   . CYS A 1 107 ? -3.424  2.162   7.250   1.00 19.47 ? 505 CYS A O   1 
ATOM   864  C CB  . CYS A 1 107 ? -1.965  4.395   5.532   1.00 15.44 ? 505 CYS A CB  1 
ATOM   865  S SG  . CYS A 1 107 ? -1.548  6.034   4.908   1.00 23.91 ? 505 CYS A SG  1 
ATOM   866  N N   . TRP A 1 108 ? -4.209  2.103   5.160   1.00 10.09 ? 506 TRP A N   1 
ATOM   867  C CA  . TRP A 1 108 ? -4.157  0.659   5.072   1.00 12.46 ? 506 TRP A CA  1 
ATOM   868  C C   . TRP A 1 108 ? -2.827  0.356   4.412   1.00 13.38 ? 506 TRP A C   1 
ATOM   869  O O   . TRP A 1 108 ? -2.459  1.058   3.479   1.00 14.89 ? 506 TRP A O   1 
ATOM   870  C CB  . TRP A 1 108 ? -5.287  0.083   4.226   1.00 13.73 ? 506 TRP A CB  1 
ATOM   871  C CG  . TRP A 1 108 ? -6.657  0.242   4.769   1.00 17.55 ? 506 TRP A CG  1 
ATOM   872  C CD1 . TRP A 1 108 ? -7.196  -0.403  5.839   1.00 19.73 ? 506 TRP A CD1 1 
ATOM   873  C CD2 . TRP A 1 108 ? -7.692  1.045   4.216   1.00 14.01 ? 506 TRP A CD2 1 
ATOM   874  N NE1 . TRP A 1 108 ? -8.510  -0.025  6.009   1.00 20.29 ? 506 TRP A NE1 1 
ATOM   875  C CE2 . TRP A 1 108 ? -8.841  0.860   5.018   1.00 22.89 ? 506 TRP A CE2 1 
ATOM   876  C CE3 . TRP A 1 108 ? -7.764  1.913   3.122   1.00 19.86 ? 506 TRP A CE3 1 
ATOM   877  C CZ2 . TRP A 1 108 ? -10.039 1.515   4.763   1.00 22.23 ? 506 TRP A CZ2 1 
ATOM   878  C CZ3 . TRP A 1 108 ? -8.962  2.568   2.871   1.00 20.89 ? 506 TRP A CZ3 1 
ATOM   879  C CH2 . TRP A 1 108 ? -10.080 2.362   3.686   1.00 24.17 ? 506 TRP A CH2 1 
ATOM   880  N N   . PHE A 1 109 ? -2.103  -0.673  4.851   1.00 9.32  ? 507 PHE A N   1 
ATOM   881  C CA  . PHE A 1 109 ? -0.888  -1.022  4.120   1.00 6.81  ? 507 PHE A CA  1 
ATOM   882  C C   . PHE A 1 109 ? -0.745  -2.528  4.030   1.00 9.48  ? 507 PHE A C   1 
ATOM   883  O O   . PHE A 1 109 ? -1.377  -3.274  4.779   1.00 13.26 ? 507 PHE A O   1 
ATOM   884  C CB  . PHE A 1 109 ? 0.370   -0.412  4.755   1.00 12.17 ? 507 PHE A CB  1 
ATOM   885  C CG  . PHE A 1 109 ? 0.896   -1.182  5.940   1.00 12.92 ? 507 PHE A CG  1 
ATOM   886  C CD1 . PHE A 1 109 ? 0.335   -1.013  7.200   1.00 13.06 ? 507 PHE A CD1 1 
ATOM   887  C CD2 . PHE A 1 109 ? 1.952   -2.066  5.793   1.00 13.74 ? 507 PHE A CD2 1 
ATOM   888  C CE1 . PHE A 1 109 ? 0.819   -1.726  8.299   1.00 23.80 ? 507 PHE A CE1 1 
ATOM   889  C CE2 . PHE A 1 109 ? 2.436   -2.796  6.885   1.00 21.08 ? 507 PHE A CE2 1 
ATOM   890  C CZ  . PHE A 1 109 ? 1.866   -2.623  8.138   1.00 18.14 ? 507 PHE A CZ  1 
ATOM   891  N N   . VAL A 1 110 ? 0.061   -2.971  3.078   1.00 12.35 ? 508 VAL A N   1 
ATOM   892  C CA  . VAL A 1 110 ? 0.423   -4.381  3.020   1.00 10.15 ? 508 VAL A CA  1 
ATOM   893  C C   . VAL A 1 110 ? 1.917   -4.450  2.710   1.00 13.46 ? 508 VAL A C   1 
ATOM   894  O O   . VAL A 1 110 ? 2.439   -3.601  2.002   1.00 11.67 ? 508 VAL A O   1 
ATOM   895  C CB  . VAL A 1 110 ? -0.395  -5.154  1.976   1.00 16.12 ? 508 VAL A CB  1 
ATOM   896  C CG1 . VAL A 1 110 ? -0.068  -4.690  0.557   1.00 12.64 ? 508 VAL A CG1 1 
ATOM   897  C CG2 . VAL A 1 110 ? -0.150  -6.660  2.128   1.00 17.27 ? 508 VAL A CG2 1 
ATOM   898  N N   . ASP A 1 111 ? 2.597   -5.439  3.270   1.00 13.28 ? 509 ASP A N   1 
ATOM   899  C CA  . ASP A 1 111 ? 4.000   -5.659  2.965   1.00 14.19 ? 509 ASP A CA  1 
ATOM   900  C C   . ASP A 1 111 ? 4.172   -6.573  1.752   1.00 16.03 ? 509 ASP A C   1 
ATOM   901  O O   . ASP A 1 111 ? 3.364   -7.464  1.515   1.00 15.49 ? 509 ASP A O   1 
ATOM   902  C CB  . ASP A 1 111 ? 4.713   -6.243  4.176   1.00 11.16 ? 509 ASP A CB  1 
ATOM   903  C CG  . ASP A 1 111 ? 6.223   -6.279  3.999   1.00 30.96 ? 509 ASP A CG  1 
ATOM   904  O OD1 . ASP A 1 111 ? 6.887   -5.264  4.306   1.00 30.24 ? 509 ASP A OD1 1 
ATOM   905  O OD2 . ASP A 1 111 ? 6.743   -7.322  3.554   1.00 24.65 ? 509 ASP A OD2 1 
ATOM   906  N N   . LYS A 1 112 ? 5.238   -6.356  0.994   1.00 15.64 ? 510 LYS A N   1 
ATOM   907  C CA  . LYS A 1 112 ? 5.497   -7.180  -0.186  1.00 16.81 ? 510 LYS A CA  1 
ATOM   908  C C   . LYS A 1 112 ? 5.625   -8.666  0.169   1.00 17.99 ? 510 LYS A C   1 
ATOM   909  O O   . LYS A 1 112 ? 5.319   -9.515  -0.652  1.00 27.41 ? 510 LYS A O   1 
ATOM   910  C CB  . LYS A 1 112 ? 6.752   -6.687  -0.899  1.00 26.62 ? 510 LYS A CB  1 
ATOM   911  C CG  . LYS A 1 112 ? 8.031   -6.869  -0.096  1.00 31.06 ? 510 LYS A CG  1 
ATOM   912  C CD  . LYS A 1 112 ? 9.230   -6.268  -0.840  1.00 36.68 ? 510 LYS A CD  1 
ATOM   913  C CE  . LYS A 1 112 ? 9.299   -6.773  -2.292  1.00 40.71 ? 510 LYS A CE  1 
ATOM   914  N NZ  . LYS A 1 112 ? 10.246  -5.943  -3.116  1.00 40.25 ? 510 LYS A NZ  1 
ATOM   915  N N   . SER A 1 113 ? 6.046   -8.974  1.395   1.00 18.72 ? 511 SER A N   1 
ATOM   916  C CA  . SER A 1 113 ? 6.156   -10.363 1.853   1.00 31.07 ? 511 SER A CA  1 
ATOM   917  C C   . SER A 1 113 ? 4.822   -11.069 1.660   1.00 28.07 ? 511 SER A C   1 
ATOM   918  O O   . SER A 1 113 ? 4.739   -12.152 1.049   1.00 21.60 ? 511 SER A O   1 
ATOM   919  C CB  . SER A 1 113 ? 6.576   -10.423 3.328   1.00 21.37 ? 511 SER A CB  1 
ATOM   920  O OG  . SER A 1 113 ? 6.407   -11.731 3.880   1.00 35.25 ? 511 SER A OG  1 
ATOM   921  N N   . VAL A 1 114 ? 3.773   -10.436 2.177   1.00 23.54 ? 512 VAL A N   1 
ATOM   922  C CA  . VAL A 1 114 ? 2.444   -11.009 2.136   1.00 20.56 ? 512 VAL A CA  1 
ATOM   923  C C   . VAL A 1 114 ? 1.916   -11.005 0.714   1.00 20.99 ? 512 VAL A C   1 
ATOM   924  O O   . VAL A 1 114 ? 1.372   -12.007 0.242   1.00 21.42 ? 512 VAL A O   1 
ATOM   925  C CB  . VAL A 1 114 ? 1.473   -10.248 3.066   1.00 24.62 ? 512 VAL A CB  1 
ATOM   926  C CG1 . VAL A 1 114 ? 0.090   -10.812 2.935   1.00 30.02 ? 512 VAL A CG1 1 
ATOM   927  C CG2 . VAL A 1 114 ? 1.944   -10.347 4.499   1.00 29.30 ? 512 VAL A CG2 1 
ATOM   928  N N   . PHE A 1 115 ? 2.082   -9.879  0.029   1.00 16.04 ? 513 PHE A N   1 
ATOM   929  C CA  . PHE A 1 115 ? 1.554   -9.722  -1.325  1.00 18.96 ? 513 PHE A CA  1 
ATOM   930  C C   . PHE A 1 115 ? 2.110   -10.791 -2.262  1.00 20.61 ? 513 PHE A C   1 
ATOM   931  O O   . PHE A 1 115 ? 1.371   -11.419 -3.021  1.00 21.61 ? 513 PHE A O   1 
ATOM   932  C CB  . PHE A 1 115 ? 1.887   -8.327  -1.868  1.00 16.26 ? 513 PHE A CB  1 
ATOM   933  C CG  . PHE A 1 115 ? 1.415   -8.091  -3.279  1.00 16.23 ? 513 PHE A CG  1 
ATOM   934  C CD1 . PHE A 1 115 ? 0.065   -7.917  -3.554  1.00 20.55 ? 513 PHE A CD1 1 
ATOM   935  C CD2 . PHE A 1 115 ? 2.324   -8.031  -4.329  1.00 19.38 ? 513 PHE A CD2 1 
ATOM   936  C CE1 . PHE A 1 115 ? -0.378  -7.688  -4.847  1.00 22.71 ? 513 PHE A CE1 1 
ATOM   937  C CE2 . PHE A 1 115 ? 1.883   -7.799  -5.629  1.00 17.42 ? 513 PHE A CE2 1 
ATOM   938  C CZ  . PHE A 1 115 ? 0.534   -7.627  -5.885  1.00 19.41 ? 513 PHE A CZ  1 
ATOM   939  N N   . LEU A 1 116 ? 3.415   -11.014 -2.181  1.00 17.65 ? 514 LEU A N   1 
ATOM   940  C CA  . LEU A 1 116 ? 4.063   -11.945 -3.105  1.00 20.03 ? 514 LEU A CA  1 
ATOM   941  C C   . LEU A 1 116 ? 3.636   -13.374 -2.841  1.00 22.31 ? 514 LEU A C   1 
ATOM   942  O O   . LEU A 1 116 ? 3.557   -14.173 -3.776  1.00 23.13 ? 514 LEU A O   1 
ATOM   943  C CB  . LEU A 1 116 ? 5.578   -11.836 -3.019  1.00 24.09 ? 514 LEU A CB  1 
ATOM   944  C CG  . LEU A 1 116 ? 6.176   -10.481 -3.427  1.00 33.96 ? 514 LEU A CG  1 
ATOM   945  C CD1 . LEU A 1 116 ? 7.673   -10.428 -3.151  1.00 34.10 ? 514 LEU A CD1 1 
ATOM   946  C CD2 . LEU A 1 116 ? 5.863   -10.124 -4.875  1.00 28.61 ? 514 LEU A CD2 1 
ATOM   947  N N   . GLN A 1 117 ? 3.372   -13.703 -1.578  1.00 19.57 ? 515 GLN A N   1 
ATOM   948  C CA  . GLN A 1 117 ? 2.885   -15.040 -1.257  1.00 24.10 ? 515 GLN A CA  1 
ATOM   949  C C   . GLN A 1 117 ? 1.545   -15.242 -1.935  1.00 24.89 ? 515 GLN A C   1 
ATOM   950  O O   . GLN A 1 117 ? 1.214   -16.350 -2.371  1.00 19.59 ? 515 GLN A O   1 
ATOM   951  C CB  . GLN A 1 117 ? 2.763   -15.255 0.253   1.00 24.62 ? 515 GLN A CB  1 
ATOM   952  C CG  . GLN A 1 117 ? 4.093   -15.422 0.984   1.00 29.75 ? 515 GLN A CG  1 
ATOM   953  C CD  . GLN A 1 117 ? 4.933   -16.592 0.454   1.00 50.61 ? 515 GLN A CD  1 
ATOM   954  O OE1 . GLN A 1 117 ? 4.485   -17.747 0.442   1.00 34.33 ? 515 GLN A OE1 1 
ATOM   955  N NE2 . GLN A 1 117 ? 6.155   -16.292 0.010   1.00 32.96 ? 515 GLN A NE2 1 
ATOM   956  N N   . ILE A 1 118 ? 0.768   -14.167 -2.039  1.00 18.89 ? 516 ILE A N   1 
ATOM   957  C CA  . ILE A 1 118 ? -0.539  -14.249 -2.679  1.00 13.46 ? 516 ILE A CA  1 
ATOM   958  C C   . ILE A 1 118 ? -0.424  -14.352 -4.210  1.00 19.35 ? 516 ILE A C   1 
ATOM   959  O O   . ILE A 1 118 ? -1.111  -15.153 -4.830  1.00 17.69 ? 516 ILE A O   1 
ATOM   960  C CB  . ILE A 1 118 ? -1.424  -13.039 -2.287  1.00 16.38 ? 516 ILE A CB  1 
ATOM   961  C CG1 . ILE A 1 118 ? -1.764  -13.108 -0.795  1.00 17.50 ? 516 ILE A CG1 1 
ATOM   962  C CG2 . ILE A 1 118 ? -2.716  -13.006 -3.107  1.00 14.92 ? 516 ILE A CG2 1 
ATOM   963  C CD1 . ILE A 1 118 ? -2.343  -11.808 -0.212  1.00 18.22 ? 516 ILE A CD1 1 
ATOM   964  N N   . ILE A 1 119 ? 0.453   -13.554 -4.815  1.00 16.34 ? 517 ILE A N   1 
ATOM   965  C CA  . ILE A 1 119 ? 0.658   -13.599 -6.273  1.00 19.53 ? 517 ILE A CA  1 
ATOM   966  C C   . ILE A 1 119 ? 1.194   -14.979 -6.706  1.00 17.57 ? 517 ILE A C   1 
ATOM   967  O O   . ILE A 1 119 ? 0.922   -15.438 -7.811  1.00 18.58 ? 517 ILE A O   1 
ATOM   968  C CB  . ILE A 1 119 ? 1.632   -12.475 -6.739  1.00 23.32 ? 517 ILE A CB  1 
ATOM   969  C CG1 . ILE A 1 119 ? 0.990   -11.105 -6.552  1.00 26.03 ? 517 ILE A CG1 1 
ATOM   970  C CG2 . ILE A 1 119 ? 1.999   -12.618 -8.213  1.00 27.85 ? 517 ILE A CG2 1 
ATOM   971  C CD1 . ILE A 1 119 ? -0.362  -10.963 -7.218  1.00 27.95 ? 517 ILE A CD1 1 
ATOM   972  N N   . GLN A 1 120 ? 1.940   -15.609 -5.800  1.00 14.29 ? 518 GLN A N   1 
ATOM   973  C CA  A GLN A 1 120 ? 2.520   -16.947 -5.976  0.61 18.31 ? 518 GLN A CA  1 
ATOM   974  C CA  B GLN A 1 120 ? 2.519   -16.935 -6.005  0.39 18.27 ? 518 GLN A CA  1 
ATOM   975  C C   . GLN A 1 120 ? 1.490   -18.076 -5.984  1.00 13.88 ? 518 GLN A C   1 
ATOM   976  O O   . GLN A 1 120 ? 1.758   -19.182 -6.496  1.00 15.13 ? 518 GLN A O   1 
ATOM   977  C CB  A GLN A 1 120 ? 3.515   -17.228 -4.846  0.61 19.56 ? 518 GLN A CB  1 
ATOM   978  C CB  B GLN A 1 120 ? 3.580   -17.179 -4.929  0.39 19.59 ? 518 GLN A CB  1 
ATOM   979  C CG  A GLN A 1 120 ? 4.967   -17.243 -5.222  0.61 32.69 ? 518 GLN A CG  1 
ATOM   980  C CG  B GLN A 1 120 ? 4.463   -18.376 -5.151  0.39 30.08 ? 518 GLN A CG  1 
ATOM   981  C CD  A GLN A 1 120 ? 5.772   -18.075 -4.251  0.61 37.36 ? 518 GLN A CD  1 
ATOM   982  C CD  B GLN A 1 120 ? 5.901   -18.088 -4.779  0.39 33.52 ? 518 GLN A CD  1 
ATOM   983  O OE1 A GLN A 1 120 ? 5.270   -18.474 -3.195  0.61 35.17 ? 518 GLN A OE1 1 
ATOM   984  O OE1 B GLN A 1 120 ? 6.302   -18.246 -3.625  0.39 40.39 ? 518 GLN A OE1 1 
ATOM   985  N NE2 A GLN A 1 120 ? 7.016   -18.361 -4.608  0.61 33.34 ? 518 GLN A NE2 1 
ATOM   986  N NE2 B GLN A 1 120 ? 6.684   -17.644 -5.755  0.39 31.99 ? 518 GLN A NE2 1 
ATOM   987  N N   . GLY A 1 121 ? 0.327   -17.818 -5.391  1.00 12.47 ? 519 GLY A N   1 
ATOM   988  C CA  . GLY A 1 121 ? -0.716  -18.821 -5.240  1.00 15.07 ? 519 GLY A CA  1 
ATOM   989  C C   . GLY A 1 121 ? -0.927  -19.760 -6.413  1.00 27.47 ? 519 GLY A C   1 
ATOM   990  O O   . GLY A 1 121 ? -0.891  -20.990 -6.255  1.00 18.44 ? 519 GLY A O   1 
ATOM   991  N N   . PRO A 1 122 ? -1.147  -19.193 -7.606  1.00 17.24 ? 520 PRO A N   1 
ATOM   992  C CA  . PRO A 1 122 ? -1.390  -20.038 -8.774  1.00 16.90 ? 520 PRO A CA  1 
ATOM   993  C C   . PRO A 1 122 ? -0.190  -20.900 -9.187  1.00 20.58 ? 520 PRO A C   1 
ATOM   994  O O   . PRO A 1 122 ? -0.385  -21.819 -9.979  1.00 26.78 ? 520 PRO A O   1 
ATOM   995  C CB  . PRO A 1 122 ? -1.726  -19.022 -9.863  1.00 28.10 ? 520 PRO A CB  1 
ATOM   996  C CG  . PRO A 1 122 ? -2.333  -17.867 -9.101  1.00 27.22 ? 520 PRO A CG  1 
ATOM   997  C CD  . PRO A 1 122 ? -1.472  -17.779 -7.875  1.00 22.70 ? 520 PRO A CD  1 
ATOM   998  N N   . MET A 1 123 ? 1.004   -20.617 -8.669  1.00 16.20 ? 521 MET A N   1 
ATOM   999  C CA  . MET A 1 123 ? 2.187   -21.442 -8.953  1.00 16.02 ? 521 MET A CA  1 
ATOM   1000 C C   . MET A 1 123 ? 2.299   -22.631 -8.007  1.00 17.87 ? 521 MET A C   1 
ATOM   1001 O O   . MET A 1 123 ? 3.165   -23.498 -8.204  1.00 16.05 ? 521 MET A O   1 
ATOM   1002 C CB  . MET A 1 123 ? 3.496   -20.643 -8.837  1.00 18.37 ? 521 MET A CB  1 
ATOM   1003 C CG  . MET A 1 123 ? 3.623   -19.397 -9.688  1.00 27.76 ? 521 MET A CG  1 
ATOM   1004 S SD  . MET A 1 123 ? 3.900   -19.740 -11.424 1.00 24.20 ? 521 MET A SD  1 
ATOM   1005 C CE  . MET A 1 123 ? 5.348   -20.820 -11.356 1.00 18.14 ? 521 MET A CE  1 
ATOM   1006 N N   . LEU A 1 124 ? 1.469   -22.661 -6.967  1.00 15.14 ? 522 LEU A N   1 
ATOM   1007 C CA  . LEU A 1 124 ? 1.573   -23.712 -5.956  1.00 18.34 ? 522 LEU A CA  1 
ATOM   1008 C C   . LEU A 1 124 ? 0.928   -25.006 -6.459  1.00 21.71 ? 522 LEU A C   1 
ATOM   1009 O O   . LEU A 1 124 ? -0.180  -24.990 -6.996  1.00 22.94 ? 522 LEU A O   1 
ATOM   1010 C CB  . LEU A 1 124 ? 0.920   -23.278 -4.641  1.00 16.43 ? 522 LEU A CB  1 
ATOM   1011 C CG  . LEU A 1 124 ? 1.500   -22.030 -3.964  1.00 16.31 ? 522 LEU A CG  1 
ATOM   1012 C CD1 . LEU A 1 124 ? 0.702   -21.705 -2.708  1.00 23.96 ? 522 LEU A CD1 1 
ATOM   1013 C CD2 . LEU A 1 124 ? 2.970   -22.177 -3.635  1.00 19.49 ? 522 LEU A CD2 1 
ATOM   1014 N N   . ALA A 1 125 ? 1.620   -26.122 -6.261  1.00 22.98 ? 523 ALA A N   1 
ATOM   1015 C CA  . ALA A 1 125 ? 1.219   -27.395 -6.866  1.00 23.25 ? 523 ALA A CA  1 
ATOM   1016 C C   . ALA A 1 125 ? 0.078   -28.079 -6.123  1.00 23.62 ? 523 ALA A C   1 
ATOM   1017 O O   . ALA A 1 125 ? 0.122   -28.216 -4.904  1.00 24.61 ? 523 ALA A O   1 
ATOM   1018 C CB  . ALA A 1 125 ? 2.412   -28.324 -6.940  1.00 31.59 ? 523 ALA A CB  1 
ATOM   1019 N N   . HIS A 1 126 ? -0.939  -28.497 -6.864  1.00 19.65 ? 524 HIS A N   1 
ATOM   1020 C CA  . HIS A 1 126 ? -1.962  -29.388 -6.335  1.00 23.86 ? 524 HIS A CA  1 
ATOM   1021 C C   . HIS A 1 126 ? -1.362  -30.788 -6.134  1.00 30.06 ? 524 HIS A C   1 
ATOM   1022 O O   . HIS A 1 126 ? -0.414  -31.157 -6.828  1.00 36.49 ? 524 HIS A O   1 
ATOM   1023 C CB  . HIS A 1 126 ? -3.165  -29.480 -7.285  1.00 29.56 ? 524 HIS A CB  1 
ATOM   1024 C CG  . HIS A 1 126 ? -4.151  -28.358 -7.161  1.00 40.00 ? 524 HIS A CG  1 
ATOM   1025 N ND1 . HIS A 1 126 ? -5.096  -28.302 -6.156  1.00 30.11 ? 524 HIS A ND1 1 
ATOM   1026 C CD2 . HIS A 1 126 ? -4.371  -27.276 -7.942  1.00 42.51 ? 524 HIS A CD2 1 
ATOM   1027 C CE1 . HIS A 1 126 ? -5.837  -27.220 -6.310  1.00 38.65 ? 524 HIS A CE1 1 
ATOM   1028 N NE2 . HIS A 1 126 ? -5.420  -26.580 -7.390  1.00 44.48 ? 524 HIS A NE2 1 
ATOM   1029 N N   . LEU A 1 127 ? -1.901  -31.570 -5.199  1.00 27.61 ? 525 LEU A N   1 
ATOM   1030 C CA  . LEU A 1 127 ? -1.541  -32.992 -5.135  1.00 25.59 ? 525 LEU A CA  1 
ATOM   1031 C C   . LEU A 1 127 ? -2.065  -33.671 -6.404  1.00 22.26 ? 525 LEU A C   1 
ATOM   1032 O O   . LEU A 1 127 ? -1.347  -34.420 -7.067  1.00 31.28 ? 525 LEU A O   1 
ATOM   1033 C CB  . LEU A 1 127 ? -2.115  -33.666 -3.883  1.00 24.23 ? 525 LEU A CB  1 
ATOM   1034 C CG  . LEU A 1 127 ? -1.600  -33.190 -2.520  1.00 22.82 ? 525 LEU A CG  1 
ATOM   1035 C CD1 . LEU A 1 127 ? -2.419  -33.831 -1.405  1.00 17.67 ? 525 LEU A CD1 1 
ATOM   1036 C CD2 . LEU A 1 127 ? -0.121  -33.529 -2.363  1.00 16.74 ? 525 LEU A CD2 1 
ATOM   1037 N N   . GLU A 1 128 ? -3.326  -33.396 -6.731  1.00 28.24 ? 526 GLU A N   1 
ATOM   1038 C CA  . GLU A 1 128 ? -3.905  -33.779 -8.018  1.00 48.18 ? 526 GLU A CA  1 
ATOM   1039 C C   . GLU A 1 128 ? -5.005  -32.794 -8.420  1.00 43.69 ? 526 GLU A C   1 
ATOM   1040 O O   . GLU A 1 128 ? -4.771  -31.868 -9.198  1.00 57.55 ? 526 GLU A O   1 
ATOM   1041 C CB  . GLU A 1 128 ? -4.456  -35.182 -7.963  1.00 43.05 ? 526 GLU A CB  1 
HETATM 1042 S S   . SO4 B 2 .   ? -7.050  -3.529  11.467  0.48 45.38 ? 601 SO4 A S   1 
HETATM 1043 O O1  . SO4 B 2 .   ? -6.199  -3.591  12.654  1.00 56.59 ? 601 SO4 A O1  1 
HETATM 1044 O O2  . SO4 B 2 .   ? -6.233  -3.295  10.287  1.00 29.07 ? 601 SO4 A O2  1 
HETATM 1045 O O3  . SO4 B 2 .   ? -7.771  -4.786  11.297  0.94 58.21 ? 601 SO4 A O3  1 
HETATM 1046 O O4  . SO4 B 2 .   ? -8.007  -2.435  11.619  1.00 58.79 ? 601 SO4 A O4  1 
HETATM 1047 S S   . SO4 C 2 .   ? -11.792 -14.563 -11.393 0.88 68.23 ? 602 SO4 A S   1 
HETATM 1048 O O1  . SO4 C 2 .   ? -12.657 -14.790 -10.241 1.00 57.85 ? 602 SO4 A O1  1 
HETATM 1049 O O2  . SO4 C 2 .   ? -11.227 -13.219 -11.332 1.00 72.51 ? 602 SO4 A O2  1 
HETATM 1050 O O3  . SO4 C 2 .   ? -10.728 -15.567 -11.407 1.00 64.09 ? 602 SO4 A O3  1 
HETATM 1051 O O4  . SO4 C 2 .   ? -12.549 -14.652 -12.628 0.77 71.05 ? 602 SO4 A O4  1 
HETATM 1052 S S   . SO4 D 2 .   ? 8.420   1.447   2.877   1.00 24.21 ? 603 SO4 A S   1 
HETATM 1053 O O1  . SO4 D 2 .   ? 7.682   2.109   3.936   1.00 26.20 ? 603 SO4 A O1  1 
HETATM 1054 O O2  . SO4 D 2 .   ? 9.322   2.383   2.183   1.00 20.91 ? 603 SO4 A O2  1 
HETATM 1055 O O3  . SO4 D 2 .   ? 9.165   0.329   3.432   1.00 30.52 ? 603 SO4 A O3  1 
HETATM 1056 O O4  . SO4 D 2 .   ? 7.433   0.951   1.911   0.94 26.87 ? 603 SO4 A O4  1 
HETATM 1057 S S   . SO4 E 2 .   ? 9.608   4.443   -5.486  1.00 31.22 ? 604 SO4 A S   1 
HETATM 1058 O O1  . SO4 E 2 .   ? 10.246  5.493   -4.694  0.89 28.97 ? 604 SO4 A O1  1 
HETATM 1059 O O2  . SO4 E 2 .   ? 8.961   5.095   -6.611  0.84 35.91 ? 604 SO4 A O2  1 
HETATM 1060 O O3  . SO4 E 2 .   ? 10.590  3.477   -5.967  0.60 43.53 ? 604 SO4 A O3  1 
HETATM 1061 O O4  . SO4 E 2 .   ? 8.586   3.763   -4.690  0.95 35.12 ? 604 SO4 A O4  1 
HETATM 1062 O O   . HOH F 3 .   ? 11.425  -1.796  -3.087  0.76 16.47 ? 701 HOH A O   1 
HETATM 1063 O O   . HOH F 3 .   ? 16.861  -4.417  -7.274  0.90 23.13 ? 702 HOH A O   1 
HETATM 1064 O O   . HOH F 3 .   ? -8.551  16.002  2.456   0.86 20.91 ? 703 HOH A O   1 
HETATM 1065 O O   . HOH F 3 .   ? 16.796  6.985   -3.673  1.00 31.49 ? 704 HOH A O   1 
HETATM 1066 O O   . HOH F 3 .   ? 11.102  4.007   3.944   1.00 25.61 ? 705 HOH A O   1 
HETATM 1067 O O   . HOH F 3 .   ? -9.682  -16.225 -0.822  1.00 30.73 ? 706 HOH A O   1 
HETATM 1068 O O   . HOH F 3 .   ? 3.594   5.336   -5.737  0.90 22.85 ? 707 HOH A O   1 
HETATM 1069 O O   . HOH F 3 .   ? -6.261  -4.948  14.658  1.00 40.95 ? 708 HOH A O   1 
HETATM 1070 O O   . HOH F 3 .   ? 8.838   3.269   6.095   0.82 26.00 ? 709 HOH A O   1 
HETATM 1071 O O   . HOH F 3 .   ? -8.032  13.388  2.622   0.88 25.53 ? 710 HOH A O   1 
HETATM 1072 O O   . HOH F 3 .   ? -4.771  -12.826 3.811   1.00 29.22 ? 711 HOH A O   1 
HETATM 1073 O O   . HOH F 3 .   ? 7.386   1.443   -12.751 0.77 32.78 ? 712 HOH A O   1 
HETATM 1074 O O   . HOH F 3 .   ? 5.756   3.764   8.050   0.77 22.97 ? 713 HOH A O   1 
HETATM 1075 O O   . HOH F 3 .   ? 15.253  3.552   -6.985  1.00 34.06 ? 714 HOH A O   1 
HETATM 1076 O O   . HOH F 3 .   ? 13.078  13.060  0.945   0.86 27.90 ? 715 HOH A O   1 
HETATM 1077 O O   . HOH F 3 .   ? -1.133  -0.644  14.435  1.00 40.80 ? 716 HOH A O   1 
HETATM 1078 O O   . HOH F 3 .   ? 6.849   -13.809 0.922   0.94 29.21 ? 717 HOH A O   1 
HETATM 1079 O O   . HOH F 3 .   ? -0.396  -1.375  12.375  1.00 30.63 ? 718 HOH A O   1 
HETATM 1080 O O   . HOH F 3 .   ? 1.404   3.634   -5.609  0.60 19.66 ? 719 HOH A O   1 
HETATM 1081 O O   . HOH F 3 .   ? -8.010  9.158   11.568  1.00 33.90 ? 720 HOH A O   1 
HETATM 1082 O O   . HOH F 3 .   ? -12.536 7.459   6.373   0.54 22.73 ? 721 HOH A O   1 
HETATM 1083 O O   . HOH F 3 .   ? -12.990 -17.580 -6.363  1.00 45.49 ? 722 HOH A O   1 
HETATM 1084 O O   . HOH F 3 .   ? -11.331 6.112   2.983   1.00 35.31 ? 723 HOH A O   1 
HETATM 1085 O O   . HOH F 3 .   ? -3.392  7.463   -5.773  0.90 24.46 ? 724 HOH A O   1 
HETATM 1086 O O   . HOH F 3 .   ? 12.055  16.076  4.035   1.00 44.53 ? 725 HOH A O   1 
HETATM 1087 O O   . HOH F 3 .   ? -8.286  -4.150  -9.335  0.92 32.36 ? 726 HOH A O   1 
HETATM 1088 O O   . HOH F 3 .   ? 3.688   -26.120 -9.176  1.00 40.06 ? 727 HOH A O   1 
HETATM 1089 O O   . HOH F 3 .   ? -3.894  1.616   -8.957  1.00 34.56 ? 728 HOH A O   1 
HETATM 1090 O O   . HOH F 3 .   ? -7.986  -8.149  -15.714 1.00 38.13 ? 729 HOH A O   1 
HETATM 1091 O O   . HOH F 3 .   ? -11.289 -16.489 -7.760  1.00 37.94 ? 730 HOH A O   1 
HETATM 1092 O O   . HOH F 3 .   ? -12.304 -16.598 -1.197  1.00 35.47 ? 731 HOH A O   1 
HETATM 1093 O O   . HOH F 3 .   ? -10.180 -7.179  6.878   1.00 43.88 ? 732 HOH A O   1 
HETATM 1094 O O   . HOH F 3 .   ? 13.510  15.707  1.540   1.00 37.72 ? 733 HOH A O   1 
HETATM 1095 O O   . HOH F 3 .   ? -0.650  18.630  -4.516  1.00 36.94 ? 734 HOH A O   1 
HETATM 1096 O O   . HOH F 3 .   ? 13.582  -6.525  -7.762  1.00 41.32 ? 735 HOH A O   1 
HETATM 1097 O O   . HOH F 3 .   ? 9.092   -8.038  3.614   1.00 39.57 ? 736 HOH A O   1 
HETATM 1098 O O   . HOH F 3 .   ? 0.915   -34.586 -7.846  1.00 42.72 ? 737 HOH A O   1 
HETATM 1099 O O   . HOH F 3 .   ? -9.859  -18.345 -8.258  1.00 43.55 ? 738 HOH A O   1 
HETATM 1100 O O   . HOH F 3 .   ? 9.352   10.095  11.613  1.00 41.78 ? 739 HOH A O   1 
HETATM 1101 O O   . HOH F 3 .   ? 11.756  8.976   11.615  1.00 51.50 ? 740 HOH A O   1 
HETATM 1102 O O   . HOH F 3 .   ? -3.728  -2.858  12.779  1.00 37.88 ? 741 HOH A O   1 
HETATM 1103 O O   . HOH F 3 .   ? 10.921  1.041   -3.418  1.00 23.66 ? 742 HOH A O   1 
HETATM 1104 O O   . HOH F 3 .   ? -4.560  1.641   13.625  1.00 48.31 ? 743 HOH A O   1 
HETATM 1105 O O   . HOH F 3 .   ? 2.509   -18.716 -1.712  0.59 24.53 ? 744 HOH A O   1 
HETATM 1106 O O   . HOH F 3 .   ? -7.885  -3.158  7.805   1.00 34.35 ? 745 HOH A O   1 
HETATM 1107 O O   . HOH F 3 .   ? -8.155  -4.103  16.195  1.00 53.26 ? 746 HOH A O   1 
HETATM 1108 O O   . HOH F 3 .   ? -6.158  -18.213 -6.897  1.00 32.73 ? 747 HOH A O   1 
HETATM 1109 O O   . HOH F 3 .   ? 5.963   3.494   -5.974  0.92 18.24 ? 748 HOH A O   1 
HETATM 1110 O O   . HOH F 3 .   ? 13.848  -5.801  -10.156 0.97 33.01 ? 749 HOH A O   1 
HETATM 1111 O O   . HOH F 3 .   ? 15.146  -3.660  -9.411  1.00 33.87 ? 750 HOH A O   1 
HETATM 1112 O O   . HOH F 3 .   ? 9.752   13.355  11.985  1.00 37.76 ? 751 HOH A O   1 
# 
